data_7M5U
# 
_entry.id   7M5U 
# 
_audit_conform.dict_name       mmcif_pdbx.dic 
_audit_conform.dict_version    5.381 
_audit_conform.dict_location   http://mmcif.pdb.org/dictionaries/ascii/mmcif_pdbx.dic 
# 
loop_
_database_2.database_id 
_database_2.database_code 
_database_2.pdbx_database_accession 
_database_2.pdbx_DOI 
PDB   7M5U         pdb_00007m5u 10.2210/pdb7m5u/pdb 
WWPDB D_1000255673 ?            ?                   
# 
_pdbx_database_status.status_code                     REL 
_pdbx_database_status.status_code_sf                  REL 
_pdbx_database_status.status_code_mr                  ? 
_pdbx_database_status.entry_id                        7M5U 
_pdbx_database_status.recvd_initial_deposition_date   2021-03-24 
_pdbx_database_status.SG_entry                        N 
_pdbx_database_status.deposit_site                    RCSB 
_pdbx_database_status.process_site                    RCSB 
_pdbx_database_status.status_code_cs                  ? 
_pdbx_database_status.status_code_nmr_data            ? 
_pdbx_database_status.methods_development_category    ? 
_pdbx_database_status.pdb_format_compatible           Y 
# 
loop_
_audit_author.name 
_audit_author.pdbx_ordinal 
_audit_author.identifier_ORCID 
'Budziszewski, G.R.' 1 0000-0003-0910-8504 
'McGinty, R.K.'      2 0000-0001-9641-7350 
'Waybright, J.M.'    3 0000-0002-5226-8231 
'Norris, J.L.'       4 0000-0003-1193-4514 
'James, L.I.'        5 ?                   
# 
_citation.abstract                  ? 
_citation.abstract_id_CAS           ? 
_citation.book_id_ISBN              ? 
_citation.book_publisher            ? 
_citation.book_publisher_city       ? 
_citation.book_title                ? 
_citation.coordinate_linkage        ? 
_citation.country                   US 
_citation.database_id_Medline       ? 
_citation.details                   ? 
_citation.id                        primary 
_citation.journal_abbrev            'Acs Chem.Biol.' 
_citation.journal_id_ASTM           ? 
_citation.journal_id_CSD            ? 
_citation.journal_id_ISSN           1554-8937 
_citation.journal_full              ? 
_citation.journal_issue             ? 
_citation.journal_volume            16 
_citation.language                  ? 
_citation.page_first                1721 
_citation.page_last                 1736 
_citation.title                     
;A Peptidomimetic Ligand Targeting the Chromodomain of MPP8 Reveals HRP2's Association with the HUSH Complex.
;
_citation.year                      2021 
_citation.database_id_CSD           ? 
_citation.pdbx_database_id_DOI      10.1021/acschembio.1c00429 
_citation.pdbx_database_id_PubMed   34415726 
_citation.pdbx_database_id_patent   ? 
_citation.unpublished_flag          ? 
# 
loop_
_citation_author.citation_id 
_citation_author.name 
_citation_author.ordinal 
_citation_author.identifier_ORCID 
primary 'Waybright, J.M.'     1  ? 
primary 'Clinkscales, S.E.'   2  ? 
primary 'Barnash, K.D.'       3  ? 
primary 'Budziszewski, G.R.'  4  ? 
primary 'Rectenwald, J.M.'    5  ? 
primary 'Chiarella, A.M.'     6  ? 
primary 'Norris-Drouin, J.L.' 7  ? 
primary 'Cholensky, S.H.'     8  ? 
primary 'Pearce, K.H.'        9  ? 
primary 'Herring, L.E.'       10 ? 
primary 'McGinty, R.K.'       11 ? 
primary 'Hathaway, N.A.'      12 ? 
primary 'James, L.I.'         13 ? 
# 
_cell.angle_alpha                  90.00 
_cell.angle_alpha_esd              ? 
_cell.angle_beta                   90.00 
_cell.angle_beta_esd               ? 
_cell.angle_gamma                  120.00 
_cell.angle_gamma_esd              ? 
_cell.entry_id                     7M5U 
_cell.details                      ? 
_cell.formula_units_Z              ? 
_cell.length_a                     87.123 
_cell.length_a_esd                 ? 
_cell.length_b                     87.123 
_cell.length_b_esd                 ? 
_cell.length_c                     57.802 
_cell.length_c_esd                 ? 
_cell.volume                       ? 
_cell.volume_esd                   ? 
_cell.Z_PDB                        12 
_cell.reciprocal_angle_alpha       ? 
_cell.reciprocal_angle_beta        ? 
_cell.reciprocal_angle_gamma       ? 
_cell.reciprocal_angle_alpha_esd   ? 
_cell.reciprocal_angle_beta_esd    ? 
_cell.reciprocal_angle_gamma_esd   ? 
_cell.reciprocal_length_a          ? 
_cell.reciprocal_length_b          ? 
_cell.reciprocal_length_c          ? 
_cell.reciprocal_length_a_esd      ? 
_cell.reciprocal_length_b_esd      ? 
_cell.reciprocal_length_c_esd      ? 
_cell.pdbx_unique_axis             ? 
# 
_symmetry.entry_id                         7M5U 
_symmetry.cell_setting                     ? 
_symmetry.Int_Tables_number                182 
_symmetry.space_group_name_Hall            ? 
_symmetry.space_group_name_H-M             'P 63 2 2' 
_symmetry.pdbx_full_space_group_name_H-M   ? 
# 
loop_
_entity.id 
_entity.type 
_entity.src_method 
_entity.pdbx_description 
_entity.formula_weight 
_entity.pdbx_number_of_molecules 
_entity.pdbx_ec 
_entity.pdbx_mutation 
_entity.pdbx_fragment 
_entity.details 
1 polymer man 'M-phase phosphoprotein 8' 7344.350 1 ? ? ? ? 
2 polymer syn UNC5246                    793.992  1 ? ? ? ? 
3 water   nat water                      18.015   5 ? ? ? ? 
# 
_entity_name_com.entity_id   1 
_entity_name_com.name        'Two hybrid-associated protein 3 with RanBPM,Twa3' 
# 
loop_
_entity_poly.entity_id 
_entity_poly.type 
_entity_poly.nstd_linkage 
_entity_poly.nstd_monomer 
_entity_poly.pdbx_seq_one_letter_code 
_entity_poly.pdbx_seq_one_letter_code_can 
_entity_poly.pdbx_strand_id 
_entity_poly.pdbx_target_identifier 
1 'polypeptide(L)' no no  GEDVFEVEKILDMKTEGGKVLYKVRWKGYTSDDDTWEPEIHLEDCKEVLLEFRKKIAENKAK 
GEDVFEVEKILDMKTEGGKVLYKVRWKGYTSDDDTWEPEIHLEDCKEVLLEFRKKIAENKAK A ? 
2 'polypeptide(L)' no yes '(MN1)FAF(5T3)S(MOH)'                                          XFAFXSX B ? 
# 
loop_
_entity_poly_seq.entity_id 
_entity_poly_seq.num 
_entity_poly_seq.mon_id 
_entity_poly_seq.hetero 
1 1  GLY n 
1 2  GLU n 
1 3  ASP n 
1 4  VAL n 
1 5  PHE n 
1 6  GLU n 
1 7  VAL n 
1 8  GLU n 
1 9  LYS n 
1 10 ILE n 
1 11 LEU n 
1 12 ASP n 
1 13 MET n 
1 14 LYS n 
1 15 THR n 
1 16 GLU n 
1 17 GLY n 
1 18 GLY n 
1 19 LYS n 
1 20 VAL n 
1 21 LEU n 
1 22 TYR n 
1 23 LYS n 
1 24 VAL n 
1 25 ARG n 
1 26 TRP n 
1 27 LYS n 
1 28 GLY n 
1 29 TYR n 
1 30 THR n 
1 31 SER n 
1 32 ASP n 
1 33 ASP n 
1 34 ASP n 
1 35 THR n 
1 36 TRP n 
1 37 GLU n 
1 38 PRO n 
1 39 GLU n 
1 40 ILE n 
1 41 HIS n 
1 42 LEU n 
1 43 GLU n 
1 44 ASP n 
1 45 CYS n 
1 46 LYS n 
1 47 GLU n 
1 48 VAL n 
1 49 LEU n 
1 50 LEU n 
1 51 GLU n 
1 52 PHE n 
1 53 ARG n 
1 54 LYS n 
1 55 LYS n 
1 56 ILE n 
1 57 ALA n 
1 58 GLU n 
1 59 ASN n 
1 60 LYS n 
1 61 ALA n 
1 62 LYS n 
2 1  MN1 n 
2 2  PHE n 
2 3  ALA n 
2 4  PHE n 
2 5  5T3 n 
2 6  SER n 
2 7  MOH n 
# 
_entity_src_gen.entity_id                          1 
_entity_src_gen.pdbx_src_id                        1 
_entity_src_gen.pdbx_alt_source_flag               sample 
_entity_src_gen.pdbx_seq_type                      'Biological sequence' 
_entity_src_gen.pdbx_beg_seq_num                   1 
_entity_src_gen.pdbx_end_seq_num                   62 
_entity_src_gen.gene_src_common_name               Human 
_entity_src_gen.gene_src_genus                     ? 
_entity_src_gen.pdbx_gene_src_gene                 'MPHOSPH8, MPP8' 
_entity_src_gen.gene_src_species                   ? 
_entity_src_gen.gene_src_strain                    ? 
_entity_src_gen.gene_src_tissue                    ? 
_entity_src_gen.gene_src_tissue_fraction           ? 
_entity_src_gen.gene_src_details                   ? 
_entity_src_gen.pdbx_gene_src_fragment             ? 
_entity_src_gen.pdbx_gene_src_scientific_name      'Homo sapiens' 
_entity_src_gen.pdbx_gene_src_ncbi_taxonomy_id     9606 
_entity_src_gen.pdbx_gene_src_variant              ? 
_entity_src_gen.pdbx_gene_src_cell_line            ? 
_entity_src_gen.pdbx_gene_src_atcc                 ? 
_entity_src_gen.pdbx_gene_src_organ                ? 
_entity_src_gen.pdbx_gene_src_organelle            ? 
_entity_src_gen.pdbx_gene_src_cell                 ? 
_entity_src_gen.pdbx_gene_src_cellular_location    ? 
_entity_src_gen.host_org_common_name               ? 
_entity_src_gen.pdbx_host_org_scientific_name      'Escherichia coli BL21(DE3)' 
_entity_src_gen.pdbx_host_org_ncbi_taxonomy_id     469008 
_entity_src_gen.host_org_genus                     ? 
_entity_src_gen.pdbx_host_org_gene                 ? 
_entity_src_gen.pdbx_host_org_organ                ? 
_entity_src_gen.host_org_species                   ? 
_entity_src_gen.pdbx_host_org_tissue               ? 
_entity_src_gen.pdbx_host_org_tissue_fraction      ? 
_entity_src_gen.pdbx_host_org_strain               ? 
_entity_src_gen.pdbx_host_org_variant              pLysS 
_entity_src_gen.pdbx_host_org_cell_line            ? 
_entity_src_gen.pdbx_host_org_atcc                 ? 
_entity_src_gen.pdbx_host_org_culture_collection   ? 
_entity_src_gen.pdbx_host_org_cell                 ? 
_entity_src_gen.pdbx_host_org_organelle            ? 
_entity_src_gen.pdbx_host_org_cellular_location    ? 
_entity_src_gen.pdbx_host_org_vector_type          'expression plasmid' 
_entity_src_gen.pdbx_host_org_vector               ? 
_entity_src_gen.host_org_details                   ? 
_entity_src_gen.expression_system_id               ? 
_entity_src_gen.plasmid_name                       pET28 
_entity_src_gen.plasmid_details                    ? 
_entity_src_gen.pdbx_description                   ? 
# 
_pdbx_entity_src_syn.entity_id              2 
_pdbx_entity_src_syn.pdbx_src_id            1 
_pdbx_entity_src_syn.pdbx_alt_source_flag   sample 
_pdbx_entity_src_syn.pdbx_beg_seq_num       1 
_pdbx_entity_src_syn.pdbx_end_seq_num       7 
_pdbx_entity_src_syn.organism_scientific    'Homo sapiens' 
_pdbx_entity_src_syn.organism_common_name   ? 
_pdbx_entity_src_syn.ncbi_taxonomy_id       9606 
_pdbx_entity_src_syn.details                ? 
# 
loop_
_struct_ref.id 
_struct_ref.db_name 
_struct_ref.db_code 
_struct_ref.pdbx_db_accession 
_struct_ref.pdbx_db_isoform 
_struct_ref.entity_id 
_struct_ref.pdbx_seq_one_letter_code 
_struct_ref.pdbx_align_begin 
1 UNP MPP8_HUMAN Q99549 Q99549-2 1 GEDVFEVEKILDMKTEGGKVLYKVRWKGYTSDDDTWEPEIHLEDCKEVLLEFRKKIAENKAK 55 
2 PDB 7M5U       7M5U   ?        2 ?                                                              1  
# 
loop_
_struct_ref_seq.align_id 
_struct_ref_seq.ref_id 
_struct_ref_seq.pdbx_PDB_id_code 
_struct_ref_seq.pdbx_strand_id 
_struct_ref_seq.seq_align_beg 
_struct_ref_seq.pdbx_seq_align_beg_ins_code 
_struct_ref_seq.seq_align_end 
_struct_ref_seq.pdbx_seq_align_end_ins_code 
_struct_ref_seq.pdbx_db_accession 
_struct_ref_seq.db_align_beg 
_struct_ref_seq.pdbx_db_align_beg_ins_code 
_struct_ref_seq.db_align_end 
_struct_ref_seq.pdbx_db_align_end_ins_code 
_struct_ref_seq.pdbx_auth_seq_align_beg 
_struct_ref_seq.pdbx_auth_seq_align_end 
1 1 7M5U A 1 ? 62 ? Q99549 55 ? 116 ? 55 116 
2 2 7M5U B 1 ? 7  ? 7M5U   1  ? 7   ? 1  7   
# 
loop_
_chem_comp.id 
_chem_comp.type 
_chem_comp.mon_nstd_flag 
_chem_comp.name 
_chem_comp.pdbx_synonyms 
_chem_comp.formula 
_chem_comp.formula_weight 
5T3 'L-peptide linking' n N~6~-ethyl-N~6~-propan-2-yl-L-lysine ? 'C11 H24 N2 O2'  216.320 
ALA 'L-peptide linking' y ALANINE                              ? 'C3 H7 N O2'     89.093  
ARG 'L-peptide linking' y ARGININE                             ? 'C6 H15 N4 O2 1' 175.209 
ASN 'L-peptide linking' y ASPARAGINE                           ? 'C4 H8 N2 O3'    132.118 
ASP 'L-peptide linking' y 'ASPARTIC ACID'                      ? 'C4 H7 N O4'     133.103 
CYS 'L-peptide linking' y CYSTEINE                             ? 'C3 H7 N O2 S'   121.158 
GLU 'L-peptide linking' y 'GLUTAMIC ACID'                      ? 'C5 H9 N O4'     147.129 
GLY 'peptide linking'   y GLYCINE                              ? 'C2 H5 N O2'     75.067  
HIS 'L-peptide linking' y HISTIDINE                            ? 'C6 H10 N3 O2 1' 156.162 
HOH non-polymer         . WATER                                ? 'H2 O'           18.015  
ILE 'L-peptide linking' y ISOLEUCINE                           ? 'C6 H13 N O2'    131.173 
LEU 'L-peptide linking' y LEUCINE                              ? 'C6 H13 N O2'    131.173 
LYS 'L-peptide linking' y LYSINE                               ? 'C6 H15 N2 O2 1' 147.195 
MET 'L-peptide linking' y METHIONINE                           ? 'C5 H11 N O2 S'  149.211 
MN1 non-polymer         . 4-CARBOXYPIPERIDINE                  ? 'C6 H11 N O2'    129.157 
MOH non-polymer         . METHANOL                             ? 'C H4 O'         32.042  
PHE 'L-peptide linking' y PHENYLALANINE                        ? 'C9 H11 N O2'    165.189 
PRO 'L-peptide linking' y PROLINE                              ? 'C5 H9 N O2'     115.130 
SER 'L-peptide linking' y SERINE                               ? 'C3 H7 N O3'     105.093 
THR 'L-peptide linking' y THREONINE                            ? 'C4 H9 N O3'     119.119 
TRP 'L-peptide linking' y TRYPTOPHAN                           ? 'C11 H12 N2 O2'  204.225 
TYR 'L-peptide linking' y TYROSINE                             ? 'C9 H11 N O3'    181.189 
VAL 'L-peptide linking' y VALINE                               ? 'C5 H11 N O2'    117.146 
# 
_exptl.absorpt_coefficient_mu     ? 
_exptl.absorpt_correction_T_max   ? 
_exptl.absorpt_correction_T_min   ? 
_exptl.absorpt_correction_type    ? 
_exptl.absorpt_process_details    ? 
_exptl.entry_id                   7M5U 
_exptl.crystals_number            1 
_exptl.details                    ? 
_exptl.method                     'X-RAY DIFFRACTION' 
_exptl.method_details             ? 
# 
_exptl_crystal.colour                      ? 
_exptl_crystal.density_diffrn              ? 
_exptl_crystal.density_Matthews            3.89 
_exptl_crystal.density_method              ? 
_exptl_crystal.density_percent_sol         68.39 
_exptl_crystal.description                 ? 
_exptl_crystal.F_000                       ? 
_exptl_crystal.id                          1 
_exptl_crystal.preparation                 ? 
_exptl_crystal.size_max                    ? 
_exptl_crystal.size_mid                    ? 
_exptl_crystal.size_min                    ? 
_exptl_crystal.size_rad                    ? 
_exptl_crystal.colour_lustre               ? 
_exptl_crystal.colour_modifier             ? 
_exptl_crystal.colour_primary              ? 
_exptl_crystal.density_meas                ? 
_exptl_crystal.density_meas_esd            ? 
_exptl_crystal.density_meas_gt             ? 
_exptl_crystal.density_meas_lt             ? 
_exptl_crystal.density_meas_temp           ? 
_exptl_crystal.density_meas_temp_esd       ? 
_exptl_crystal.density_meas_temp_gt        ? 
_exptl_crystal.density_meas_temp_lt        ? 
_exptl_crystal.pdbx_crystal_image_url      ? 
_exptl_crystal.pdbx_crystal_image_format   ? 
_exptl_crystal.pdbx_mosaicity              ? 
_exptl_crystal.pdbx_mosaicity_esd          ? 
# 
_exptl_crystal_grow.apparatus       ? 
_exptl_crystal_grow.atmosphere      ? 
_exptl_crystal_grow.crystal_id      1 
_exptl_crystal_grow.details         ? 
_exptl_crystal_grow.method          MICROBATCH 
_exptl_crystal_grow.method_ref      ? 
_exptl_crystal_grow.pH              5.6 
_exptl_crystal_grow.pressure        ? 
_exptl_crystal_grow.pressure_esd    ? 
_exptl_crystal_grow.seeding         ? 
_exptl_crystal_grow.seeding_ref     ? 
_exptl_crystal_grow.temp            293 
_exptl_crystal_grow.temp_details    ? 
_exptl_crystal_grow.temp_esd        ? 
_exptl_crystal_grow.time            ? 
_exptl_crystal_grow.pdbx_details    
'100 mM sodium citrate tribasic dihydrate pH 5.6, 100 mM potassium sodium tartrate tetrahydrate, 2.0 M AmSO4' 
_exptl_crystal_grow.pdbx_pH_range   ? 
# 
_diffrn.ambient_environment              ? 
_diffrn.ambient_temp                     100. 
_diffrn.ambient_temp_details             ? 
_diffrn.ambient_temp_esd                 ? 
_diffrn.crystal_id                       1 
_diffrn.crystal_support                  ? 
_diffrn.crystal_treatment                ? 
_diffrn.details                          ? 
_diffrn.id                               1 
_diffrn.ambient_pressure                 ? 
_diffrn.ambient_pressure_esd             ? 
_diffrn.ambient_pressure_gt              ? 
_diffrn.ambient_pressure_lt              ? 
_diffrn.ambient_temp_gt                  ? 
_diffrn.ambient_temp_lt                  ? 
_diffrn.pdbx_serial_crystal_experiment   N 
# 
_diffrn_detector.details                      ? 
_diffrn_detector.detector                     PIXEL 
_diffrn_detector.diffrn_id                    1 
_diffrn_detector.type                         'DECTRIS EIGER X 16M' 
_diffrn_detector.area_resol_mean              ? 
_diffrn_detector.dtime                        ? 
_diffrn_detector.pdbx_frames_total            ? 
_diffrn_detector.pdbx_collection_time_total   ? 
_diffrn_detector.pdbx_collection_date         2018-10-23 
_diffrn_detector.pdbx_frequency               ? 
# 
_diffrn_radiation.collimation                      ? 
_diffrn_radiation.diffrn_id                        1 
_diffrn_radiation.filter_edge                      ? 
_diffrn_radiation.inhomogeneity                    ? 
_diffrn_radiation.monochromator                    ? 
_diffrn_radiation.polarisn_norm                    ? 
_diffrn_radiation.polarisn_ratio                   ? 
_diffrn_radiation.probe                            ? 
_diffrn_radiation.type                             ? 
_diffrn_radiation.xray_symbol                      ? 
_diffrn_radiation.wavelength_id                    1 
_diffrn_radiation.pdbx_monochromatic_or_laue_m_l   M 
_diffrn_radiation.pdbx_wavelength_list             ? 
_diffrn_radiation.pdbx_wavelength                  ? 
_diffrn_radiation.pdbx_diffrn_protocol             'SINGLE WAVELENGTH' 
_diffrn_radiation.pdbx_analyzer                    ? 
_diffrn_radiation.pdbx_scattering_type             x-ray 
# 
_diffrn_radiation_wavelength.id           1 
_diffrn_radiation_wavelength.wavelength   1. 
_diffrn_radiation_wavelength.wt           1.0 
# 
_diffrn_source.current                     ? 
_diffrn_source.details                     ? 
_diffrn_source.diffrn_id                   1 
_diffrn_source.power                       ? 
_diffrn_source.size                        ? 
_diffrn_source.source                      SYNCHROTRON 
_diffrn_source.target                      ? 
_diffrn_source.type                        'APS BEAMLINE 22-ID' 
_diffrn_source.voltage                     ? 
_diffrn_source.take-off_angle              ? 
_diffrn_source.pdbx_wavelength_list        1. 
_diffrn_source.pdbx_wavelength             ? 
_diffrn_source.pdbx_synchrotron_beamline   22-ID 
_diffrn_source.pdbx_synchrotron_site       APS 
# 
_reflns.B_iso_Wilson_estimate            ? 
_reflns.entry_id                         7M5U 
_reflns.data_reduction_details           ? 
_reflns.data_reduction_method            ? 
_reflns.d_resolution_high                2.02 
_reflns.d_resolution_low                 75.45 
_reflns.details                          ? 
_reflns.limit_h_max                      ? 
_reflns.limit_h_min                      ? 
_reflns.limit_k_max                      ? 
_reflns.limit_k_min                      ? 
_reflns.limit_l_max                      ? 
_reflns.limit_l_min                      ? 
_reflns.number_all                       ? 
_reflns.number_obs                       8912 
_reflns.observed_criterion               ? 
_reflns.observed_criterion_F_max         ? 
_reflns.observed_criterion_F_min         ? 
_reflns.observed_criterion_I_max         ? 
_reflns.observed_criterion_I_min         ? 
_reflns.observed_criterion_sigma_F       ? 
_reflns.observed_criterion_sigma_I       ? 
_reflns.percent_possible_obs             99.79 
_reflns.R_free_details                   ? 
_reflns.Rmerge_F_all                     ? 
_reflns.Rmerge_F_obs                     ? 
_reflns.Friedel_coverage                 ? 
_reflns.number_gt                        ? 
_reflns.threshold_expression             ? 
_reflns.pdbx_redundancy                  13.8 
_reflns.pdbx_Rmerge_I_obs                0.04422 
_reflns.pdbx_Rmerge_I_all                ? 
_reflns.pdbx_Rsym_value                  ? 
_reflns.pdbx_netI_over_av_sigmaI         ? 
_reflns.pdbx_netI_over_sigmaI            28.78 
_reflns.pdbx_res_netI_over_av_sigmaI_2   ? 
_reflns.pdbx_res_netI_over_sigmaI_2      ? 
_reflns.pdbx_chi_squared                 0.98 
_reflns.pdbx_scaling_rejects             ? 
_reflns.pdbx_d_res_high_opt              ? 
_reflns.pdbx_d_res_low_opt               ? 
_reflns.pdbx_d_res_opt_method            ? 
_reflns.phase_calculation_details        ? 
_reflns.pdbx_Rrim_I_all                  ? 
_reflns.pdbx_Rpim_I_all                  0.017 
_reflns.pdbx_d_opt                       ? 
_reflns.pdbx_number_measured_all         ? 
_reflns.pdbx_diffrn_id                   1 
_reflns.pdbx_ordinal                     1 
_reflns.pdbx_CC_half                     1.000 
_reflns.pdbx_CC_star                     ? 
_reflns.pdbx_R_split                     ? 
# 
_reflns_shell.d_res_high                  2.02 
_reflns_shell.d_res_low                   2.07 
_reflns_shell.meanI_over_sigI_all         ? 
_reflns_shell.meanI_over_sigI_obs         1.7 
_reflns_shell.number_measured_all         ? 
_reflns_shell.number_measured_obs         ? 
_reflns_shell.number_possible             ? 
_reflns_shell.number_unique_all           ? 
_reflns_shell.number_unique_obs           637 
_reflns_shell.percent_possible_all        100.0 
_reflns_shell.percent_possible_obs        ? 
_reflns_shell.Rmerge_F_all                ? 
_reflns_shell.Rmerge_F_obs                ? 
_reflns_shell.Rmerge_I_all                ? 
_reflns_shell.Rmerge_I_obs                1.661 
_reflns_shell.meanI_over_sigI_gt          ? 
_reflns_shell.meanI_over_uI_all           ? 
_reflns_shell.meanI_over_uI_gt            ? 
_reflns_shell.number_measured_gt          ? 
_reflns_shell.number_unique_gt            ? 
_reflns_shell.percent_possible_gt         ? 
_reflns_shell.Rmerge_F_gt                 ? 
_reflns_shell.Rmerge_I_gt                 ? 
_reflns_shell.pdbx_redundancy             14.5 
_reflns_shell.pdbx_Rsym_value             ? 
_reflns_shell.pdbx_chi_squared            0.89 
_reflns_shell.pdbx_netI_over_sigmaI_all   ? 
_reflns_shell.pdbx_netI_over_sigmaI_obs   ? 
_reflns_shell.pdbx_Rrim_I_all             ? 
_reflns_shell.pdbx_Rpim_I_all             0.628 
_reflns_shell.pdbx_rejects                ? 
_reflns_shell.pdbx_ordinal                1 
_reflns_shell.pdbx_diffrn_id              1 
_reflns_shell.pdbx_CC_half                0.656 
_reflns_shell.pdbx_CC_star                ? 
_reflns_shell.pdbx_R_split                ? 
# 
_refine.aniso_B[1][1]                            ? 
_refine.aniso_B[1][2]                            ? 
_refine.aniso_B[1][3]                            ? 
_refine.aniso_B[2][2]                            ? 
_refine.aniso_B[2][3]                            ? 
_refine.aniso_B[3][3]                            ? 
_refine.B_iso_max                                ? 
_refine.B_iso_mean                               ? 
_refine.B_iso_min                                ? 
_refine.correlation_coeff_Fo_to_Fc               ? 
_refine.correlation_coeff_Fo_to_Fc_free          ? 
_refine.details                                  ? 
_refine.diff_density_max                         ? 
_refine.diff_density_max_esd                     ? 
_refine.diff_density_min                         ? 
_refine.diff_density_min_esd                     ? 
_refine.diff_density_rms                         ? 
_refine.diff_density_rms_esd                     ? 
_refine.entry_id                                 7M5U 
_refine.pdbx_refine_id                           'X-RAY DIFFRACTION' 
_refine.ls_abs_structure_details                 ? 
_refine.ls_abs_structure_Flack                   ? 
_refine.ls_abs_structure_Flack_esd               ? 
_refine.ls_abs_structure_Rogers                  ? 
_refine.ls_abs_structure_Rogers_esd              ? 
_refine.ls_d_res_high                            2.020 
_refine.ls_d_res_low                             34.788 
_refine.ls_extinction_coef                       ? 
_refine.ls_extinction_coef_esd                   ? 
_refine.ls_extinction_expression                 ? 
_refine.ls_extinction_method                     ? 
_refine.ls_goodness_of_fit_all                   ? 
_refine.ls_goodness_of_fit_all_esd               ? 
_refine.ls_goodness_of_fit_obs                   ? 
_refine.ls_goodness_of_fit_obs_esd               ? 
_refine.ls_hydrogen_treatment                    ? 
_refine.ls_matrix_type                           ? 
_refine.ls_number_constraints                    ? 
_refine.ls_number_parameters                     ? 
_refine.ls_number_reflns_all                     ? 
_refine.ls_number_reflns_obs                     8910 
_refine.ls_number_reflns_R_free                  426 
_refine.ls_number_reflns_R_work                  ? 
_refine.ls_number_restraints                     ? 
_refine.ls_percent_reflns_obs                    99.84 
_refine.ls_percent_reflns_R_free                 4.78 
_refine.ls_R_factor_all                          ? 
_refine.ls_R_factor_obs                          0.2164 
_refine.ls_R_factor_R_free                       0.2283 
_refine.ls_R_factor_R_free_error                 ? 
_refine.ls_R_factor_R_free_error_details         ? 
_refine.ls_R_factor_R_work                       0.2158 
_refine.ls_R_Fsqd_factor_obs                     ? 
_refine.ls_R_I_factor_obs                        ? 
_refine.ls_redundancy_reflns_all                 ? 
_refine.ls_redundancy_reflns_obs                 ? 
_refine.ls_restrained_S_all                      ? 
_refine.ls_restrained_S_obs                      ? 
_refine.ls_shift_over_esd_max                    ? 
_refine.ls_shift_over_esd_mean                   ? 
_refine.ls_structure_factor_coef                 ? 
_refine.ls_weighting_details                     ? 
_refine.ls_weighting_scheme                      ? 
_refine.ls_wR_factor_all                         ? 
_refine.ls_wR_factor_obs                         ? 
_refine.ls_wR_factor_R_free                      ? 
_refine.ls_wR_factor_R_work                      ? 
_refine.occupancy_max                            ? 
_refine.occupancy_min                            ? 
_refine.solvent_model_details                    'FLAT BULK SOLVENT MODEL' 
_refine.solvent_model_param_bsol                 ? 
_refine.solvent_model_param_ksol                 ? 
_refine.pdbx_R_complete                          ? 
_refine.ls_R_factor_gt                           ? 
_refine.ls_goodness_of_fit_gt                    ? 
_refine.ls_goodness_of_fit_ref                   ? 
_refine.ls_shift_over_su_max                     ? 
_refine.ls_shift_over_su_max_lt                  ? 
_refine.ls_shift_over_su_mean                    ? 
_refine.ls_shift_over_su_mean_lt                 ? 
_refine.pdbx_ls_sigma_I                          ? 
_refine.pdbx_ls_sigma_F                          1.35 
_refine.pdbx_ls_sigma_Fsqd                       ? 
_refine.pdbx_data_cutoff_high_absF               ? 
_refine.pdbx_data_cutoff_high_rms_absF           ? 
_refine.pdbx_data_cutoff_low_absF                ? 
_refine.pdbx_isotropic_thermal_model             ? 
_refine.pdbx_ls_cross_valid_method               'FREE R-VALUE' 
_refine.pdbx_method_to_determine_struct          'MOLECULAR REPLACEMENT' 
_refine.pdbx_starting_model                      3LWE 
_refine.pdbx_stereochemistry_target_values       ML 
_refine.pdbx_R_Free_selection_details            'Random selection' 
_refine.pdbx_stereochem_target_val_spec_case     ? 
_refine.pdbx_overall_ESU_R                       ? 
_refine.pdbx_overall_ESU_R_Free                  ? 
_refine.pdbx_solvent_vdw_probe_radii             1.11 
_refine.pdbx_solvent_ion_probe_radii             ? 
_refine.pdbx_solvent_shrinkage_radii             0.90 
_refine.pdbx_real_space_R                        ? 
_refine.pdbx_density_correlation                 ? 
_refine.pdbx_pd_number_of_powder_patterns        ? 
_refine.pdbx_pd_number_of_points                 ? 
_refine.pdbx_pd_meas_number_of_points            ? 
_refine.pdbx_pd_proc_ls_prof_R_factor            ? 
_refine.pdbx_pd_proc_ls_prof_wR_factor           ? 
_refine.pdbx_pd_Marquardt_correlation_coeff      ? 
_refine.pdbx_pd_Fsqrd_R_factor                   ? 
_refine.pdbx_pd_ls_matrix_band_width             ? 
_refine.pdbx_overall_phase_error                 35.14 
_refine.pdbx_overall_SU_R_free_Cruickshank_DPI   ? 
_refine.pdbx_overall_SU_R_free_Blow_DPI          ? 
_refine.pdbx_overall_SU_R_Blow_DPI               ? 
_refine.pdbx_TLS_residual_ADP_flag               ? 
_refine.pdbx_diffrn_id                           1 
_refine.overall_SU_B                             ? 
_refine.overall_SU_ML                            0.23 
_refine.overall_SU_R_Cruickshank_DPI             ? 
_refine.overall_SU_R_free                        ? 
_refine.overall_FOM_free_R_set                   ? 
_refine.overall_FOM_work_R_set                   ? 
_refine.pdbx_average_fsc_overall                 ? 
_refine.pdbx_average_fsc_work                    ? 
_refine.pdbx_average_fsc_free                    ? 
# 
_refine_hist.pdbx_refine_id                   'X-RAY DIFFRACTION' 
_refine_hist.cycle_id                         LAST 
_refine_hist.pdbx_number_atoms_protein        545 
_refine_hist.pdbx_number_atoms_nucleic_acid   0 
_refine_hist.pdbx_number_atoms_ligand         0 
_refine_hist.number_atoms_solvent             5 
_refine_hist.number_atoms_total               550 
_refine_hist.d_res_high                       2.020 
_refine_hist.d_res_low                        34.788 
# 
loop_
_refine_ls_restr.pdbx_refine_id 
_refine_ls_restr.criterion 
_refine_ls_restr.dev_ideal 
_refine_ls_restr.dev_ideal_target 
_refine_ls_restr.number 
_refine_ls_restr.rejects 
_refine_ls_restr.type 
_refine_ls_restr.weight 
_refine_ls_restr.pdbx_restraint_function 
'X-RAY DIFFRACTION' ? 0.008 ? 556 ? f_bond_d           ? ? 
'X-RAY DIFFRACTION' ? 0.995 ? 737 ? f_angle_d          ? ? 
'X-RAY DIFFRACTION' ? 6.477 ? 335 ? f_dihedral_angle_d ? ? 
'X-RAY DIFFRACTION' ? 0.064 ? 79  ? f_chiral_restr     ? ? 
'X-RAY DIFFRACTION' ? 0.004 ? 89  ? f_plane_restr      ? ? 
# 
loop_
_refine_ls_shell.pdbx_refine_id 
_refine_ls_shell.d_res_high 
_refine_ls_shell.d_res_low 
_refine_ls_shell.number_reflns_all 
_refine_ls_shell.number_reflns_obs 
_refine_ls_shell.number_reflns_R_free 
_refine_ls_shell.number_reflns_R_work 
_refine_ls_shell.percent_reflns_obs 
_refine_ls_shell.percent_reflns_R_free 
_refine_ls_shell.R_factor_all 
_refine_ls_shell.R_factor_obs 
_refine_ls_shell.R_factor_R_free 
_refine_ls_shell.R_factor_R_free_error 
_refine_ls_shell.R_factor_R_work 
_refine_ls_shell.redundancy_reflns_all 
_refine_ls_shell.redundancy_reflns_obs 
_refine_ls_shell.wR_factor_all 
_refine_ls_shell.wR_factor_obs 
_refine_ls_shell.wR_factor_R_free 
_refine_ls_shell.wR_factor_R_work 
_refine_ls_shell.pdbx_R_complete 
_refine_ls_shell.pdbx_total_number_of_bins_used 
_refine_ls_shell.pdbx_phase_error 
_refine_ls_shell.pdbx_fsc_work 
_refine_ls_shell.pdbx_fsc_free 
'X-RAY DIFFRACTION' 2.0202 2.3125 . . 134 2753 100.00 . . . 0.2998 . 0.2487 . . . . . . . . . . . 
'X-RAY DIFFRACTION' 2.3125 2.9133 . . 145 2788 100.00 . . . 0.2900 . 0.2873 . . . . . . . . . . . 
'X-RAY DIFFRACTION' 2.9133 34.788 . . 147 2943 100.00 . . . 0.2110 . 0.1994 . . . . . . . . . . . 
# 
_struct.entry_id                     7M5U 
_struct.title                        'Crystal structure of human MPP8 chromodomain in complex with peptidomimetic ligand UNC5246' 
_struct.pdbx_model_details           ? 
_struct.pdbx_formula_weight          ? 
_struct.pdbx_formula_weight_method   ? 
_struct.pdbx_model_type_details      ? 
_struct.pdbx_CASP_flag               N 
# 
_struct_keywords.entry_id        7M5U 
_struct_keywords.text            'chromodomain, peptidomimetic, chromatin, GENE REGULATION' 
_struct_keywords.pdbx_keywords   'GENE REGULATION' 
# 
loop_
_struct_asym.id 
_struct_asym.pdbx_blank_PDB_chainid_flag 
_struct_asym.pdbx_modified 
_struct_asym.entity_id 
_struct_asym.details 
A N N 1 ? 
B N N 2 ? 
C N N 3 ? 
# 
loop_
_struct_conf.conf_type_id 
_struct_conf.id 
_struct_conf.pdbx_PDB_helix_id 
_struct_conf.beg_label_comp_id 
_struct_conf.beg_label_asym_id 
_struct_conf.beg_label_seq_id 
_struct_conf.pdbx_beg_PDB_ins_code 
_struct_conf.end_label_comp_id 
_struct_conf.end_label_asym_id 
_struct_conf.end_label_seq_id 
_struct_conf.pdbx_end_PDB_ins_code 
_struct_conf.beg_auth_comp_id 
_struct_conf.beg_auth_asym_id 
_struct_conf.beg_auth_seq_id 
_struct_conf.end_auth_comp_id 
_struct_conf.end_auth_asym_id 
_struct_conf.end_auth_seq_id 
_struct_conf.pdbx_PDB_helix_class 
_struct_conf.details 
_struct_conf.pdbx_PDB_helix_length 
HELX_P HELX_P1 AA1 THR A 30 ? ASP A 34 ? THR A 84 ASP A 88  5 ? 5  
HELX_P HELX_P2 AA2 ILE A 40 ? GLU A 43 ? ILE A 94 GLU A 97  5 ? 4  
HELX_P HELX_P3 AA3 CYS A 45 ? ASN A 59 ? CYS A 99 ASN A 113 1 ? 15 
# 
_struct_conf_type.id          HELX_P 
_struct_conf_type.criteria    ? 
_struct_conf_type.reference   ? 
# 
loop_
_struct_conn.id 
_struct_conn.conn_type_id 
_struct_conn.pdbx_leaving_atom_flag 
_struct_conn.pdbx_PDB_id 
_struct_conn.ptnr1_label_asym_id 
_struct_conn.ptnr1_label_comp_id 
_struct_conn.ptnr1_label_seq_id 
_struct_conn.ptnr1_label_atom_id 
_struct_conn.pdbx_ptnr1_label_alt_id 
_struct_conn.pdbx_ptnr1_PDB_ins_code 
_struct_conn.pdbx_ptnr1_standard_comp_id 
_struct_conn.ptnr1_symmetry 
_struct_conn.ptnr2_label_asym_id 
_struct_conn.ptnr2_label_comp_id 
_struct_conn.ptnr2_label_seq_id 
_struct_conn.ptnr2_label_atom_id 
_struct_conn.pdbx_ptnr2_label_alt_id 
_struct_conn.pdbx_ptnr2_PDB_ins_code 
_struct_conn.ptnr1_auth_asym_id 
_struct_conn.ptnr1_auth_comp_id 
_struct_conn.ptnr1_auth_seq_id 
_struct_conn.ptnr2_auth_asym_id 
_struct_conn.ptnr2_auth_comp_id 
_struct_conn.ptnr2_auth_seq_id 
_struct_conn.ptnr2_symmetry 
_struct_conn.pdbx_ptnr3_label_atom_id 
_struct_conn.pdbx_ptnr3_label_seq_id 
_struct_conn.pdbx_ptnr3_label_comp_id 
_struct_conn.pdbx_ptnr3_label_asym_id 
_struct_conn.pdbx_ptnr3_label_alt_id 
_struct_conn.pdbx_ptnr3_PDB_ins_code 
_struct_conn.details 
_struct_conn.pdbx_dist_value 
_struct_conn.pdbx_value_order 
_struct_conn.pdbx_role 
covale1 covale both ? B MN1 1 C ? ? ? 1_555 B PHE 2 N ? ? B MN1 1 B PHE 2 1_555 ? ? ? ? ? ? ? 1.431 ? ? 
covale2 covale both ? B PHE 4 C ? ? ? 1_555 B 5T3 5 N ? ? B PHE 4 B 5T3 5 1_555 ? ? ? ? ? ? ? 1.327 ? ? 
covale3 covale both ? B 5T3 5 C ? ? ? 1_555 B SER 6 N ? ? B 5T3 5 B SER 6 1_555 ? ? ? ? ? ? ? 1.326 ? ? 
covale4 covale one  ? B SER 6 C ? ? ? 1_555 B MOH 7 O ? ? B SER 6 B MOH 7 1_555 ? ? ? ? ? ? ? 1.373 ? ? 
# 
_struct_conn_type.id          covale 
_struct_conn_type.criteria    ? 
_struct_conn_type.reference   ? 
# 
loop_
_struct_sheet.id 
_struct_sheet.type 
_struct_sheet.number_strands 
_struct_sheet.details 
AA1 ? 2 ? 
AA2 ? 3 ? 
# 
loop_
_struct_sheet_order.sheet_id 
_struct_sheet_order.range_id_1 
_struct_sheet_order.range_id_2 
_struct_sheet_order.offset 
_struct_sheet_order.sense 
AA1 1 2 ? anti-parallel 
AA2 1 2 ? anti-parallel 
AA2 2 3 ? anti-parallel 
# 
loop_
_struct_sheet_range.sheet_id 
_struct_sheet_range.id 
_struct_sheet_range.beg_label_comp_id 
_struct_sheet_range.beg_label_asym_id 
_struct_sheet_range.beg_label_seq_id 
_struct_sheet_range.pdbx_beg_PDB_ins_code 
_struct_sheet_range.end_label_comp_id 
_struct_sheet_range.end_label_asym_id 
_struct_sheet_range.end_label_seq_id 
_struct_sheet_range.pdbx_end_PDB_ins_code 
_struct_sheet_range.beg_auth_comp_id 
_struct_sheet_range.beg_auth_asym_id 
_struct_sheet_range.beg_auth_seq_id 
_struct_sheet_range.end_auth_comp_id 
_struct_sheet_range.end_auth_asym_id 
_struct_sheet_range.end_auth_seq_id 
AA1 1 VAL A 4  ? PHE A 5  ? VAL A 58 PHE A 59 
AA1 2 ALA B 3  ? PHE B 4  ? ALA B 3  PHE B 4  
AA2 1 VAL A 7  ? GLU A 16 ? VAL A 61 GLU A 70 
AA2 2 LYS A 19 ? TRP A 26 ? LYS A 73 TRP A 80 
AA2 3 THR A 35 ? PRO A 38 ? THR A 89 PRO A 92 
# 
loop_
_pdbx_struct_sheet_hbond.sheet_id 
_pdbx_struct_sheet_hbond.range_id_1 
_pdbx_struct_sheet_hbond.range_id_2 
_pdbx_struct_sheet_hbond.range_1_label_atom_id 
_pdbx_struct_sheet_hbond.range_1_label_comp_id 
_pdbx_struct_sheet_hbond.range_1_label_asym_id 
_pdbx_struct_sheet_hbond.range_1_label_seq_id 
_pdbx_struct_sheet_hbond.range_1_PDB_ins_code 
_pdbx_struct_sheet_hbond.range_1_auth_atom_id 
_pdbx_struct_sheet_hbond.range_1_auth_comp_id 
_pdbx_struct_sheet_hbond.range_1_auth_asym_id 
_pdbx_struct_sheet_hbond.range_1_auth_seq_id 
_pdbx_struct_sheet_hbond.range_2_label_atom_id 
_pdbx_struct_sheet_hbond.range_2_label_comp_id 
_pdbx_struct_sheet_hbond.range_2_label_asym_id 
_pdbx_struct_sheet_hbond.range_2_label_seq_id 
_pdbx_struct_sheet_hbond.range_2_PDB_ins_code 
_pdbx_struct_sheet_hbond.range_2_auth_atom_id 
_pdbx_struct_sheet_hbond.range_2_auth_comp_id 
_pdbx_struct_sheet_hbond.range_2_auth_asym_id 
_pdbx_struct_sheet_hbond.range_2_auth_seq_id 
AA1 1 2 N PHE A 5  ? N PHE A 59 O ALA B 3  ? O ALA B 3  
AA2 1 2 N LEU A 11 ? N LEU A 65 O LYS A 23 ? O LYS A 77 
AA2 2 3 N VAL A 24 ? N VAL A 78 O THR A 35 ? O THR A 89 
# 
_atom_sites.entry_id                    7M5U 
_atom_sites.Cartn_transf_matrix[1][1]   ? 
_atom_sites.Cartn_transf_matrix[1][2]   ? 
_atom_sites.Cartn_transf_matrix[1][3]   ? 
_atom_sites.Cartn_transf_matrix[2][1]   ? 
_atom_sites.Cartn_transf_matrix[2][2]   ? 
_atom_sites.Cartn_transf_matrix[2][3]   ? 
_atom_sites.Cartn_transf_matrix[3][1]   ? 
_atom_sites.Cartn_transf_matrix[3][2]   ? 
_atom_sites.Cartn_transf_matrix[3][3]   ? 
_atom_sites.Cartn_transf_vector[1]      ? 
_atom_sites.Cartn_transf_vector[2]      ? 
_atom_sites.Cartn_transf_vector[3]      ? 
_atom_sites.fract_transf_matrix[1][1]   0.00480584 
_atom_sites.fract_transf_matrix[1][2]   -0.00224852 
_atom_sites.fract_transf_matrix[1][3]   -0.01214536 
_atom_sites.fract_transf_matrix[2][1]   -0.00245399 
_atom_sites.fract_transf_matrix[2][2]   0.00858763 
_atom_sites.fract_transf_matrix[2][3]   -0.00979281 
_atom_sites.fract_transf_matrix[3][1]   0.01436488 
_atom_sites.fract_transf_matrix[3][2]   0.00874126 
_atom_sites.fract_transf_matrix[3][3]   0.00406578 
_atom_sites.fract_transf_vector[1]      0.491276 
_atom_sites.fract_transf_vector[2]      0.158839 
_atom_sites.fract_transf_vector[3]      -0.104311 
_atom_sites.solution_primary            ? 
_atom_sites.solution_secondary          ? 
_atom_sites.solution_hydrogens          ? 
_atom_sites.special_details             ? 
# 
loop_
_atom_type.symbol 
C 
N 
O 
S 
# 
loop_
_atom_site.group_PDB 
_atom_site.id 
_atom_site.type_symbol 
_atom_site.label_atom_id 
_atom_site.label_alt_id 
_atom_site.label_comp_id 
_atom_site.label_asym_id 
_atom_site.label_entity_id 
_atom_site.label_seq_id 
_atom_site.pdbx_PDB_ins_code 
_atom_site.Cartn_x 
_atom_site.Cartn_y 
_atom_site.Cartn_z 
_atom_site.occupancy 
_atom_site.B_iso_or_equiv 
_atom_site.pdbx_formal_charge 
_atom_site.auth_seq_id 
_atom_site.auth_comp_id 
_atom_site.auth_asym_id 
_atom_site.auth_atom_id 
_atom_site.pdbx_PDB_model_num 
ATOM   1   N N   . ASP A 1 3  ? 10.515  -13.089 0.963   1.00 97.86  ? 57  ASP A N   1 
ATOM   2   C CA  . ASP A 1 3  ? 9.316   -12.593 0.288   1.00 103.05 ? 57  ASP A CA  1 
ATOM   3   C C   . ASP A 1 3  ? 8.663   -11.387 0.990   1.00 100.80 ? 57  ASP A C   1 
ATOM   4   O O   . ASP A 1 3  ? 7.545   -10.998 0.639   1.00 108.96 ? 57  ASP A O   1 
ATOM   5   C CB  . ASP A 1 3  ? 8.286   -13.724 0.138   1.00 111.73 ? 57  ASP A CB  1 
ATOM   6   C CG  . ASP A 1 3  ? 8.271   -14.670 1.330   1.00 122.12 ? 57  ASP A CG  1 
ATOM   7   O OD1 . ASP A 1 3  ? 8.731   -14.266 2.419   1.00 123.89 ? 57  ASP A OD1 1 
ATOM   8   O OD2 . ASP A 1 3  ? 7.788   -15.815 1.178   1.00 120.70 ? 57  ASP A OD2 1 
ATOM   9   N N   . VAL A 1 4  ? 9.368   -10.785 1.955   1.00 89.40  ? 58  VAL A N   1 
ATOM   10  C CA  . VAL A 1 4  ? 8.898   -9.610  2.690   1.00 85.05  ? 58  VAL A CA  1 
ATOM   11  C C   . VAL A 1 4  ? 9.827   -8.438  2.397   1.00 78.67  ? 58  VAL A C   1 
ATOM   12  O O   . VAL A 1 4  ? 11.051  -8.596  2.418   1.00 76.96  ? 58  VAL A O   1 
ATOM   13  C CB  . VAL A 1 4  ? 8.834   -9.889  4.205   1.00 92.78  ? 58  VAL A CB  1 
ATOM   14  C CG1 . VAL A 1 4  ? 9.034   -8.611  5.006   1.00 89.66  ? 58  VAL A CG1 1 
ATOM   15  C CG2 . VAL A 1 4  ? 7.509   -10.525 4.556   1.00 96.47  ? 58  VAL A CG2 1 
ATOM   16  N N   . PHE A 1 5  ? 9.251   -7.261  2.121   1.00 64.76  ? 59  PHE A N   1 
ATOM   17  C CA  . PHE A 1 5  ? 10.039  -6.094  1.734   1.00 70.08  ? 59  PHE A CA  1 
ATOM   18  C C   . PHE A 1 5  ? 9.539   -4.848  2.448   1.00 75.36  ? 59  PHE A C   1 
ATOM   19  O O   . PHE A 1 5  ? 8.360   -4.742  2.800   1.00 68.89  ? 59  PHE A O   1 
ATOM   20  C CB  . PHE A 1 5  ? 9.991   -5.819  0.226   1.00 68.10  ? 59  PHE A CB  1 
ATOM   21  C CG  . PHE A 1 5  ? 10.430  -6.969  -0.619  1.00 76.10  ? 59  PHE A CG  1 
ATOM   22  C CD1 . PHE A 1 5  ? 9.584   -8.045  -0.850  1.00 77.20  ? 59  PHE A CD1 1 
ATOM   23  C CD2 . PHE A 1 5  ? 11.685  -6.970  -1.199  1.00 85.82  ? 59  PHE A CD2 1 
ATOM   24  C CE1 . PHE A 1 5  ? 9.989   -9.107  -1.632  1.00 81.26  ? 59  PHE A CE1 1 
ATOM   25  C CE2 . PHE A 1 5  ? 12.095  -8.027  -1.981  1.00 90.16  ? 59  PHE A CE2 1 
ATOM   26  C CZ  . PHE A 1 5  ? 11.246  -9.097  -2.199  1.00 86.27  ? 59  PHE A CZ  1 
ATOM   27  N N   . GLU A 1 6  ? 10.439  -3.884  2.618   1.00 71.69  ? 60  GLU A N   1 
ATOM   28  C CA  . GLU A 1 6  ? 10.100  -2.659  3.323   1.00 63.09  ? 60  GLU A CA  1 
ATOM   29  C C   . GLU A 1 6  ? 9.291   -1.737  2.432   1.00 67.19  ? 60  GLU A C   1 
ATOM   30  O O   . GLU A 1 6  ? 9.603   -1.560  1.251   1.00 73.29  ? 60  GLU A O   1 
ATOM   31  C CB  . GLU A 1 6  ? 11.363  -1.947  3.792   1.00 75.89  ? 60  GLU A CB  1 
ATOM   32  C CG  . GLU A 1 6  ? 11.063  -0.712  4.606   1.00 85.82  ? 60  GLU A CG  1 
ATOM   33  C CD  . GLU A 1 6  ? 12.234  -0.265  5.441   1.00 96.62  ? 60  GLU A CD  1 
ATOM   34  O OE1 . GLU A 1 6  ? 13.341  -0.818  5.263   1.00 101.65 ? 60  GLU A OE1 1 
ATOM   35  O OE2 . GLU A 1 6  ? 12.045  0.644   6.277   1.00 101.91 ? 60  GLU A OE2 1 
ATOM   36  N N   . VAL A 1 7  ? 8.243   -1.154  3.005   1.00 66.26  ? 61  VAL A N   1 
ATOM   37  C CA  . VAL A 1 7  ? 7.309   -0.304  2.282   1.00 64.18  ? 61  VAL A CA  1 
ATOM   38  C C   . VAL A 1 7  ? 7.720   1.146   2.474   1.00 72.95  ? 61  VAL A C   1 
ATOM   39  O O   . VAL A 1 7  ? 7.982   1.581   3.604   1.00 74.17  ? 61  VAL A O   1 
ATOM   40  C CB  . VAL A 1 7  ? 5.868   -0.530  2.764   1.00 59.10  ? 61  VAL A CB  1 
ATOM   41  C CG1 . VAL A 1 7  ? 4.950   0.518   2.183   1.00 58.11  ? 61  VAL A CG1 1 
ATOM   42  C CG2 . VAL A 1 7  ? 5.395   -1.907  2.348   1.00 64.46  ? 61  VAL A CG2 1 
ATOM   43  N N   . GLU A 1 8  ? 7.786   1.898   1.373   1.00 66.13  ? 62  GLU A N   1 
ATOM   44  C CA  . GLU A 1 8  ? 8.056   3.330   1.478   1.00 71.44  ? 62  GLU A CA  1 
ATOM   45  C C   . GLU A 1 8  ? 6.780   4.097   1.812   1.00 71.56  ? 62  GLU A C   1 
ATOM   46  O O   . GLU A 1 8  ? 6.716   4.811   2.817   1.00 71.12  ? 62  GLU A O   1 
ATOM   47  C CB  . GLU A 1 8  ? 8.681   3.853   0.182   1.00 66.71  ? 62  GLU A CB  1 
ATOM   48  C CG  . GLU A 1 8  ? 8.729   5.371   0.069   1.00 78.84  ? 62  GLU A CG  1 
ATOM   49  C CD  . GLU A 1 8  ? 9.758   6.009   0.985   1.00 111.32 ? 62  GLU A CD  1 
ATOM   50  O OE1 . GLU A 1 8  ? 10.559  5.275   1.614   1.00 121.05 ? 62  GLU A OE1 1 
ATOM   51  O OE2 . GLU A 1 8  ? 9.771   7.257   1.067   1.00 123.90 ? 62  GLU A OE2 1 
ATOM   52  N N   . LYS A 1 9  ? 5.753   3.958   0.983   1.00 63.44  ? 63  LYS A N   1 
ATOM   53  C CA  . LYS A 1 9  ? 4.471   4.594   1.260   1.00 68.33  ? 63  LYS A CA  1 
ATOM   54  C C   . LYS A 1 9  ? 3.390   3.869   0.480   1.00 66.02  ? 63  LYS A C   1 
ATOM   55  O O   . LYS A 1 9  ? 3.674   3.100   -0.443  1.00 61.76  ? 63  LYS A O   1 
ATOM   56  C CB  . LYS A 1 9  ? 4.477   6.080   0.893   1.00 69.62  ? 63  LYS A CB  1 
ATOM   57  C CG  . LYS A 1 9  ? 4.659   6.337   -0.584  1.00 68.87  ? 63  LYS A CG  1 
ATOM   58  C CD  . LYS A 1 9  ? 4.462   7.802   -0.921  1.00 79.61  ? 63  LYS A CD  1 
ATOM   59  C CE  . LYS A 1 9  ? 5.508   8.258   -1.931  1.00 88.54  ? 63  LYS A CE  1 
ATOM   60  N NZ  . LYS A 1 9  ? 5.126   9.515   -2.622  1.00 88.80  ? 63  LYS A NZ  1 
ATOM   61  N N   . ILE A 1 10 ? 2.144   4.125   0.874   1.00 59.49  ? 64  ILE A N   1 
ATOM   62  C CA  . ILE A 1 10 ? 0.962   3.666   0.154   1.00 54.73  ? 64  ILE A CA  1 
ATOM   63  C C   . ILE A 1 10 ? 0.570   4.738   -0.859  1.00 59.45  ? 64  ILE A C   1 
ATOM   64  O O   . ILE A 1 10 ? 0.465   5.917   -0.509  1.00 57.73  ? 64  ILE A O   1 
ATOM   65  C CB  . ILE A 1 10 ? -0.192  3.389   1.136   1.00 54.72  ? 64  ILE A CB  1 
ATOM   66  C CG1 . ILE A 1 10 ? 0.234   2.398   2.222   1.00 62.15  ? 64  ILE A CG1 1 
ATOM   67  C CG2 . ILE A 1 10 ? -1.426  2.930   0.384   1.00 58.12  ? 64  ILE A CG2 1 
ATOM   68  C CD1 . ILE A 1 10 ? 0.435   0.997   1.722   1.00 58.95  ? 64  ILE A CD1 1 
ATOM   69  N N   . LEU A 1 11 ? 0.348   4.341   -2.114  1.00 55.08  ? 65  LEU A N   1 
ATOM   70  C CA  . LEU A 1 11 ? 0.123   5.309   -3.180  1.00 49.83  ? 65  LEU A CA  1 
ATOM   71  C C   . LEU A 1 11 ? -1.339  5.531   -3.517  1.00 57.23  ? 65  LEU A C   1 
ATOM   72  O O   . LEU A 1 11 ? -1.709  6.649   -3.892  1.00 56.05  ? 65  LEU A O   1 
ATOM   73  C CB  . LEU A 1 11 ? 0.833   4.874   -4.464  1.00 48.18  ? 65  LEU A CB  1 
ATOM   74  C CG  . LEU A 1 11 ? 2.345   4.712   -4.347  1.00 54.20  ? 65  LEU A CG  1 
ATOM   75  C CD1 . LEU A 1 11 ? 2.833   3.871   -5.507  1.00 54.17  ? 65  LEU A CD1 1 
ATOM   76  C CD2 . LEU A 1 11 ? 2.985   6.089   -4.365  1.00 52.51  ? 65  LEU A CD2 1 
ATOM   77  N N   . ASP A 1 12 ? -2.169  4.497   -3.429  1.00 52.04  ? 66  ASP A N   1 
ATOM   78  C CA  . ASP A 1 12 ? -3.571  4.576   -3.823  1.00 50.83  ? 66  ASP A CA  1 
ATOM   79  C C   . ASP A 1 12 ? -4.234  3.296   -3.332  1.00 49.58  ? 66  ASP A C   1 
ATOM   80  O O   . ASP A 1 12 ? -3.567  2.371   -2.872  1.00 54.10  ? 66  ASP A O   1 
ATOM   81  C CB  . ASP A 1 12 ? -3.743  4.734   -5.340  1.00 52.06  ? 66  ASP A CB  1 
ATOM   82  C CG  . ASP A 1 12 ? -3.674  6.194   -5.810  1.00 68.23  ? 66  ASP A CG  1 
ATOM   83  O OD1 . ASP A 1 12 ? -4.447  7.055   -5.309  1.00 59.58  ? 66  ASP A OD1 1 
ATOM   84  O OD2 . ASP A 1 12 ? -2.838  6.481   -6.702  1.00 65.79  ? 66  ASP A OD2 1 
ATOM   85  N N   . MET A 1 13 ? -5.548  3.244   -3.458  1.00 47.33  ? 67  MET A N   1 
ATOM   86  C CA  . MET A 1 13 ? -6.314  2.053   -3.119  1.00 46.57  ? 67  MET A CA  1 
ATOM   87  C C   . MET A 1 13 ? -7.331  1.777   -4.209  1.00 49.54  ? 67  MET A C   1 
ATOM   88  O O   . MET A 1 13 ? -7.686  2.661   -4.990  1.00 49.97  ? 67  MET A O   1 
ATOM   89  C CB  . MET A 1 13 ? -7.060  2.229   -1.816  1.00 49.74  ? 67  MET A CB  1 
ATOM   90  C CG  . MET A 1 13 ? -8.253  3.084   -2.064  1.00 73.28  ? 67  MET A CG  1 
ATOM   91  S SD  . MET A 1 13 ? -9.551  2.413   -1.098  1.00 97.86  ? 67  MET A SD  1 
ATOM   92  C CE  . MET A 1 13 ? -8.882  2.842   0.511   1.00 73.25  ? 67  MET A CE  1 
ATOM   93  N N   . LYS A 1 14 ? -7.810  0.534   -4.253  1.00 44.20  ? 68  LYS A N   1 
ATOM   94  C CA  . LYS A 1 14 ? -8.875  0.187   -5.178  1.00 53.79  ? 68  LYS A CA  1 
ATOM   95  C C   . LYS A 1 14 ? -9.541  -1.077  -4.676  1.00 52.49  ? 68  LYS A C   1 
ATOM   96  O O   . LYS A 1 14 ? -8.986  -1.796  -3.849  1.00 55.62  ? 68  LYS A O   1 
ATOM   97  C CB  . LYS A 1 14 ? -8.346  -0.014  -6.605  1.00 44.50  ? 68  LYS A CB  1 
ATOM   98  C CG  . LYS A 1 14 ? -7.612  -1.327  -6.853  1.00 52.89  ? 68  LYS A CG  1 
ATOM   99  C CD  . LYS A 1 14 ? -7.307  -1.488  -8.356  1.00 50.68  ? 68  LYS A CD  1 
ATOM   100 C CE  . LYS A 1 14 ? -6.206  -2.507  -8.618  1.00 63.10  ? 68  LYS A CE  1 
ATOM   101 N NZ  . LYS A 1 14 ? -5.887  -2.683  -10.076 1.00 69.93  ? 68  LYS A NZ  1 
ATOM   102 N N   . THR A 1 15 ? -10.748 -1.330  -5.163  1.00 54.10  ? 69  THR A N   1 
ATOM   103 C CA  . THR A 1 15 ? -11.346 -2.645  -4.981  1.00 47.19  ? 69  THR A CA  1 
ATOM   104 C C   . THR A 1 15 ? -11.275 -3.408  -6.295  1.00 61.07  ? 69  THR A C   1 
ATOM   105 O O   . THR A 1 15 ? -11.222 -2.822  -7.380  1.00 53.41  ? 69  THR A O   1 
ATOM   106 C CB  . THR A 1 15 ? -12.804 -2.567  -4.535  1.00 54.47  ? 69  THR A CB  1 
ATOM   107 O OG1 . THR A 1 15 ? -13.555 -1.833  -5.505  1.00 54.86  ? 69  THR A OG1 1 
ATOM   108 C CG2 . THR A 1 15 ? -12.944 -1.906  -3.146  1.00 52.03  ? 69  THR A CG2 1 
ATOM   109 N N   . GLU A 1 16 ? -11.311 -4.727  -6.183  1.00 59.94  ? 70  GLU A N   1 
ATOM   110 C CA  . GLU A 1 16 ? -11.272 -5.600  -7.346  1.00 58.95  ? 70  GLU A CA  1 
ATOM   111 C C   . GLU A 1 16 ? -11.941 -6.894  -6.925  1.00 61.89  ? 70  GLU A C   1 
ATOM   112 O O   . GLU A 1 16 ? -11.516 -7.509  -5.942  1.00 61.89  ? 70  GLU A O   1 
ATOM   113 C CB  . GLU A 1 16 ? -9.826  -5.829  -7.793  1.00 57.99  ? 70  GLU A CB  1 
ATOM   114 C CG  . GLU A 1 16 ? -9.634  -6.499  -9.135  1.00 63.52  ? 70  GLU A CG  1 
ATOM   115 C CD  . GLU A 1 16 ? -8.160  -6.777  -9.421  1.00 73.93  ? 70  GLU A CD  1 
ATOM   116 O OE1 . GLU A 1 16 ? -7.510  -5.901  -10.042 1.00 75.97  ? 70  GLU A OE1 1 
ATOM   117 O OE2 . GLU A 1 16 ? -7.639  -7.855  -9.001  1.00 66.91  ? 70  GLU A OE2 1 
ATOM   118 N N   . GLY A 1 17 ? -13.010 -7.272  -7.621  1.00 71.48  ? 71  GLY A N   1 
ATOM   119 C CA  . GLY A 1 17 ? -13.718 -8.493  -7.290  1.00 75.05  ? 71  GLY A CA  1 
ATOM   120 C C   . GLY A 1 17 ? -14.146 -8.562  -5.838  1.00 80.28  ? 71  GLY A C   1 
ATOM   121 O O   . GLY A 1 17 ? -14.182 -9.649  -5.252  1.00 82.07  ? 71  GLY A O   1 
ATOM   122 N N   . GLY A 1 18 ? -14.439 -7.405  -5.238  1.00 70.57  ? 72  GLY A N   1 
ATOM   123 C CA  . GLY A 1 18 ? -14.986 -7.351  -3.894  1.00 71.56  ? 72  GLY A CA  1 
ATOM   124 C C   . GLY A 1 18 ? -13.979 -7.297  -2.767  1.00 71.99  ? 72  GLY A C   1 
ATOM   125 O O   . GLY A 1 18 ? -14.387 -7.341  -1.596  1.00 65.31  ? 72  GLY A O   1 
ATOM   126 N N   . LYS A 1 19 ? -12.683 -7.216  -3.077  1.00 66.22  ? 73  LYS A N   1 
ATOM   127 C CA  . LYS A 1 19 ? -11.627 -7.110  -2.079  1.00 73.18  ? 73  LYS A CA  1 
ATOM   128 C C   . LYS A 1 19 ? -10.867 -5.802  -2.270  1.00 65.99  ? 73  LYS A C   1 
ATOM   129 O O   . LYS A 1 19 ? -10.804 -5.261  -3.375  1.00 58.97  ? 73  LYS A O   1 
ATOM   130 C CB  . LYS A 1 19 ? -10.648 -8.300  -2.164  1.00 77.96  ? 73  LYS A CB  1 
ATOM   131 C CG  . LYS A 1 19 ? -11.319 -9.635  -2.461  1.00 79.85  ? 73  LYS A CG  1 
ATOM   132 C CD  . LYS A 1 19 ? -11.678 -10.377 -1.189  1.00 86.74  ? 73  LYS A CD  1 
ATOM   133 C CE  . LYS A 1 19 ? -10.446 -10.944 -0.511  1.00 88.03  ? 73  LYS A CE  1 
ATOM   134 N NZ  . LYS A 1 19 ? -10.631 -11.020 0.961   1.00 93.17  ? 73  LYS A NZ  1 
ATOM   135 N N   . VAL A 1 20 ? -10.283 -5.300  -1.174  1.00 57.04  ? 74  VAL A N   1 
ATOM   136 C CA  . VAL A 1 20 ? -9.516  -4.057  -1.170  1.00 55.92  ? 74  VAL A CA  1 
ATOM   137 C C   . VAL A 1 20 ? -8.063  -4.365  -1.486  1.00 57.31  ? 74  VAL A C   1 
ATOM   138 O O   . VAL A 1 20 ? -7.489  -5.325  -0.963  1.00 58.49  ? 74  VAL A O   1 
ATOM   139 C CB  . VAL A 1 20 ? -9.631  -3.353  0.194   1.00 57.21  ? 74  VAL A CB  1 
ATOM   140 C CG1 . VAL A 1 20 ? -8.891  -2.019  0.169   1.00 58.36  ? 74  VAL A CG1 1 
ATOM   141 C CG2 . VAL A 1 20 ? -11.086 -3.180  0.591   1.00 60.82  ? 74  VAL A CG2 1 
ATOM   142 N N   . LEU A 1 21 ? -7.458  -3.540  -2.326  1.00 43.44  ? 75  LEU A N   1 
ATOM   143 C CA  . LEU A 1 21 ? -6.028  -3.593  -2.606  1.00 47.48  ? 75  LEU A CA  1 
ATOM   144 C C   . LEU A 1 21 ? -5.407  -2.215  -2.415  1.00 55.33  ? 75  LEU A C   1 
ATOM   145 O O   . LEU A 1 21 ? -6.049  -1.190  -2.657  1.00 52.56  ? 75  LEU A O   1 
ATOM   146 C CB  . LEU A 1 21 ? -5.740  -4.061  -4.049  1.00 51.82  ? 75  LEU A CB  1 
ATOM   147 C CG  . LEU A 1 21 ? -6.454  -5.314  -4.535  1.00 55.76  ? 75  LEU A CG  1 
ATOM   148 C CD1 . LEU A 1 21 ? -6.311  -5.410  -6.041  1.00 63.31  ? 75  LEU A CD1 1 
ATOM   149 C CD2 . LEU A 1 21 ? -5.794  -6.493  -3.900  1.00 59.69  ? 75  LEU A CD2 1 
ATOM   150 N N   . TYR A 1 22 ? -4.129  -2.195  -2.038  1.00 48.07  ? 76  TYR A N   1 
ATOM   151 C CA  . TYR A 1 22 ? -3.384  -0.958  -1.865  1.00 48.89  ? 76  TYR A CA  1 
ATOM   152 C C   . TYR A 1 22 ? -2.167  -0.976  -2.761  1.00 50.94  ? 76  TYR A C   1 
ATOM   153 O O   . TYR A 1 22 ? -1.471  -1.990  -2.846  1.00 48.70  ? 76  TYR A O   1 
ATOM   154 C CB  . TYR A 1 22 ? -2.944  -0.774  -0.416  1.00 54.53  ? 76  TYR A CB  1 
ATOM   155 C CG  . TYR A 1 22 ? -4.094  -0.483  0.509   1.00 56.37  ? 76  TYR A CG  1 
ATOM   156 C CD1 . TYR A 1 22 ? -4.565  0.811   0.673   1.00 53.24  ? 76  TYR A CD1 1 
ATOM   157 C CD2 . TYR A 1 22 ? -4.716  -1.506  1.221   1.00 65.78  ? 76  TYR A CD2 1 
ATOM   158 C CE1 . TYR A 1 22 ? -5.636  1.080   1.518   1.00 65.72  ? 76  TYR A CE1 1 
ATOM   159 C CE2 . TYR A 1 22 ? -5.774  -1.245  2.062   1.00 64.75  ? 76  TYR A CE2 1 
ATOM   160 C CZ  . TYR A 1 22 ? -6.228  0.045   2.215   1.00 70.59  ? 76  TYR A CZ  1 
ATOM   161 O OH  . TYR A 1 22 ? -7.290  0.300   3.061   1.00 72.92  ? 76  TYR A OH  1 
ATOM   162 N N   . LYS A 1 23 ? -1.917  0.147   -3.434  1.00 48.38  ? 77  LYS A N   1 
ATOM   163 C CA  . LYS A 1 23 ? -0.743  0.265   -4.287  1.00 42.09  ? 77  LYS A CA  1 
ATOM   164 C C   . LYS A 1 23 ? 0.441   0.669   -3.440  1.00 52.04  ? 77  LYS A C   1 
ATOM   165 O O   . LYS A 1 23 ? 0.389   1.676   -2.724  1.00 52.63  ? 77  LYS A O   1 
ATOM   166 C CB  . LYS A 1 23 ? -0.981  1.295   -5.395  1.00 43.82  ? 77  LYS A CB  1 
ATOM   167 C CG  . LYS A 1 23 ? 0.087   1.288   -6.493  1.00 44.62  ? 77  LYS A CG  1 
ATOM   168 C CD  . LYS A 1 23 ? -0.273  2.373   -7.516  1.00 51.34  ? 77  LYS A CD  1 
ATOM   169 C CE  . LYS A 1 23 ? 0.729   2.423   -8.638  1.00 60.27  ? 77  LYS A CE  1 
ATOM   170 N NZ  . LYS A 1 23 ? 0.337   3.425   -9.679  1.00 63.82  ? 77  LYS A NZ  1 
ATOM   171 N N   . VAL A 1 24 ? 1.513   -0.110  -3.521  1.00 49.82  ? 78  VAL A N   1 
ATOM   172 C CA  . VAL A 1 24 ? 2.643   0.018   -2.618  1.00 47.64  ? 78  VAL A CA  1 
ATOM   173 C C   . VAL A 1 24 ? 3.827   0.566   -3.401  1.00 60.06  ? 78  VAL A C   1 
ATOM   174 O O   . VAL A 1 24 ? 4.166   0.048   -4.469  1.00 51.76  ? 78  VAL A O   1 
ATOM   175 C CB  . VAL A 1 24 ? 2.997   -1.328  -1.965  1.00 53.53  ? 78  VAL A CB  1 
ATOM   176 C CG1 . VAL A 1 24 ? 4.248   -1.191  -1.137  1.00 51.37  ? 78  VAL A CG1 1 
ATOM   177 C CG2 . VAL A 1 24 ? 1.836   -1.830  -1.107  1.00 55.16  ? 78  VAL A CG2 1 
ATOM   178 N N   . ARG A 1 25 ? 4.440   1.620   -2.878  1.00 57.06  ? 79  ARG A N   1 
ATOM   179 C CA  . ARG A 1 25 ? 5.756   2.068   -3.310  1.00 53.19  ? 79  ARG A CA  1 
ATOM   180 C C   . ARG A 1 25 ? 6.781   1.402   -2.395  1.00 59.86  ? 79  ARG A C   1 
ATOM   181 O O   . ARG A 1 25 ? 6.745   1.602   -1.177  1.00 61.97  ? 79  ARG A O   1 
ATOM   182 C CB  . ARG A 1 25 ? 5.836   3.597   -3.237  1.00 56.01  ? 79  ARG A CB  1 
ATOM   183 C CG  . ARG A 1 25 ? 7.220   4.211   -3.366  1.00 57.23  ? 79  ARG A CG  1 
ATOM   184 C CD  . ARG A 1 25 ? 7.824   4.012   -4.748  1.00 60.14  ? 79  ARG A CD  1 
ATOM   185 N NE  . ARG A 1 25 ? 6.844   4.144   -5.817  1.00 57.94  ? 79  ARG A NE  1 
ATOM   186 C CZ  . ARG A 1 25 ? 6.347   5.304   -6.248  1.00 61.01  ? 79  ARG A CZ  1 
ATOM   187 N NH1 . ARG A 1 25 ? 6.744   6.446   -5.706  1.00 58.56  ? 79  ARG A NH1 1 
ATOM   188 N NH2 . ARG A 1 25 ? 5.451   5.321   -7.226  1.00 53.45  ? 79  ARG A NH2 1 
ATOM   189 N N   . TRP A 1 26 ? 7.670   0.595   -2.971  1.00 61.20  ? 80  TRP A N   1 
ATOM   190 C CA  . TRP A 1 26 ? 8.626   -0.185  -2.189  1.00 62.31  ? 80  TRP A CA  1 
ATOM   191 C C   . TRP A 1 26 ? 9.884   0.633   -1.938  1.00 70.28  ? 80  TRP A C   1 
ATOM   192 O O   . TRP A 1 26 ? 10.413  1.265   -2.860  1.00 71.32  ? 80  TRP A O   1 
ATOM   193 C CB  . TRP A 1 26 ? 8.970   -1.489  -2.914  1.00 63.42  ? 80  TRP A CB  1 
ATOM   194 C CG  . TRP A 1 26 ? 7.755   -2.338  -3.130  1.00 56.52  ? 80  TRP A CG  1 
ATOM   195 C CD1 . TRP A 1 26 ? 6.974   -2.420  -4.270  1.00 54.42  ? 80  TRP A CD1 1 
ATOM   196 C CD2 . TRP A 1 26 ? 7.150   -3.195  -2.165  1.00 58.09  ? 80  TRP A CD2 1 
ATOM   197 N NE1 . TRP A 1 26 ? 5.923   -3.293  -4.056  1.00 50.74  ? 80  TRP A NE1 1 
ATOM   198 C CE2 . TRP A 1 26 ? 6.016   -3.782  -2.774  1.00 56.81  ? 80  TRP A CE2 1 
ATOM   199 C CE3 . TRP A 1 26 ? 7.458   -3.526  -0.836  1.00 57.25  ? 80  TRP A CE3 1 
ATOM   200 C CZ2 . TRP A 1 26 ? 5.199   -4.688  -2.103  1.00 62.80  ? 80  TRP A CZ2 1 
ATOM   201 C CZ3 . TRP A 1 26 ? 6.640   -4.421  -0.171  1.00 60.08  ? 80  TRP A CZ3 1 
ATOM   202 C CH2 . TRP A 1 26 ? 5.524   -4.994  -0.808  1.00 59.76  ? 80  TRP A CH2 1 
ATOM   203 N N   . LYS A 1 27 ? 10.362  0.621   -0.693  1.00 70.16  ? 81  LYS A N   1 
ATOM   204 C CA  . LYS A 1 27 ? 11.517  1.441   -0.346  1.00 69.63  ? 81  LYS A CA  1 
ATOM   205 C C   . LYS A 1 27 ? 12.738  0.971   -1.114  1.00 75.70  ? 81  LYS A C   1 
ATOM   206 O O   . LYS A 1 27 ? 13.008  -0.232  -1.203  1.00 81.17  ? 81  LYS A O   1 
ATOM   207 C CB  . LYS A 1 27 ? 11.798  1.401   1.160   1.00 77.78  ? 81  LYS A CB  1 
ATOM   208 C CG  . LYS A 1 27 ? 12.471  2.685   1.667   1.00 80.92  ? 81  LYS A CG  1 
ATOM   209 C CD  . LYS A 1 27 ? 12.868  2.628   3.133   1.00 86.10  ? 81  LYS A CD  1 
ATOM   210 C CE  . LYS A 1 27 ? 14.320  2.184   3.287   1.00 103.21 ? 81  LYS A CE  1 
ATOM   211 N NZ  . LYS A 1 27 ? 15.283  3.324   3.332   1.00 113.28 ? 81  LYS A NZ  1 
ATOM   212 N N   . GLY A 1 28 ? 13.480  1.926   -1.667  1.00 76.14  ? 82  GLY A N   1 
ATOM   213 C CA  . GLY A 1 28 ? 14.638  1.622   -2.473  1.00 81.35  ? 82  GLY A CA  1 
ATOM   214 C C   . GLY A 1 28 ? 14.334  1.280   -3.913  1.00 81.25  ? 82  GLY A C   1 
ATOM   215 O O   . GLY A 1 28 ? 15.266  0.985   -4.673  1.00 84.36  ? 82  GLY A O   1 
ATOM   216 N N   . TYR A 1 29 ? 13.072  1.299   -4.313  1.00 70.19  ? 83  TYR A N   1 
ATOM   217 C CA  . TYR A 1 29 ? 12.665  1.039   -5.681  1.00 72.04  ? 83  TYR A CA  1 
ATOM   218 C C   . TYR A 1 29 ? 11.944  2.260   -6.233  1.00 75.85  ? 83  TYR A C   1 
ATOM   219 O O   . TYR A 1 29 ? 11.653  3.220   -5.511  1.00 68.43  ? 83  TYR A O   1 
ATOM   220 C CB  . TYR A 1 29 ? 11.751  -0.190  -5.768  1.00 70.09  ? 83  TYR A CB  1 
ATOM   221 C CG  . TYR A 1 29 ? 12.424  -1.473  -5.384  1.00 76.25  ? 83  TYR A CG  1 
ATOM   222 C CD1 . TYR A 1 29 ? 12.660  -1.785  -4.057  1.00 85.90  ? 83  TYR A CD1 1 
ATOM   223 C CD2 . TYR A 1 29 ? 12.829  -2.376  -6.352  1.00 79.96  ? 83  TYR A CD2 1 
ATOM   224 C CE1 . TYR A 1 29 ? 13.280  -2.966  -3.702  1.00 82.39  ? 83  TYR A CE1 1 
ATOM   225 C CE2 . TYR A 1 29 ? 13.448  -3.560  -6.013  1.00 83.35  ? 83  TYR A CE2 1 
ATOM   226 C CZ  . TYR A 1 29 ? 13.671  -3.854  -4.688  1.00 89.08  ? 83  TYR A CZ  1 
ATOM   227 O OH  . TYR A 1 29 ? 14.292  -5.036  -4.347  1.00 100.61 ? 83  TYR A OH  1 
ATOM   228 N N   . THR A 1 30 ? 11.630  2.193   -7.526  1.00 72.36  ? 84  THR A N   1 
ATOM   229 C CA  . THR A 1 30 ? 10.994  3.268   -8.262  1.00 68.05  ? 84  THR A CA  1 
ATOM   230 C C   . THR A 1 30 ? 9.545   2.906   -8.570  1.00 68.11  ? 84  THR A C   1 
ATOM   231 O O   . THR A 1 30 ? 9.030   1.865   -8.138  1.00 65.69  ? 84  THR A O   1 
ATOM   232 C CB  . THR A 1 30 ? 11.776  3.542   -9.544  1.00 73.71  ? 84  THR A CB  1 
ATOM   233 O OG1 . THR A 1 30 ? 11.472  2.523   -10.504 1.00 71.98  ? 84  THR A OG1 1 
ATOM   234 C CG2 . THR A 1 30 ? 13.248  3.519   -9.265  1.00 78.92  ? 84  THR A CG2 1 
ATOM   235 N N   . SER A 1 31 ? 8.878   3.770   -9.343  1.00 60.55  ? 85  SER A N   1 
ATOM   236 C CA  . SER A 1 31 ? 7.503   3.491   -9.739  1.00 55.18  ? 85  SER A CA  1 
ATOM   237 C C   . SER A 1 31 ? 7.406   2.303   -10.691 1.00 55.75  ? 85  SER A C   1 
ATOM   238 O O   . SER A 1 31 ? 6.311   1.756   -10.869 1.00 59.56  ? 85  SER A O   1 
ATOM   239 C CB  . SER A 1 31 ? 6.875   4.728   -10.392 1.00 70.79  ? 85  SER A CB  1 
ATOM   240 O OG  . SER A 1 31 ? 7.325   4.885   -11.725 1.00 74.03  ? 85  SER A OG  1 
ATOM   241 N N   . ASP A 1 32 ? 8.518   1.890   -11.294 1.00 59.64  ? 86  ASP A N   1 
ATOM   242 C CA  . ASP A 1 32 ? 8.528   0.714   -12.154 1.00 63.87  ? 86  ASP A CA  1 
ATOM   243 C C   . ASP A 1 32 ? 8.272   -0.579  -11.386 1.00 69.24  ? 86  ASP A C   1 
ATOM   244 O O   . ASP A 1 32 ? 7.920   -1.596  -12.000 1.00 66.33  ? 86  ASP A O   1 
ATOM   245 C CB  . ASP A 1 32 ? 9.866   0.631   -12.868 1.00 65.06  ? 86  ASP A CB  1 
ATOM   246 C CG  . ASP A 1 32 ? 10.059  1.752   -13.876 1.00 66.06  ? 86  ASP A CG  1 
ATOM   247 O OD1 . ASP A 1 32 ? 9.050   2.318   -14.354 1.00 61.85  ? 86  ASP A OD1 1 
ATOM   248 O OD2 . ASP A 1 32 ? 11.221  2.051   -14.197 1.00 61.98  ? 86  ASP A OD2 1 
ATOM   249 N N   . ASP A 1 33 ? 8.431   -0.563  -10.065 1.00 66.09  ? 87  ASP A N   1 
ATOM   250 C CA  . ASP A 1 33 ? 8.303   -1.760  -9.242  1.00 61.53  ? 87  ASP A CA  1 
ATOM   251 C C   . ASP A 1 33 ? 7.092   -1.728  -8.322  1.00 64.29  ? 87  ASP A C   1 
ATOM   252 O O   . ASP A 1 33 ? 6.992   -2.566  -7.418  1.00 59.81  ? 87  ASP A O   1 
ATOM   253 C CB  . ASP A 1 33 ? 9.573   -1.952  -8.426  1.00 60.74  ? 87  ASP A CB  1 
ATOM   254 C CG  . ASP A 1 33 ? 10.745  -2.335  -9.296  1.00 83.52  ? 87  ASP A CG  1 
ATOM   255 O OD1 . ASP A 1 33 ? 10.655  -3.413  -9.934  1.00 80.12  ? 87  ASP A OD1 1 
ATOM   256 O OD2 . ASP A 1 33 ? 11.727  -1.553  -9.359  1.00 90.25  ? 87  ASP A OD2 1 
ATOM   257 N N   . ASP A 1 34 ? 6.170   -0.794  -8.532  1.00 53.10  ? 88  ASP A N   1 
ATOM   258 C CA  . ASP A 1 34 ? 4.977   -0.719  -7.699  1.00 54.98  ? 88  ASP A CA  1 
ATOM   259 C C   . ASP A 1 34 ? 4.116   -1.954  -7.894  1.00 60.83  ? 88  ASP A C   1 
ATOM   260 O O   . ASP A 1 34 ? 3.976   -2.463  -9.006  1.00 51.62  ? 88  ASP A O   1 
ATOM   261 C CB  . ASP A 1 34 ? 4.131   0.512   -8.044  1.00 58.16  ? 88  ASP A CB  1 
ATOM   262 C CG  . ASP A 1 34 ? 4.826   1.820   -7.739  1.00 64.90  ? 88  ASP A CG  1 
ATOM   263 O OD1 . ASP A 1 34 ? 5.839   1.818   -6.999  1.00 62.02  ? 88  ASP A OD1 1 
ATOM   264 O OD2 . ASP A 1 34 ? 4.327   2.859   -8.239  1.00 58.69  ? 88  ASP A OD2 1 
ATOM   265 N N   . THR A 1 35 ? 3.488   -2.408  -6.823  1.00 45.45  ? 89  THR A N   1 
ATOM   266 C CA  . THR A 1 35 ? 2.527   -3.487  -6.962  1.00 47.64  ? 89  THR A CA  1 
ATOM   267 C C   . THR A 1 35 ? 1.263   -3.138  -6.198  1.00 50.19  ? 89  THR A C   1 
ATOM   268 O O   . THR A 1 35 ? 1.254   -2.270  -5.318  1.00 50.06  ? 89  THR A O   1 
ATOM   269 C CB  . THR A 1 35 ? 3.090   -4.801  -6.430  1.00 50.89  ? 89  THR A CB  1 
ATOM   270 O OG1 . THR A 1 35 ? 3.533   -4.582  -5.091  1.00 58.74  ? 89  THR A OG1 1 
ATOM   271 C CG2 . THR A 1 35 ? 4.266   -5.241  -7.265  1.00 55.23  ? 89  THR A CG2 1 
ATOM   272 N N   . TRP A 1 36 ? 0.195   -3.843  -6.548  1.00 46.55  ? 90  TRP A N   1 
ATOM   273 C CA  . TRP A 1 36 ? -1.061  -3.781  -5.831  1.00 46.49  ? 90  TRP A CA  1 
ATOM   274 C C   . TRP A 1 36 ? -1.087  -4.960  -4.877  1.00 54.29  ? 90  TRP A C   1 
ATOM   275 O O   . TRP A 1 36 ? -0.812  -6.098  -5.282  1.00 53.35  ? 90  TRP A O   1 
ATOM   276 C CB  . TRP A 1 36 ? -2.239  -3.837  -6.803  1.00 48.54  ? 90  TRP A CB  1 
ATOM   277 C CG  . TRP A 1 36 ? -2.391  -2.558  -7.599  1.00 48.68  ? 90  TRP A CG  1 
ATOM   278 C CD1 . TRP A 1 36 ? -1.831  -2.270  -8.813  1.00 54.10  ? 90  TRP A CD1 1 
ATOM   279 C CD2 . TRP A 1 36 ? -3.137  -1.407  -7.213  1.00 46.11  ? 90  TRP A CD2 1 
ATOM   280 N NE1 . TRP A 1 36 ? -2.186  -0.999  -9.203  1.00 51.75  ? 90  TRP A NE1 1 
ATOM   281 C CE2 . TRP A 1 36 ? -2.993  -0.452  -8.234  1.00 49.32  ? 90  TRP A CE2 1 
ATOM   282 C CE3 . TRP A 1 36 ? -3.913  -1.088  -6.094  1.00 50.12  ? 90  TRP A CE3 1 
ATOM   283 C CZ2 . TRP A 1 36 ? -3.604  0.798   -8.177  1.00 54.14  ? 90  TRP A CZ2 1 
ATOM   284 C CZ3 . TRP A 1 36 ? -4.522  0.161   -6.038  1.00 54.05  ? 90  TRP A CZ3 1 
ATOM   285 C CH2 . TRP A 1 36 ? -4.364  1.086   -7.072  1.00 51.67  ? 90  TRP A CH2 1 
ATOM   286 N N   . GLU A 1 37 ? -1.378  -4.685  -3.612  1.00 53.41  ? 91  GLU A N   1 
ATOM   287 C CA  . GLU A 1 37 ? -1.310  -5.728  -2.606  1.00 53.16  ? 91  GLU A CA  1 
ATOM   288 C C   . GLU A 1 37 ? -2.611  -5.797  -1.825  1.00 54.28  ? 91  GLU A C   1 
ATOM   289 O O   . GLU A 1 37 ? -3.191  -4.754  -1.480  1.00 55.75  ? 91  GLU A O   1 
ATOM   290 C CB  . GLU A 1 37 ? -0.149  -5.490  -1.635  1.00 56.67  ? 91  GLU A CB  1 
ATOM   291 C CG  . GLU A 1 37 ? 1.201   -5.470  -2.286  1.00 53.90  ? 91  GLU A CG  1 
ATOM   292 C CD  . GLU A 1 37 ? 1.587   -6.823  -2.868  1.00 66.04  ? 91  GLU A CD  1 
ATOM   293 O OE1 . GLU A 1 37 ? 1.029   -7.850  -2.419  1.00 62.20  ? 91  GLU A OE1 1 
ATOM   294 O OE2 . GLU A 1 37 ? 2.436   -6.852  -3.794  1.00 56.05  ? 91  GLU A OE2 1 
ATOM   295 N N   . PRO A 1 38 ? -3.084  -7.002  -1.516  1.00 59.85  ? 92  PRO A N   1 
ATOM   296 C CA  . PRO A 1 38 ? -4.265  -7.133  -0.659  1.00 59.06  ? 92  PRO A CA  1 
ATOM   297 C C   . PRO A 1 38 ? -3.981  -6.658  0.759   1.00 67.11  ? 92  PRO A C   1 
ATOM   298 O O   . PRO A 1 38 ? -2.835  -6.600  1.211   1.00 62.35  ? 92  PRO A O   1 
ATOM   299 C CB  . PRO A 1 38 ? -4.566  -8.637  -0.689  1.00 62.22  ? 92  PRO A CB  1 
ATOM   300 C CG  . PRO A 1 38 ? -3.270  -9.282  -1.092  1.00 65.29  ? 92  PRO A CG  1 
ATOM   301 C CD  . PRO A 1 38 ? -2.551  -8.304  -1.956  1.00 62.26  ? 92  PRO A CD  1 
ATOM   302 N N   . GLU A 1 39 ? -5.068  -6.316  1.464   1.00 69.84  ? 93  GLU A N   1 
ATOM   303 C CA  . GLU A 1 39 ? -4.970  -5.879  2.858   1.00 77.52  ? 93  GLU A CA  1 
ATOM   304 C C   . GLU A 1 39 ? -4.213  -6.876  3.724   1.00 73.09  ? 93  GLU A C   1 
ATOM   305 O O   . GLU A 1 39 ? -3.488  -6.492  4.647   1.00 81.25  ? 93  GLU A O   1 
ATOM   306 C CB  . GLU A 1 39 ? -6.371  -5.675  3.430   1.00 89.40  ? 93  GLU A CB  1 
ATOM   307 C CG  . GLU A 1 39 ? -7.008  -4.349  3.092   1.00 91.41  ? 93  GLU A CG  1 
ATOM   308 C CD  . GLU A 1 39 ? -8.406  -4.221  3.670   1.00 95.53  ? 93  GLU A CD  1 
ATOM   309 O OE1 . GLU A 1 39 ? -9.173  -5.205  3.578   1.00 99.46  ? 93  GLU A OE1 1 
ATOM   310 O OE2 . GLU A 1 39 ? -8.737  -3.141  4.208   1.00 90.15  ? 93  GLU A OE2 1 
ATOM   311 N N   . ILE A 1 40 ? -4.388  -8.164  3.447   1.00 78.20  ? 94  ILE A N   1 
ATOM   312 C CA  . ILE A 1 40 ? -3.768  -9.210  4.250   1.00 81.13  ? 94  ILE A CA  1 
ATOM   313 C C   . ILE A 1 40 ? -2.256  -9.031  4.322   1.00 84.77  ? 94  ILE A C   1 
ATOM   314 O O   . ILE A 1 40 ? -1.625  -9.311  5.351   1.00 82.04  ? 94  ILE A O   1 
ATOM   315 C CB  . ILE A 1 40 ? -4.155  -10.580 3.670   1.00 91.38  ? 94  ILE A CB  1 
ATOM   316 C CG1 . ILE A 1 40 ? -5.526  -10.982 4.211   1.00 97.48  ? 94  ILE A CG1 1 
ATOM   317 C CG2 . ILE A 1 40 ? -3.059  -11.619 3.908   1.00 98.51  ? 94  ILE A CG2 1 
ATOM   318 C CD1 . ILE A 1 40 ? -5.594  -10.985 5.719   1.00 99.53  ? 94  ILE A CD1 1 
ATOM   319 N N   . HIS A 1 41 ? -1.648  -8.574  3.232   1.00 76.04  ? 95  HIS A N   1 
ATOM   320 C CA  . HIS A 1 41 ? -0.201  -8.428  3.155   1.00 70.33  ? 95  HIS A CA  1 
ATOM   321 C C   . HIS A 1 41 ? 0.323   -7.204  3.894   1.00 62.48  ? 95  HIS A C   1 
ATOM   322 O O   . HIS A 1 41 ? 1.542   -7.058  4.032   1.00 65.90  ? 95  HIS A O   1 
ATOM   323 C CB  . HIS A 1 41 ? 0.233   -8.345  1.690   1.00 65.94  ? 95  HIS A CB  1 
ATOM   324 C CG  . HIS A 1 41 ? 0.118   -9.643  0.953   1.00 70.88  ? 95  HIS A CG  1 
ATOM   325 N ND1 . HIS A 1 41 ? 0.388   -9.757  -0.393  1.00 64.40  ? 95  HIS A ND1 1 
ATOM   326 C CD2 . HIS A 1 41 ? -0.241  -10.881 1.376   1.00 68.54  ? 95  HIS A CD2 1 
ATOM   327 C CE1 . HIS A 1 41 ? 0.207   -11.013 -0.769  1.00 71.99  ? 95  HIS A CE1 1 
ATOM   328 N NE2 . HIS A 1 41 ? -0.177  -11.713 0.284   1.00 73.44  ? 95  HIS A NE2 1 
ATOM   329 N N   . LEU A 1 42 ? -0.552  -6.318  4.351   1.00 63.15  ? 96  LEU A N   1 
ATOM   330 C CA  . LEU A 1 42 ? -0.135  -5.028  4.882   1.00 62.59  ? 96  LEU A CA  1 
ATOM   331 C C   . LEU A 1 42 ? -0.431  -4.900  6.370   1.00 69.62  ? 96  LEU A C   1 
ATOM   332 O O   . LEU A 1 42 ? -0.633  -3.792  6.868   1.00 71.51  ? 96  LEU A O   1 
ATOM   333 C CB  . LEU A 1 42 ? -0.811  -3.900  4.114   1.00 59.22  ? 96  LEU A CB  1 
ATOM   334 C CG  . LEU A 1 42 ? -0.357  -3.828  2.665   1.00 64.39  ? 96  LEU A CG  1 
ATOM   335 C CD1 . LEU A 1 42 ? -1.536  -3.446  1.781   1.00 61.70  ? 96  LEU A CD1 1 
ATOM   336 C CD2 . LEU A 1 42 ? 0.765   -2.819  2.564   1.00 73.88  ? 96  LEU A CD2 1 
ATOM   337 N N   . GLU A 1 43 ? -0.456  -6.017  7.095   1.00 72.98  ? 97  GLU A N   1 
ATOM   338 C CA  . GLU A 1 43 ? -0.823  -5.941  8.506   1.00 86.44  ? 97  GLU A CA  1 
ATOM   339 C C   . GLU A 1 43 ? 0.236   -5.235  9.341   1.00 86.74  ? 97  GLU A C   1 
ATOM   340 O O   . GLU A 1 43 ? -0.069  -4.761  10.442  1.00 97.77  ? 97  GLU A O   1 
ATOM   341 C CB  . GLU A 1 43 ? -1.083  -7.343  9.050   1.00 107.93 ? 97  GLU A CB  1 
ATOM   342 C CG  . GLU A 1 43 ? -2.265  -8.036  8.390   1.00 124.18 ? 97  GLU A CG  1 
ATOM   343 C CD  . GLU A 1 43 ? -2.402  -9.489  8.811   1.00 138.44 ? 97  GLU A CD  1 
ATOM   344 O OE1 . GLU A 1 43 ? -1.460  -10.016 9.440   1.00 145.01 ? 97  GLU A OE1 1 
ATOM   345 O OE2 . GLU A 1 43 ? -3.450  -10.105 8.511   1.00 142.01 ? 97  GLU A OE2 1 
ATOM   346 N N   . ASP A 1 44 ? 1.465   -5.156  8.844   1.00 79.25  ? 98  ASP A N   1 
ATOM   347 C CA  . ASP A 1 44 ? 2.538   -4.444  9.516   1.00 85.27  ? 98  ASP A CA  1 
ATOM   348 C C   . ASP A 1 44 ? 2.673   -3.006  9.037   1.00 85.37  ? 98  ASP A C   1 
ATOM   349 O O   . ASP A 1 44 ? 3.641   -2.324  9.390   1.00 82.60  ? 98  ASP A O   1 
ATOM   350 C CB  . ASP A 1 44 ? 3.855   -5.186  9.308   1.00 87.97  ? 98  ASP A CB  1 
ATOM   351 C CG  . ASP A 1 44 ? 4.931   -4.716  10.255  1.00 91.08  ? 98  ASP A CG  1 
ATOM   352 O OD1 . ASP A 1 44 ? 4.691   -4.760  11.481  1.00 87.53  ? 98  ASP A OD1 1 
ATOM   353 O OD2 . ASP A 1 44 ? 5.992   -4.280  9.760   1.00 92.30  ? 98  ASP A OD2 1 
ATOM   354 N N   . CYS A 1 45 ? 1.724   -2.528  8.248   1.00 77.97  ? 99  CYS A N   1 
ATOM   355 C CA  . CYS A 1 45 ? 1.828   -1.226  7.611   1.00 78.70  ? 99  CYS A CA  1 
ATOM   356 C C   . CYS A 1 45 ? 0.765   -0.269  8.122   1.00 81.28  ? 99  CYS A C   1 
ATOM   357 O O   . CYS A 1 45 ? 0.351   0.639   7.404   1.00 71.43  ? 99  CYS A O   1 
ATOM   358 C CB  . CYS A 1 45 ? 1.716   -1.366  6.098   1.00 79.02  ? 99  CYS A CB  1 
ATOM   359 S SG  . CYS A 1 45 ? 3.172   -2.045  5.386   1.00 81.09  ? 99  CYS A SG  1 
ATOM   360 N N   . LYS A 1 46 ? 0.303   -0.470  9.359   1.00 85.95  ? 100 LYS A N   1 
ATOM   361 C CA  . LYS A 1 46 ? -0.779  0.367   9.863   1.00 90.83  ? 100 LYS A CA  1 
ATOM   362 C C   . LYS A 1 46 ? -0.390  1.841   9.868   1.00 89.90  ? 100 LYS A C   1 
ATOM   363 O O   . LYS A 1 46 ? -1.199  2.689   9.482   1.00 88.83  ? 100 LYS A O   1 
ATOM   364 C CB  . LYS A 1 46 ? -1.203  -0.122  11.247  1.00 100.61 ? 100 LYS A CB  1 
ATOM   365 C CG  . LYS A 1 46 ? -1.432  -1.636  11.266  1.00 110.44 ? 100 LYS A CG  1 
ATOM   366 C CD  . LYS A 1 46 ? -2.366  -2.095  12.378  1.00 115.59 ? 100 LYS A CD  1 
ATOM   367 C CE  . LYS A 1 46 ? -1.603  -2.327  13.677  1.00 111.35 ? 100 LYS A CE  1 
ATOM   368 N NZ  . LYS A 1 46 ? -0.802  -3.589  13.654  1.00 107.03 ? 100 LYS A NZ  1 
ATOM   369 N N   . GLU A 1 47 ? 0.859   2.158   10.224  1.00 91.71  ? 101 GLU A N   1 
ATOM   370 C CA  . GLU A 1 47 ? 1.319   3.542   10.169  1.00 91.30  ? 101 GLU A CA  1 
ATOM   371 C C   . GLU A 1 47 ? 1.090   4.144   8.779   1.00 87.49  ? 101 GLU A C   1 
ATOM   372 O O   . GLU A 1 47 ? 0.313   5.091   8.620   1.00 82.63  ? 101 GLU A O   1 
ATOM   373 C CB  . GLU A 1 47 ? 2.798   3.644   10.610  1.00 112.30 ? 101 GLU A CB  1 
ATOM   374 C CG  . GLU A 1 47 ? 3.859   2.654   9.987   1.00 121.97 ? 101 GLU A CG  1 
ATOM   375 C CD  . GLU A 1 47 ? 5.216   2.630   10.765  1.00 121.92 ? 101 GLU A CD  1 
ATOM   376 O OE1 . GLU A 1 47 ? 5.199   2.691   12.015  1.00 117.24 ? 101 GLU A OE1 1 
ATOM   377 O OE2 . GLU A 1 47 ? 6.302   2.564   10.137  1.00 116.35 ? 101 GLU A OE2 1 
ATOM   378 N N   . VAL A 1 48 ? 1.699   3.561   7.746   1.00 79.43  ? 102 VAL A N   1 
ATOM   379 C CA  . VAL A 1 48 ? 1.649   4.189   6.426   1.00 75.82  ? 102 VAL A CA  1 
ATOM   380 C C   . VAL A 1 48 ? 0.231   4.171   5.836   1.00 79.04  ? 102 VAL A C   1 
ATOM   381 O O   . VAL A 1 48 ? -0.109  5.026   5.006   1.00 76.74  ? 102 VAL A O   1 
ATOM   382 C CB  . VAL A 1 48 ? 2.679   3.523   5.493   1.00 71.29  ? 102 VAL A CB  1 
ATOM   383 C CG1 . VAL A 1 48 ? 4.091   3.848   5.966   1.00 72.89  ? 102 VAL A CG1 1 
ATOM   384 C CG2 . VAL A 1 48 ? 2.483   2.032   5.479   1.00 73.15  ? 102 VAL A CG2 1 
ATOM   385 N N   . LEU A 1 49 ? -0.623  3.223   6.252   1.00 70.91  ? 103 LEU A N   1 
ATOM   386 C CA  . LEU A 1 49 ? -2.004  3.200   5.759   1.00 63.21  ? 103 LEU A CA  1 
ATOM   387 C C   . LEU A 1 49 ? -2.818  4.352   6.328   1.00 72.94  ? 103 LEU A C   1 
ATOM   388 O O   . LEU A 1 49 ? -3.628  4.971   5.618   1.00 68.93  ? 103 LEU A O   1 
ATOM   389 C CB  . LEU A 1 49 ? -2.681  1.876   6.112   1.00 67.63  ? 103 LEU A CB  1 
ATOM   390 C CG  . LEU A 1 49 ? -2.408  0.627   5.276   1.00 74.49  ? 103 LEU A CG  1 
ATOM   391 C CD1 . LEU A 1 49 ? -2.984  -0.613  5.954   1.00 73.88  ? 103 LEU A CD1 1 
ATOM   392 C CD2 . LEU A 1 49 ? -2.968  0.795   3.878   1.00 74.08  ? 103 LEU A CD2 1 
ATOM   393 N N   . LEU A 1 50 ? -2.633  4.653   7.611   1.00 73.24  ? 104 LEU A N   1 
ATOM   394 C CA  . LEU A 1 50 ? -3.370  5.763   8.190   1.00 74.01  ? 104 LEU A CA  1 
ATOM   395 C C   . LEU A 1 50 ? -2.839  7.092   7.669   1.00 75.47  ? 104 LEU A C   1 
ATOM   396 O O   . LEU A 1 50 ? -3.609  8.037   7.486   1.00 78.95  ? 104 LEU A O   1 
ATOM   397 C CB  . LEU A 1 50 ? -3.349  5.675   9.718   1.00 89.48  ? 104 LEU A CB  1 
ATOM   398 C CG  . LEU A 1 50 ? -4.423  4.691   10.228  1.00 102.55 ? 104 LEU A CG  1 
ATOM   399 C CD1 . LEU A 1 50 ? -5.813  5.081   9.670   1.00 109.18 ? 104 LEU A CD1 1 
ATOM   400 C CD2 . LEU A 1 50 ? -4.135  3.197   9.973   1.00 102.69 ? 104 LEU A CD2 1 
ATOM   401 N N   . GLU A 1 51 ? -1.535  7.175   7.393   1.00 76.78  ? 105 GLU A N   1 
ATOM   402 C CA  . GLU A 1 51 ? -1.013  8.322   6.649   1.00 79.10  ? 105 GLU A CA  1 
ATOM   403 C C   . GLU A 1 51 ? -1.720  8.469   5.304   1.00 80.04  ? 105 GLU A C   1 
ATOM   404 O O   . GLU A 1 51 ? -2.111  9.576   4.910   1.00 80.82  ? 105 GLU A O   1 
ATOM   405 C CB  . GLU A 1 51 ? 0.506   8.189   6.445   1.00 94.54  ? 105 GLU A CB  1 
ATOM   406 C CG  . GLU A 1 51 ? 1.284   7.780   7.685   1.00 115.11 ? 105 GLU A CG  1 
ATOM   407 C CD  . GLU A 1 51 ? 2.643   8.443   7.768   1.00 130.81 ? 105 GLU A CD  1 
ATOM   408 O OE1 . GLU A 1 51 ? 2.817   9.505   7.130   1.00 134.64 ? 105 GLU A OE1 1 
ATOM   409 O OE2 . GLU A 1 51 ? 3.535   7.911   8.469   1.00 137.89 ? 105 GLU A OE2 1 
ATOM   410 N N   . PHE A 1 52 ? -1.880  7.362   4.571   1.00 71.77  ? 106 PHE A N   1 
ATOM   411 C CA  . PHE A 1 52 ? -2.587  7.425   3.294   1.00 68.42  ? 106 PHE A CA  1 
ATOM   412 C C   . PHE A 1 52 ? -4.033  7.865   3.496   1.00 65.57  ? 106 PHE A C   1 
ATOM   413 O O   . PHE A 1 52 ? -4.501  8.828   2.872   1.00 73.70  ? 106 PHE A O   1 
ATOM   414 C CB  . PHE A 1 52 ? -2.528  6.074   2.580   1.00 63.24  ? 106 PHE A CB  1 
ATOM   415 C CG  . PHE A 1 52 ? -3.393  6.005   1.357   1.00 61.52  ? 106 PHE A CG  1 
ATOM   416 C CD1 . PHE A 1 52 ? -2.994  6.606   0.177   1.00 63.44  ? 106 PHE A CD1 1 
ATOM   417 C CD2 . PHE A 1 52 ? -4.615  5.348   1.389   1.00 61.16  ? 106 PHE A CD2 1 
ATOM   418 C CE1 . PHE A 1 52 ? -3.800  6.557   -0.960  1.00 59.34  ? 106 PHE A CE1 1 
ATOM   419 C CE2 . PHE A 1 52 ? -5.421  5.284   0.263   1.00 62.07  ? 106 PHE A CE2 1 
ATOM   420 C CZ  . PHE A 1 52 ? -5.017  5.900   -0.915  1.00 56.59  ? 106 PHE A CZ  1 
ATOM   421 N N   . ARG A 1 53 ? -4.760  7.174   4.377   1.00 65.24  ? 107 ARG A N   1 
ATOM   422 C CA  . ARG A 1 53 ? -6.174  7.487   4.550   1.00 79.10  ? 107 ARG A CA  1 
ATOM   423 C C   . ARG A 1 53 ? -6.380  8.924   5.033   1.00 83.59  ? 107 ARG A C   1 
ATOM   424 O O   . ARG A 1 53 ? -7.404  9.546   4.713   1.00 72.02  ? 107 ARG A O   1 
ATOM   425 C CB  . ARG A 1 53 ? -6.815  6.457   5.481   1.00 87.72  ? 107 ARG A CB  1 
ATOM   426 C CG  . ARG A 1 53 ? -6.703  5.029   4.915   1.00 96.15  ? 107 ARG A CG  1 
ATOM   427 C CD  . ARG A 1 53 ? -7.661  4.034   5.580   1.00 112.34 ? 107 ARG A CD  1 
ATOM   428 N NE  . ARG A 1 53 ? -8.837  4.699   6.147   1.00 128.35 ? 107 ARG A NE  1 
ATOM   429 C CZ  . ARG A 1 53 ? -9.234  4.589   7.413   1.00 132.03 ? 107 ARG A CZ  1 
ATOM   430 N NH1 . ARG A 1 53 ? -8.563  3.804   8.242   1.00 131.20 ? 107 ARG A NH1 1 
ATOM   431 N NH2 . ARG A 1 53 ? -10.312 5.245   7.839   1.00 131.45 ? 107 ARG A NH2 1 
ATOM   432 N N   . LYS A 1 54 ? -5.399  9.491   5.748   1.00 85.32  ? 108 LYS A N   1 
ATOM   433 C CA  . LYS A 1 54 ? -5.506  10.895  6.136   1.00 89.02  ? 108 LYS A CA  1 
ATOM   434 C C   . LYS A 1 54 ? -5.354  11.817  4.930   1.00 82.98  ? 108 LYS A C   1 
ATOM   435 O O   . LYS A 1 54 ? -6.036  12.843  4.841   1.00 84.40  ? 108 LYS A O   1 
ATOM   436 C CB  . LYS A 1 54 ? -4.475  11.240  7.217   1.00 104.32 ? 108 LYS A CB  1 
ATOM   437 C CG  . LYS A 1 54 ? -3.108  11.725  6.706   1.00 115.56 ? 108 LYS A CG  1 
ATOM   438 C CD  . LYS A 1 54 ? -2.538  12.878  7.548   1.00 125.52 ? 108 LYS A CD  1 
ATOM   439 C CE  . LYS A 1 54 ? -3.021  14.250  7.068   1.00 126.07 ? 108 LYS A CE  1 
ATOM   440 N NZ  . LYS A 1 54 ? -2.514  15.387  7.902   1.00 128.14 ? 108 LYS A NZ  1 
ATOM   441 N N   . LYS A 1 55 ? -4.483  11.469  3.982   1.00 72.60  ? 109 LYS A N   1 
ATOM   442 C CA  . LYS A 1 55 ? -4.339  12.319  2.808   1.00 76.61  ? 109 LYS A CA  1 
ATOM   443 C C   . LYS A 1 55 ? -5.608  12.291  1.962   1.00 82.58  ? 109 LYS A C   1 
ATOM   444 O O   . LYS A 1 55 ? -6.007  13.321  1.404   1.00 84.48  ? 109 LYS A O   1 
ATOM   445 C CB  . LYS A 1 55 ? -3.110  11.893  1.995   1.00 79.83  ? 109 LYS A CB  1 
ATOM   446 C CG  . LYS A 1 55 ? -2.615  12.946  0.989   1.00 93.82  ? 109 LYS A CG  1 
ATOM   447 C CD  . LYS A 1 55 ? -1.506  12.419  0.059   1.00 104.95 ? 109 LYS A CD  1 
ATOM   448 C CE  . LYS A 1 55 ? -0.136  12.372  0.758   1.00 112.16 ? 109 LYS A CE  1 
ATOM   449 N NZ  . LYS A 1 55 ? 0.983   12.001  -0.169  1.00 112.18 ? 109 LYS A NZ  1 
ATOM   450 N N   . ILE A 1 56 ? -6.271  11.133  1.883   1.00 79.49  ? 110 ILE A N   1 
ATOM   451 C CA  . ILE A 1 56 ? -7.547  11.042  1.173   1.00 75.56  ? 110 ILE A CA  1 
ATOM   452 C C   . ILE A 1 56 ? -8.587  11.938  1.838   1.00 76.91  ? 110 ILE A C   1 
ATOM   453 O O   . ILE A 1 56 ? -9.263  12.740  1.179   1.00 69.92  ? 110 ILE A O   1 
ATOM   454 C CB  . ILE A 1 56 ? -8.023  9.579   1.113   1.00 70.27  ? 110 ILE A CB  1 
ATOM   455 C CG1 . ILE A 1 56 ? -7.123  8.780   0.176   1.00 63.73  ? 110 ILE A CG1 1 
ATOM   456 C CG2 . ILE A 1 56 ? -9.471  9.509   0.618   1.00 72.71  ? 110 ILE A CG2 1 
ATOM   457 C CD1 . ILE A 1 56 ? -6.885  9.476   -1.157  1.00 68.41  ? 110 ILE A CD1 1 
ATOM   458 N N   . ALA A 1 57 ? -8.716  11.825  3.159   1.00 72.07  ? 111 ALA A N   1 
ATOM   459 C CA  . ALA A 1 57 ? -9.723  12.608  3.861   1.00 76.80  ? 111 ALA A CA  1 
ATOM   460 C C   . ALA A 1 57 ? -9.510  14.107  3.675   1.00 86.18  ? 111 ALA A C   1 
ATOM   461 O O   . ALA A 1 57 ? -10.485 14.859  3.560   1.00 89.44  ? 111 ALA A O   1 
ATOM   462 C CB  . ALA A 1 57 ? -9.719  12.240  5.343   1.00 75.57  ? 111 ALA A CB  1 
ATOM   463 N N   . GLU A 1 58 ? -8.251  14.561  3.611   1.00 95.69  ? 112 GLU A N   1 
ATOM   464 C CA  . GLU A 1 58 ? -7.992  15.997  3.564   1.00 101.87 ? 112 GLU A CA  1 
ATOM   465 C C   . GLU A 1 58 ? -8.321  16.601  2.204   1.00 106.18 ? 112 GLU A C   1 
ATOM   466 O O   . GLU A 1 58 ? -8.851  17.717  2.140   1.00 114.61 ? 112 GLU A O   1 
ATOM   467 C CB  . GLU A 1 58 ? -6.542  16.298  3.939   1.00 111.59 ? 112 GLU A CB  1 
ATOM   468 C CG  . GLU A 1 58 ? -6.385  17.663  4.612   1.00 134.89 ? 112 GLU A CG  1 
ATOM   469 C CD  . GLU A 1 58 ? -5.187  17.745  5.545   1.00 146.25 ? 112 GLU A CD  1 
ATOM   470 O OE1 . GLU A 1 58 ? -4.442  16.747  5.635   1.00 145.84 ? 112 GLU A OE1 1 
ATOM   471 O OE2 . GLU A 1 58 ? -5.012  18.794  6.211   1.00 150.32 ? 112 GLU A OE2 1 
ATOM   472 N N   . ASN A 1 59 ? -8.038  15.892  1.109   1.00 100.12 ? 113 ASN A N   1 
ATOM   473 C CA  . ASN A 1 59 ? -8.421  16.390  -0.210  1.00 101.08 ? 113 ASN A CA  1 
ATOM   474 C C   . ASN A 1 59 ? -9.905  16.155  -0.466  1.00 102.71 ? 113 ASN A C   1 
ATOM   475 O O   . ASN A 1 59 ? -10.283 15.673  -1.539  1.00 108.54 ? 113 ASN A O   1 
ATOM   476 C CB  . ASN A 1 59 ? -7.601  15.728  -1.327  1.00 102.76 ? 113 ASN A CB  1 
ATOM   477 C CG  . ASN A 1 59 ? -6.120  15.631  -1.006  1.00 104.36 ? 113 ASN A CG  1 
ATOM   478 O OD1 . ASN A 1 59 ? -5.502  14.584  -1.204  1.00 101.38 ? 113 ASN A OD1 1 
ATOM   479 N ND2 . ASN A 1 59 ? -5.542  16.725  -0.522  1.00 114.23 ? 113 ASN A ND2 1 
ATOM   480 N N   . LYS A 1 60 ? -10.753 16.501  0.497   1.00 104.43 ? 114 LYS A N   1 
ATOM   481 C CA  . LYS A 1 60 ? -12.180 16.215  0.402   1.00 103.72 ? 114 LYS A CA  1 
ATOM   482 C C   . LYS A 1 60 ? -13.003 17.199  1.228   1.00 109.07 ? 114 LYS A C   1 
ATOM   483 O O   . LYS A 1 60 ? -13.988 17.755  0.743   1.00 113.91 ? 114 LYS A O   1 
ATOM   484 C CB  . LYS A 1 60 ? -12.453 14.776  0.855   1.00 95.64  ? 114 LYS A CB  1 
ATOM   485 C CG  . LYS A 1 60 ? -13.903 14.340  0.746   1.00 94.64  ? 114 LYS A CG  1 
ATOM   486 C CD  . LYS A 1 60 ? -14.116 13.015  1.460   1.00 87.60  ? 114 LYS A CD  1 
ATOM   487 C CE  . LYS A 1 60 ? -13.338 11.897  0.768   1.00 91.53  ? 114 LYS A CE  1 
ATOM   488 N NZ  . LYS A 1 60 ? -13.948 10.540  0.919   1.00 86.10  ? 114 LYS A NZ  1 
HETATM 489 N N   . MN1 B 2 1  ? 8.446   1.067   7.259   1.00 90.54  ? 1   MN1 B N   1 
HETATM 490 C C2  . MN1 B 2 1  ? 8.862   0.324   8.456   1.00 88.99  ? 1   MN1 B C2  1 
HETATM 491 C C3  . MN1 B 2 1  ? 7.864   -0.776  8.806   1.00 85.45  ? 1   MN1 B C3  1 
HETATM 492 C C4  . MN1 B 2 1  ? 6.750   -1.041  7.782   1.00 90.50  ? 1   MN1 B C4  1 
HETATM 493 C C   . MN1 B 2 1  ? 7.215   -1.975  6.688   1.00 82.43  ? 1   MN1 B C   1 
HETATM 494 O O   . MN1 B 2 1  ? 7.733   -1.524  5.640   1.00 76.87  ? 1   MN1 B O   1 
HETATM 495 C C5  . MN1 B 2 1  ? 6.157   0.241   7.192   1.00 88.36  ? 1   MN1 B C5  1 
HETATM 496 C C6  . MN1 B 2 1  ? 7.041   1.462   7.408   1.00 92.61  ? 1   MN1 B C6  1 
ATOM   497 N N   . PHE B 2 2  ? 6.670   -3.289  6.850   1.00 78.95  ? 2   PHE B N   1 
ATOM   498 C CA  . PHE B 2 2  ? 7.046   -4.398  5.981   1.00 78.60  ? 2   PHE B CA  1 
ATOM   499 C C   . PHE B 2 2  ? 5.835   -5.164  5.453   1.00 85.00  ? 2   PHE B C   1 
ATOM   500 O O   . PHE B 2 2  ? 4.848   -5.370  6.171   1.00 88.27  ? 2   PHE B O   1 
ATOM   501 C CB  . PHE B 2 2  ? 7.981   -5.350  6.721   1.00 81.39  ? 2   PHE B CB  1 
ATOM   502 C CG  . PHE B 2 2  ? 9.344   -4.780  6.957   1.00 85.45  ? 2   PHE B CG  1 
ATOM   503 C CD1 . PHE B 2 2  ? 10.355  -4.969  6.029   1.00 86.17  ? 2   PHE B CD1 1 
ATOM   504 C CD2 . PHE B 2 2  ? 9.613   -4.043  8.098   1.00 88.78  ? 2   PHE B CD2 1 
ATOM   505 C CE1 . PHE B 2 2  ? 11.616  -4.439  6.232   1.00 87.97  ? 2   PHE B CE1 1 
ATOM   506 C CE2 . PHE B 2 2  ? 10.874  -3.505  8.310   1.00 90.17  ? 2   PHE B CE2 1 
ATOM   507 C CZ  . PHE B 2 2  ? 11.881  -3.708  7.375   1.00 88.88  ? 2   PHE B CZ  1 
ATOM   508 N N   . ALA B 2 3  ? 5.924   -5.597  4.193   1.00 81.42  ? 3   ALA B N   1 
ATOM   509 C CA  . ALA B 2 3  ? 4.804   -6.236  3.516   1.00 77.54  ? 3   ALA B CA  1 
ATOM   510 C C   . ALA B 2 3  ? 5.302   -7.392  2.656   1.00 80.91  ? 3   ALA B C   1 
ATOM   511 O O   . ALA B 2 3  ? 6.463   -7.424  2.235   1.00 75.37  ? 3   ALA B O   1 
ATOM   512 C CB  . ALA B 2 3  ? 4.043   -5.234  2.652   1.00 75.51  ? 3   ALA B CB  1 
ATOM   513 N N   . PHE B 2 4  ? 4.410   -8.350  2.412   1.00 73.04  ? 4   PHE B N   1 
ATOM   514 C CA  . PHE B 2 4  ? 4.647   -9.395  1.423   1.00 67.38  ? 4   PHE B CA  1 
ATOM   515 C C   . PHE B 2 4  ? 4.373   -8.843  0.049   1.00 62.40  ? 4   PHE B C   1 
ATOM   516 O O   . PHE B 2 4  ? 3.404   -8.112  -0.144  1.00 63.17  ? 4   PHE B O   1 
ATOM   517 C CB  . PHE B 2 4  ? 3.756   -10.606 1.668   1.00 76.32  ? 4   PHE B CB  1 
ATOM   518 C CG  . PHE B 2 4  ? 3.964   -11.240 2.998   1.00 84.10  ? 4   PHE B CG  1 
ATOM   519 C CD1 . PHE B 2 4  ? 3.283   -10.773 4.115   1.00 88.30  ? 4   PHE B CD1 1 
ATOM   520 C CD2 . PHE B 2 4  ? 4.856   -12.292 3.143   1.00 81.99  ? 4   PHE B CD2 1 
ATOM   521 C CE1 . PHE B 2 4  ? 3.485   -11.350 5.356   1.00 91.37  ? 4   PHE B CE1 1 
ATOM   522 C CE2 . PHE B 2 4  ? 5.059   -12.870 4.370   1.00 88.17  ? 4   PHE B CE2 1 
ATOM   523 C CZ  . PHE B 2 4  ? 4.373   -12.399 5.480   1.00 93.92  ? 4   PHE B CZ  1 
HETATM 524 N N   . 5T3 B 2 5  ? 5.213   -9.192  -0.917  1.00 83.04  ? 5   5T3 B N   1 
HETATM 525 C CA  . 5T3 B 2 5  ? 5.003   -8.725  -2.299  1.00 71.95  ? 5   5T3 B CA  1 
HETATM 526 C C   . 5T3 B 2 5  ? 4.484   -9.839  -3.152  1.00 78.31  ? 5   5T3 B C   1 
HETATM 527 O O   . 5T3 B 2 5  ? 5.100   -10.914 -3.232  1.00 84.57  ? 5   5T3 B O   1 
HETATM 528 C CB  . 5T3 B 2 5  ? 6.292   -8.179  -2.880  1.00 60.56  ? 5   5T3 B CB  1 
HETATM 529 C CG  . 5T3 B 2 5  ? 5.957   -7.606  -4.242  1.00 60.94  ? 5   5T3 B CG  1 
HETATM 530 C CD  . 5T3 B 2 5  ? 7.070   -6.659  -4.627  1.00 65.10  ? 5   5T3 B CD  1 
HETATM 531 C CE  . 5T3 B 2 5  ? 8.154   -7.468  -5.321  1.00 70.69  ? 5   5T3 B CE  1 
HETATM 532 N NZ  . 5T3 B 2 5  ? 9.468   -6.945  -4.948  1.00 77.92  ? 5   5T3 B NZ  1 
HETATM 533 C CH1 . 5T3 B 2 5  ? 9.427   -5.487  -5.096  1.00 73.96  ? 5   5T3 B CH1 1 
HETATM 534 C CH2 . 5T3 B 2 5  ? 10.538  -7.525  -5.788  1.00 81.70  ? 5   5T3 B CH2 1 
HETATM 535 C CT1 . 5T3 B 2 5  ? 9.630   -5.072  -6.552  1.00 83.11  ? 5   5T3 B CT1 1 
HETATM 536 C CT2 . 5T3 B 2 5  ? 10.183  -8.914  -6.289  1.00 79.43  ? 5   5T3 B CT2 1 
HETATM 537 C CT3 . 5T3 B 2 5  ? 10.461  -4.890  -4.156  1.00 77.35  ? 5   5T3 B CT3 1 
ATOM   538 N N   . SER B 2 6  ? 3.348   -9.613  -3.798  1.00 73.23  ? 6   SER B N   1 
ATOM   539 C CA  . SER B 2 6  ? 2.760   -10.632 -4.651  1.00 87.66  ? 6   SER B CA  1 
ATOM   540 C C   . SER B 2 6  ? 2.675   -10.125 -6.096  1.00 80.07  ? 6   SER B C   1 
ATOM   541 O O   . SER B 2 6  ? 2.376   -10.882 -7.023  1.00 78.83  ? 6   SER B O   1 
ATOM   542 C CB  . SER B 2 6  ? 1.376   -11.018 -4.137  1.00 88.86  ? 6   SER B CB  1 
ATOM   543 O OG  . SER B 2 6  ? 0.533   -9.876  -4.119  1.00 82.23  ? 6   SER B OG  1 
HETATM 544 C C   . MOH B 2 7  ? 2.390   -8.464  -7.986  1.00 73.75  ? 7   MOH B C   1 
HETATM 545 O O   . MOH B 2 7  ? 2.731   -8.883  -6.679  1.00 78.94  ? 7   MOH B O   1 
HETATM 546 O O   . HOH C 3 .  ? 12.086  -2.039  -0.446  1.00 69.96  ? 201 HOH A O   1 
HETATM 547 O O   . HOH C 3 .  ? -3.833  9.388   -4.382  1.00 70.32  ? 202 HOH A O   1 
HETATM 548 O O   . HOH C 3 .  ? 7.901   0.516   -5.937  1.00 55.60  ? 203 HOH A O   1 
HETATM 549 O O   . HOH C 3 .  ? 2.952   3.290   -10.544 1.00 63.42  ? 204 HOH A O   1 
HETATM 550 O O   . HOH C 3 .  ? 1.580   6.374   3.103   1.00 67.08  ? 205 HOH A O   1 
# 
loop_
_atom_site_anisotrop.id 
_atom_site_anisotrop.type_symbol 
_atom_site_anisotrop.pdbx_label_atom_id 
_atom_site_anisotrop.pdbx_label_alt_id 
_atom_site_anisotrop.pdbx_label_comp_id 
_atom_site_anisotrop.pdbx_label_asym_id 
_atom_site_anisotrop.pdbx_label_seq_id 
_atom_site_anisotrop.pdbx_PDB_ins_code 
_atom_site_anisotrop.U[1][1] 
_atom_site_anisotrop.U[2][2] 
_atom_site_anisotrop.U[3][3] 
_atom_site_anisotrop.U[1][2] 
_atom_site_anisotrop.U[1][3] 
_atom_site_anisotrop.U[2][3] 
_atom_site_anisotrop.pdbx_auth_seq_id 
_atom_site_anisotrop.pdbx_auth_comp_id 
_atom_site_anisotrop.pdbx_auth_asym_id 
_atom_site_anisotrop.pdbx_auth_atom_id 
1   N N   . ASP A 3  ? 1.0970 1.3062 1.3149 0.3182  -0.1225 0.1965  57  ASP A N   
2   C CA  . ASP A 3  ? 1.1791 1.3608 1.3755 0.2861  -0.1022 0.1777  57  ASP A CA  
3   C C   . ASP A 3  ? 1.1606 1.3568 1.3126 0.2635  -0.1123 0.1751  57  ASP A C   
4   O O   . ASP A 3  ? 1.2792 1.4515 1.4092 0.2403  -0.0970 0.1648  57  ASP A O   
5   C CB  . ASP A 3  ? 1.3160 1.4299 1.4991 0.2868  -0.0801 0.1900  57  ASP A CB  
6   C CG  . ASP A 3  ? 1.4644 1.5492 1.6265 0.3106  -0.0874 0.2279  57  ASP A CG  
7   O OD1 . ASP A 3  ? 1.4837 1.5992 1.6242 0.3214  -0.1098 0.2446  57  ASP A OD1 
8   O OD2 . ASP A 3  ? 1.4641 1.4930 1.6290 0.3175  -0.0713 0.2411  57  ASP A OD2 
9   N N   . VAL A 4  ? 1.0070 1.2430 1.1469 0.2711  -0.1391 0.1824  58  VAL A N   
10  C CA  . VAL A 4  ? 0.9620 1.2117 1.0578 0.2532  -0.1515 0.1765  58  VAL A CA  
11  C C   . VAL A 4  ? 0.8553 1.1585 0.9754 0.2408  -0.1704 0.1532  58  VAL A C   
12  O O   . VAL A 4  ? 0.8073 1.1510 0.9658 0.2555  -0.1873 0.1551  58  VAL A O   
13  C CB  . VAL A 4  ? 1.0772 1.3220 1.1262 0.2707  -0.1685 0.2047  58  VAL A CB  
14  C CG1 . VAL A 4  ? 1.0374 1.3163 1.0528 0.2603  -0.1932 0.1931  58  VAL A CG1 
15  C CG2 . VAL A 4  ? 1.1544 1.3463 1.1647 0.2683  -0.1456 0.2236  58  VAL A CG2 
16  N N   . PHE A 5  ? 0.6849 0.9892 0.7864 0.2139  -0.1676 0.1321  59  PHE A N   
17  C CA  . PHE A 5  ? 0.7301 1.0770 0.8558 0.1967  -0.1825 0.1098  59  PHE A CA  
18  C C   . PHE A 5  ? 0.8129 1.1580 0.8922 0.1791  -0.1963 0.0985  59  PHE A C   
19  O O   . PHE A 5  ? 0.7580 1.0672 0.7924 0.1749  -0.1843 0.1011  59  PHE A O   
20  C CB  . PHE A 5  ? 0.6930 1.0403 0.8545 0.1789  -0.1611 0.0902  59  PHE A CB  
21  C CG  . PHE A 5  ? 0.7806 1.1262 0.9847 0.1954  -0.1441 0.0947  59  PHE A CG  
22  C CD1 . PHE A 5  ? 0.8145 1.1121 1.0066 0.2049  -0.1232 0.1044  59  PHE A CD1 
23  C CD2 . PHE A 5  ? 0.8705 1.2622 1.1280 0.2007  -0.1482 0.0879  59  PHE A CD2 
24  C CE1 . PHE A 5  ? 0.8564 1.1461 1.0849 0.2210  -0.1080 0.1050  59  PHE A CE1 
25  C CE2 . PHE A 5  ? 0.9139 1.3030 1.2088 0.2192  -0.1307 0.0894  59  PHE A CE2 
26  C CZ  . PHE A 5  ? 0.8884 1.2231 1.1664 0.2299  -0.1111 0.0967  59  PHE A CZ  
27  N N   . GLU A 6  ? 0.7485 1.1329 0.8423 0.1680  -0.2206 0.0845  60  GLU A N   
28  C CA  . GLU A 6  ? 0.6556 1.0358 0.7057 0.1520  -0.2371 0.0700  60  GLU A CA  
29  C C   . GLU A 6  ? 0.7175 1.0729 0.7627 0.1272  -0.2186 0.0505  60  GLU A C   
30  O O   . GLU A 6  ? 0.7773 1.1428 0.8646 0.1140  -0.2067 0.0414  60  GLU A O   
31  C CB  . GLU A 6  ? 0.7948 1.2232 0.8655 0.1457  -0.2719 0.0602  60  GLU A CB  
32  C CG  . GLU A 6  ? 0.9401 1.3588 0.9618 0.1304  -0.2920 0.0423  60  GLU A CG  
33  C CD  . GLU A 6  ? 1.0595 1.5227 1.0888 0.1291  -0.3326 0.0364  60  GLU A CD  
34  O OE1 . GLU A 6  ? 1.0899 1.5991 1.1732 0.1378  -0.3448 0.0459  60  GLU A OE1 
35  O OE2 . GLU A 6  ? 1.1457 1.5986 1.1277 0.1198  -0.3532 0.0208  60  GLU A OE2 
36  N N   . VAL A 7  ? 0.7340 1.0578 0.7259 0.1227  -0.2156 0.0449  61  VAL A N   
37  C CA  . VAL A 7  ? 0.7203 1.0164 0.7017 0.1040  -0.1987 0.0290  61  VAL A CA  
38  C C   . VAL A 7  ? 0.8320 1.1349 0.8048 0.0847  -0.2199 0.0068  61  VAL A C   
39  O O   . VAL A 7  ? 0.8568 1.1650 0.7963 0.0885  -0.2436 0.0015  61  VAL A O   
40  C CB  . VAL A 7  ? 0.6840 0.9435 0.6179 0.1123  -0.1803 0.0360  61  VAL A CB  
41  C CG1 . VAL A 7  ? 0.6834 0.9193 0.6052 0.0959  -0.1688 0.0184  61  VAL A CG1 
42  C CG2 . VAL A 7  ? 0.7505 0.9977 0.7008 0.1244  -0.1571 0.0561  61  VAL A CG2 
43  N N   . GLU A 8  ? 0.7374 1.0376 0.7378 0.0635  -0.2123 -0.0062 62  GLU A N   
44  C CA  . GLU A 8  ? 0.8090 1.1046 0.8009 0.0424  -0.2301 -0.0267 62  GLU A CA  
45  C C   . GLU A 8  ? 0.8426 1.0937 0.7829 0.0421  -0.2225 -0.0376 62  GLU A C   
46  O O   . GLU A 8  ? 0.8541 1.0937 0.7544 0.0428  -0.2409 -0.0505 62  GLU A O   
47  C CB  . GLU A 8  ? 0.7279 1.0374 0.7693 0.0194  -0.2241 -0.0326 62  GLU A CB  
48  C CG  . GLU A 8  ? 0.8907 1.1814 0.9234 -0.0056 -0.2363 -0.0514 62  GLU A CG  
49  C CD  . GLU A 8  ? 1.2937 1.6067 1.3291 -0.0162 -0.2706 -0.0633 62  GLU A CD  
50  O OE1 . GLU A 8  ? 1.3987 1.7510 1.4496 -0.0042 -0.2864 -0.0554 62  GLU A OE1 
51  O OE2 . GLU A 8  ? 1.4649 1.7550 1.4878 -0.0367 -0.2836 -0.0809 62  GLU A OE2 
52  N N   . LYS A 9  ? 0.7476 0.9749 0.6879 0.0424  -0.1963 -0.0338 63  LYS A N   
53  C CA  . LYS A 9  ? 0.8358 1.0266 0.7339 0.0461  -0.1865 -0.0420 63  LYS A CA  
54  C C   . LYS A 9  ? 0.8077 0.9869 0.7140 0.0526  -0.1581 -0.0300 63  LYS A C   
55  O O   . LYS A 9  ? 0.7370 0.9298 0.6798 0.0497  -0.1471 -0.0203 63  LYS A O   
56  C CB  . LYS A 9  ? 0.8611 1.0293 0.7548 0.0273  -0.1956 -0.0618 63  LYS A CB  
57  C CG  . LYS A 9  ? 0.8381 1.0065 0.7720 0.0094  -0.1845 -0.0597 63  LYS A CG  
58  C CD  . LYS A 9  ? 0.9883 1.1245 0.9119 -0.0070 -0.1908 -0.0751 63  LYS A CD  
59  C CE  . LYS A 9  ? 1.0824 1.2330 1.0486 -0.0323 -0.1952 -0.0742 63  LYS A CE  
60  N NZ  . LYS A 9  ? 1.1003 1.2134 1.0604 -0.0481 -0.1934 -0.0815 63  LYS A NZ  
61  N N   . ILE A 10 ? 0.7440 0.8999 0.6167 0.0617  -0.1464 -0.0322 64  ILE A N   
62  C CA  . ILE A 10 ? 0.6843 0.8297 0.5654 0.0649  -0.1221 -0.0242 64  ILE A CA  
63  C C   . ILE A 10 ? 0.7471 0.8748 0.6370 0.0517  -0.1198 -0.0361 64  ILE A C   
64  O O   . ILE A 10 ? 0.7391 0.8478 0.6064 0.0494  -0.1298 -0.0508 64  ILE A O   
65  C CB  . ILE A 10 ? 0.6990 0.8356 0.5443 0.0820  -0.1093 -0.0183 64  ILE A CB  
66  C CG1 . ILE A 10 ? 0.7941 0.9444 0.6228 0.0954  -0.1129 -0.0032 64  ILE A CG1 
67  C CG2 . ILE A 10 ? 0.7383 0.8701 0.6000 0.0825  -0.0861 -0.0103 64  ILE A CG2 
68  C CD1 . ILE A 10 ? 0.7389 0.9001 0.6007 0.0969  -0.1022 0.0166  64  ILE A CD1 
69  N N   . LEU A 11 ? 0.6808 0.8117 0.6004 0.0440  -0.1072 -0.0301 65  LEU A N   
70  C CA  . LEU A 11 ? 0.6165 0.7325 0.5442 0.0313  -0.1068 -0.0376 65  LEU A CA  
71  C C   . LEU A 11 ? 0.7184 0.8193 0.6368 0.0384  -0.0938 -0.0373 65  LEU A C   
72  O O   . LEU A 11 ? 0.7129 0.7935 0.6231 0.0348  -0.0976 -0.0450 65  LEU A O   
73  C CB  . LEU A 11 ? 0.5794 0.7100 0.5411 0.0180  -0.1023 -0.0324 65  LEU A CB  
74  C CG  . LEU A 11 ? 0.6411 0.7948 0.6235 0.0102  -0.1135 -0.0324 65  LEU A CG  
75  C CD1 . LEU A 11 ? 0.6237 0.7963 0.6384 0.0051  -0.1014 -0.0258 65  LEU A CD1 
76  C CD2 . LEU A 11 ? 0.6237 0.7677 0.6037 -0.0060 -0.1288 -0.0427 65  LEU A CD2 
77  N N   . ASP A 12 ? 0.6477 0.7585 0.5712 0.0476  -0.0792 -0.0273 66  ASP A N   
78  C CA  . ASP A 12 ? 0.6335 0.7396 0.5583 0.0530  -0.0671 -0.0257 66  ASP A CA  
79  C C   . ASP A 12 ? 0.6108 0.7311 0.5418 0.0610  -0.0526 -0.0134 66  ASP A C   
80  O O   . ASP A 12 ? 0.6645 0.7926 0.5984 0.0622  -0.0523 -0.0054 66  ASP A O   
81  C CB  . ASP A 12 ? 0.6428 0.7472 0.5882 0.0411  -0.0659 -0.0256 66  ASP A CB  
82  C CG  . ASP A 12 ? 0.8579 0.9415 0.7929 0.0363  -0.0760 -0.0338 66  ASP A CG  
83  O OD1 . ASP A 12 ? 0.7591 0.8275 0.6770 0.0473  -0.0772 -0.0395 66  ASP A OD1 
84  O OD2 . ASP A 12 ? 0.8249 0.9060 0.7691 0.0220  -0.0815 -0.0337 66  ASP A OD2 
85  N N   . MET A 13 ? 0.5793 0.7032 0.5158 0.0660  -0.0409 -0.0105 67  MET A N   
86  C CA  . MET A 13 ? 0.5611 0.6984 0.5098 0.0690  -0.0253 0.0026  67  MET A CA  
87  C C   . MET A 13 ? 0.5863 0.7322 0.5637 0.0614  -0.0188 0.0037  67  MET A C   
88  O O   . MET A 13 ? 0.5917 0.7347 0.5723 0.0598  -0.0252 -0.0044 67  MET A O   
89  C CB  . MET A 13 ? 0.6072 0.7496 0.5332 0.0842  -0.0150 0.0064  67  MET A CB  
90  C CG  . MET A 13 ? 0.9026 1.0490 0.8329 0.0908  -0.0094 -0.0002 67  MET A CG  
91  S SD  . MET A 13 ? 1.2051 1.3745 1.1386 0.1014  0.0147  0.0137  67  MET A SD  
92  C CE  . MET A 13 ? 0.9151 1.0735 0.7946 0.1178  0.0135  0.0104  67  MET A CE  
93  N N   . LYS A 14 ? 0.5087 0.6639 0.5067 0.0564  -0.0074 0.0144  68  LYS A N   
94  C CA  . LYS A 14 ? 0.6165 0.7836 0.6436 0.0474  -0.0030 0.0146  68  LYS A CA  
95  C C   . LYS A 14 ? 0.5909 0.7671 0.6365 0.0435  0.0123  0.0286  68  LYS A C   
96  O O   . LYS A 14 ? 0.6366 0.8046 0.6721 0.0466  0.0182  0.0393  68  LYS A O   
97  C CB  . LYS A 14 ? 0.4972 0.6572 0.5363 0.0342  -0.0131 0.0063  68  LYS A CB  
98  C CG  . LYS A 14 ? 0.6028 0.7542 0.6526 0.0261  -0.0100 0.0093  68  LYS A CG  
99  C CD  . LYS A 14 ? 0.5731 0.7204 0.6321 0.0144  -0.0172 -0.0020 68  LYS A CD  
100 C CE  . LYS A 14 ? 0.7329 0.8681 0.7964 0.0116  -0.0150 -0.0033 68  LYS A CE  
101 N NZ  . LYS A 14 ? 0.8194 0.9513 0.8863 0.0020  -0.0192 -0.0164 68  LYS A NZ  
102 N N   . THR A 15 ? 0.5959 0.7896 0.6701 0.0361  0.0179  0.0301  69  THR A N   
103 C CA  . THR A 15 ? 0.4977 0.6971 0.5982 0.0248  0.0308  0.0427  69  THR A CA  
104 C C   . THR A 15 ? 0.6684 0.8594 0.7925 0.0070  0.0220  0.0340  69  THR A C   
105 O O   . THR A 15 ? 0.5708 0.7636 0.6950 0.0036  0.0085  0.0201  69  THR A O   
106 C CB  . THR A 15 ? 0.5719 0.8021 0.6955 0.0256  0.0446  0.0511  69  THR A CB  
107 O OG1 . THR A 15 ? 0.5642 0.8133 0.7071 0.0238  0.0341  0.0394  69  THR A OG1 
108 C CG2 . THR A 15 ? 0.5475 0.7861 0.6434 0.0455  0.0575  0.0589  69  THR A CG2 
109 N N   . GLU A 16 ? 0.6522 0.8317 0.7935 -0.0043 0.0303  0.0427  70  GLU A N   
110 C CA  . GLU A 16 ? 0.6374 0.8035 0.7988 -0.0214 0.0232  0.0321  70  GLU A CA  
111 C C   . GLU A 16 ? 0.6672 0.8275 0.8568 -0.0353 0.0363  0.0457  70  GLU A C   
112 O O   . GLU A 16 ? 0.6759 0.8194 0.8562 -0.0296 0.0480  0.0628  70  GLU A O   
113 C CB  . GLU A 16 ? 0.6412 0.7799 0.7823 -0.0167 0.0160  0.0231  70  GLU A CB  
114 C CG  . GLU A 16 ? 0.7127 0.8366 0.8643 -0.0300 0.0081  0.0060  70  GLU A CG  
115 C CD  . GLU A 16 ? 0.8578 0.9591 0.9921 -0.0216 0.0060  -0.0008 70  GLU A CD  
116 O OE1 . GLU A 16 ? 0.8870 0.9953 1.0041 -0.0167 -0.0022 -0.0115 70  GLU A OE1 
117 O OE2 . GLU A 16 ? 0.7749 0.8525 0.9149 -0.0191 0.0133  0.0062  70  GLU A OE2 
118 N N   . GLY A 17 ? 0.7725 0.9474 0.9961 -0.0540 0.0337  0.0401  71  GLY A N   
119 C CA  . GLY A 17 ? 0.8088 0.9776 1.0651 -0.0724 0.0457  0.0529  71  GLY A CA  
120 C C   . GLY A 17 ? 0.8705 1.0522 1.1276 -0.0657 0.0671  0.0798  71  GLY A C   
121 O O   . GLY A 17 ? 0.8967 1.0571 1.1643 -0.0750 0.0805  0.0977  71  GLY A O   
122 N N   . GLY A 18 ? 0.7421 0.9549 0.9844 -0.0484 0.0713  0.0834  72  GLY A N   
123 C CA  . GLY A 18 ? 0.7491 0.9811 0.9888 -0.0405 0.0935  0.1066  72  GLY A CA  
124 C C   . GLY A 18 ? 0.7775 0.9870 0.9708 -0.0208 0.1009  0.1200  72  GLY A C   
125 O O   . GLY A 18 ? 0.6919 0.9145 0.8751 -0.0136 0.1207  0.1407  72  GLY A O   
126 N N   . LYS A 19 ? 0.7239 0.9033 0.8887 -0.0118 0.0857  0.1092  73  LYS A N   
127 C CA  . LYS A 19 ? 0.8320 0.9940 0.9544 0.0072  0.0870  0.1195  73  LYS A CA  
128 C C   . LYS A 19 ? 0.7494 0.9160 0.8419 0.0231  0.0705  0.1001  73  LYS A C   
129 O O   . LYS A 19 ? 0.6560 0.8257 0.7590 0.0180  0.0566  0.0801  73  LYS A O   
130 C CB  . LYS A 19 ? 0.9062 1.0289 1.0272 0.0043  0.0837  0.1272  73  LYS A CB  
131 C CG  . LYS A 19 ? 0.9234 1.0292 1.0815 -0.0173 0.0941  0.1384  73  LYS A CG  
132 C CD  . LYS A 19 ? 1.0147 1.1140 1.1670 -0.0168 0.1152  0.1719  73  LYS A CD  
133 C CE  . LYS A 19 ? 1.0530 1.1182 1.1736 -0.0001 0.1123  0.1871  73  LYS A CE  
134 N NZ  . LYS A 19 ? 1.1259 1.1975 1.2167 0.0114  0.1293  0.2181  73  LYS A NZ  
135 N N   . VAL A 20 ? 0.6495 0.8150 0.7028 0.0413  0.0715  0.1068  74  VAL A N   
136 C CA  . VAL A 20 ? 0.6448 0.8112 0.6685 0.0546  0.0558  0.0895  74  VAL A CA  
137 C C   . VAL A 20 ? 0.6725 0.8175 0.6875 0.0561  0.0403  0.0848  74  VAL A C   
138 O O   . VAL A 20 ? 0.6939 0.8243 0.7040 0.0593  0.0432  0.1004  74  VAL A O   
139 C CB  . VAL A 20 ? 0.6712 0.8474 0.6552 0.0726  0.0630  0.0956  74  VAL A CB  
140 C CG1 . VAL A 20 ? 0.6965 0.8688 0.6522 0.0833  0.0448  0.0748  74  VAL A CG1 
141 C CG2 . VAL A 20 ? 0.7043 0.9063 0.7003 0.0736  0.0836  0.1027  74  VAL A CG2 
142 N N   . LEU A 21 ? 0.4973 0.6418 0.5115 0.0549  0.0246  0.0651  75  LEU A N   
143 C CA  . LEU A 21 ? 0.5543 0.6875 0.5624 0.0576  0.0106  0.0590  75  LEU A CA  
144 C C   . LEU A 21 ? 0.6599 0.7986 0.6440 0.0643  -0.0035 0.0455  75  LEU A C   
145 O O   . LEU A 21 ? 0.6245 0.7688 0.6037 0.0635  -0.0049 0.0351  75  LEU A O   
146 C CB  . LEU A 21 ? 0.6024 0.7283 0.6381 0.0451  0.0064  0.0477  75  LEU A CB  
147 C CG  . LEU A 21 ? 0.6467 0.7624 0.7096 0.0339  0.0172  0.0536  75  LEU A CG  
148 C CD1 . LEU A 21 ? 0.7380 0.8494 0.8181 0.0224  0.0109  0.0354  75  LEU A CD1 
149 C CD2 . LEU A 21 ? 0.7025 0.7997 0.7659 0.0404  0.0220  0.0694  75  LEU A CD2 
150 N N   . TYR A 22 ? 0.5726 0.7089 0.5448 0.0702  -0.0154 0.0453  76  TYR A N   
151 C CA  . TYR A 22 ? 0.5881 0.7279 0.5417 0.0725  -0.0312 0.0319  76  TYR A CA  
152 C C   . TYR A 22 ? 0.6067 0.7489 0.5799 0.0653  -0.0421 0.0241  76  TYR A C   
153 O O   . TYR A 22 ? 0.5727 0.7161 0.5616 0.0679  -0.0412 0.0319  76  TYR A O   
154 C CB  . TYR A 22 ? 0.6701 0.8120 0.5898 0.0857  -0.0379 0.0378  76  TYR A CB  
155 C CG  . TYR A 22 ? 0.7023 0.8445 0.5952 0.0948  -0.0258 0.0422  76  TYR A CG  
156 C CD1 . TYR A 22 ? 0.6699 0.8098 0.5431 0.0978  -0.0289 0.0265  76  TYR A CD1 
157 C CD2 . TYR A 22 ? 0.8225 0.9663 0.7107 0.1008  -0.0094 0.0630  76  TYR A CD2 
158 C CE1 . TYR A 22 ? 0.8347 0.9780 0.6844 0.1092  -0.0148 0.0291  76  TYR A CE1 
159 C CE2 . TYR A 22 ? 0.8152 0.9646 0.6803 0.1092  0.0056  0.0681  76  TYR A CE2 
160 C CZ  . TYR A 22 ? 0.8950 1.0462 0.7410 0.1146  0.0034  0.0502  76  TYR A CZ  
161 O OH  . TYR A 22 ? 0.9290 1.0890 0.7528 0.1260  0.0212  0.0540  76  TYR A OH  
162 N N   . LYS A 23 ? 0.5741 0.7168 0.5475 0.0568  -0.0507 0.0099  77  LYS A N   
163 C CA  . LYS A 23 ? 0.4858 0.6356 0.4779 0.0484  -0.0585 0.0034  77  LYS A CA  
164 C C   . LYS A 23 ? 0.6110 0.7712 0.5953 0.0520  -0.0743 0.0022  77  LYS A C   
165 O O   . LYS A 23 ? 0.6280 0.7833 0.5885 0.0526  -0.0846 -0.0046 77  LYS A O   
166 C CB  . LYS A 23 ? 0.5085 0.6533 0.5032 0.0359  -0.0600 -0.0076 77  LYS A CB  
167 C CG  . LYS A 23 ? 0.5085 0.6631 0.5239 0.0253  -0.0616 -0.0119 77  LYS A CG  
168 C CD  . LYS A 23 ? 0.5981 0.7439 0.6085 0.0135  -0.0627 -0.0186 77  LYS A CD  
169 C CE  . LYS A 23 ? 0.7020 0.8591 0.7288 0.0022  -0.0606 -0.0209 77  LYS A CE  
170 N NZ  . LYS A 23 ? 0.7540 0.8999 0.7710 -0.0091 -0.0607 -0.0232 77  LYS A NZ  
171 N N   . VAL A 24 ? 0.5708 0.7457 0.5763 0.0550  -0.0772 0.0073  78  VAL A N   
172 C CA  . VAL A 24 ? 0.5383 0.7301 0.5418 0.0608  -0.0942 0.0091  78  VAL A CA  
173 C C   . VAL A 24 ? 0.6797 0.8912 0.7111 0.0483  -0.1025 0.0003  78  VAL A C   
174 O O   . VAL A 24 ? 0.5626 0.7821 0.6218 0.0447  -0.0916 0.0003  78  VAL A O   
175 C CB  . VAL A 24 ? 0.6089 0.8066 0.6185 0.0775  -0.0926 0.0253  78  VAL A CB  
176 C CG1 . VAL A 24 ? 0.5729 0.7945 0.5846 0.0842  -0.1138 0.0273  78  VAL A CG1 
177 C CG2 . VAL A 24 ? 0.6455 0.8243 0.6261 0.0874  -0.0827 0.0375  78  VAL A CG2 
178 N N   . ARG A 25 ? 0.6416 0.8612 0.6655 0.0407  -0.1208 -0.0078 79  ARG A N   
179 C CA  . ARG A 25 ? 0.5729 0.8196 0.6283 0.0283  -0.1314 -0.0129 79  ARG A CA  
180 C C   . ARG A 25 ? 0.6432 0.9193 0.7121 0.0411  -0.1465 -0.0056 79  ARG A C   
181 O O   . ARG A 25 ? 0.6800 0.9537 0.7207 0.0486  -0.1631 -0.0055 79  ARG A O   
182 C CB  . ARG A 25 ? 0.6168 0.8523 0.6591 0.0099  -0.1449 -0.0259 79  ARG A CB  
183 C CG  . ARG A 25 ? 0.6117 0.8769 0.6859 -0.0067 -0.1605 -0.0309 79  ARG A CG  
184 C CD  . ARG A 25 ? 0.6280 0.9144 0.7428 -0.0179 -0.1447 -0.0269 79  ARG A CD  
185 N NE  . ARG A 25 ? 0.6139 0.8724 0.7150 -0.0221 -0.1247 -0.0266 79  ARG A NE  
186 C CZ  . ARG A 25 ? 0.6677 0.8989 0.7515 -0.0373 -0.1252 -0.0317 79  ARG A CZ  
187 N NH1 . ARG A 25 ? 0.6412 0.8642 0.7195 -0.0516 -0.1434 -0.0394 79  ARG A NH1 
188 N NH2 . ARG A 25 ? 0.5829 0.7932 0.6547 -0.0381 -0.1091 -0.0295 79  ARG A NH2 
189 N N   . TRP A 26 ? 0.6372 0.9414 0.7469 0.0460  -0.1412 0.0005  80  TRP A N   
190 C CA  . TRP A 26 ? 0.6351 0.9694 0.7632 0.0630  -0.1549 0.0102  80  TRP A CA  
191 C C   . TRP A 26 ? 0.7139 1.0876 0.8688 0.0502  -0.1780 0.0031  80  TRP A C   
192 O O   . TRP A 26 ? 0.7114 1.1017 0.8966 0.0309  -0.1731 -0.0045 80  TRP A O   
193 C CB  . TRP A 26 ? 0.6343 0.9787 0.7966 0.0781  -0.1374 0.0191  80  TRP A CB  
194 C CG  . TRP A 26 ? 0.5681 0.8723 0.7073 0.0874  -0.1172 0.0253  80  TRP A CG  
195 C CD1 . TRP A 26 ? 0.5493 0.8311 0.6875 0.0782  -0.0960 0.0185  80  TRP A CD1 
196 C CD2 . TRP A 26 ? 0.6036 0.8862 0.7172 0.1054  -0.1175 0.0400  80  TRP A CD2 
197 N NE1 . TRP A 26 ? 0.5201 0.7694 0.6383 0.0879  -0.0845 0.0266  80  TRP A NE1 
198 C CE2 . TRP A 26 ? 0.6021 0.8506 0.7058 0.1041  -0.0956 0.0412  80  TRP A CE2 
199 C CE3 . TRP A 26 ? 0.5965 0.8861 0.6929 0.1217  -0.1347 0.0537  80  TRP A CE3 
200 C CZ2 . TRP A 26 ? 0.6940 0.9152 0.7767 0.1164  -0.0884 0.0564  80  TRP A CZ2 
201 C CZ3 . TRP A 26 ? 0.6509 0.9115 0.7203 0.1361  -0.1264 0.0705  80  TRP A CZ3 
202 C CH2 . TRP A 26 ? 0.6596 0.8862 0.7247 0.1322  -0.1023 0.0722  80  TRP A CH2 
203 N N   . LYS A 27 ? 0.7108 1.1007 0.8541 0.0596  -0.2035 0.0062  81  LYS A N   
204 C CA  . LYS A 27 ? 0.6827 1.1115 0.8513 0.0448  -0.2303 -0.0025 81  LYS A CA  
205 C C   . LYS A 27 ? 0.7200 1.2002 0.9560 0.0451  -0.2261 0.0025  81  LYS A C   
206 O O   . LYS A 27 ? 0.7774 1.2721 1.0346 0.0692  -0.2172 0.0155  81  LYS A O   
207 C CB  . LYS A 27 ? 0.7920 1.2313 0.9319 0.0576  -0.2611 -0.0001 81  LYS A CB  
208 C CG  . LYS A 27 ? 0.8257 1.2821 0.9666 0.0341  -0.2920 -0.0179 81  LYS A CG  
209 C CD  . LYS A 27 ? 0.8959 1.3684 1.0072 0.0466  -0.3263 -0.0178 81  LYS A CD  
210 C CE  . LYS A 27 ? 1.0708 1.6098 1.2407 0.0515  -0.3493 -0.0102 81  LYS A CE  
211 N NZ  . LYS A 27 ? 1.1761 1.7490 1.3789 0.0211  -0.3771 -0.0285 81  LYS A NZ  
212 N N   . GLY A 28 ? 0.7049 1.2120 0.9760 0.0186  -0.2314 -0.0075 82  GLY A N   
213 C CA  . GLY A 28 ? 0.7302 1.2918 1.0688 0.0159  -0.2235 -0.0036 82  GLY A CA  
214 C C   . GLY A 28 ? 0.7277 1.2787 1.0807 0.0141  -0.1868 -0.0022 82  GLY A C   
215 O O   . GLY A 28 ? 0.7338 1.3305 1.1409 0.0141  -0.1747 0.0005  82  GLY A O   
216 N N   . TYR A 29 ? 0.6215 1.1172 0.9284 0.0138  -0.1690 -0.0043 83  TYR A N   
217 C CA  . TYR A 29 ? 0.6484 1.1296 0.9592 0.0108  -0.1372 -0.0050 83  TYR A CA  
218 C C   . TYR A 29 ? 0.7179 1.1646 0.9995 -0.0159 -0.1323 -0.0124 83  TYR A C   
219 O O   . TYR A 29 ? 0.6392 1.0657 0.8952 -0.0289 -0.1517 -0.0179 83  TYR A O   
220 C CB  . TYR A 29 ? 0.6436 1.0903 0.9292 0.0360  -0.1208 0.0000  83  TYR A CB  
221 C CG  . TYR A 29 ? 0.7037 1.1755 1.0181 0.0647  -0.1219 0.0092  83  TYR A CG  
222 C CD1 . TYR A 29 ? 0.8255 1.3054 1.1330 0.0804  -0.1461 0.0179  83  TYR A CD1 
223 C CD2 . TYR A 29 ? 0.7354 1.2214 1.0813 0.0781  -0.0989 0.0093  83  TYR A CD2 
224 C CE1 . TYR A 29 ? 0.7655 1.2658 1.0991 0.1094  -0.1484 0.0293  83  TYR A CE1 
225 C CE2 . TYR A 29 ? 0.7629 1.2674 1.1368 0.1076  -0.0996 0.0177  83  TYR A CE2 
226 C CZ  . TYR A 29 ? 0.8348 1.3460 1.2039 0.1234  -0.1248 0.0292  83  TYR A CZ  
227 O OH  . TYR A 29 ? 0.9663 1.4935 1.3631 0.1554  -0.1268 0.0405  83  TYR A OH  
228 N N   . THR A 30 ? 0.6769 1.1134 0.9590 -0.0218 -0.1063 -0.0127 84  THR A N   
229 C CA  . THR A 30 ? 0.6410 1.0464 0.8982 -0.0446 -0.0991 -0.0160 84  THR A CA  
230 C C   . THR A 30 ? 0.6729 1.0298 0.8852 -0.0340 -0.0871 -0.0172 84  THR A C   
231 O O   . THR A 30 ? 0.6497 0.9953 0.8508 -0.0123 -0.0848 -0.0155 84  THR A O   
232 C CB  . THR A 30 ? 0.6918 1.1275 0.9814 -0.0608 -0.0795 -0.0135 84  THR A CB  
233 O OG1 . THR A 30 ? 0.6716 1.1053 0.9580 -0.0448 -0.0540 -0.0134 84  THR A OG1 
234 C CG2 . THR A 30 ? 0.7185 1.2150 1.0651 -0.0655 -0.0872 -0.0110 84  THR A CG2 
235 N N   . SER A 31 ? 0.5945 0.9229 0.7832 -0.0502 -0.0798 -0.0185 85  SER A N   
236 C CA  . SER A 31 ? 0.5516 0.8412 0.7039 -0.0418 -0.0700 -0.0195 85  SER A CA  
237 C C   . SER A 31 ? 0.5539 0.8511 0.7133 -0.0297 -0.0489 -0.0198 85  SER A C   
238 O O   . SER A 31 ? 0.6191 0.8892 0.7546 -0.0204 -0.0430 -0.0217 85  SER A O   
239 C CB  . SER A 31 ? 0.7674 1.0274 0.8948 -0.0599 -0.0693 -0.0193 85  SER A CB  
240 O OG  . SER A 31 ? 0.8004 1.0741 0.9383 -0.0723 -0.0525 -0.0153 85  SER A OG  
241 N N   . ASP A 32 ? 0.5797 0.9138 0.7727 -0.0296 -0.0372 -0.0194 86  ASP A N   
242 C CA  . ASP A 32 ? 0.6295 0.9690 0.8285 -0.0154 -0.0169 -0.0233 86  ASP A CA  
243 C C   . ASP A 32 ? 0.6994 1.0296 0.9017 0.0089  -0.0198 -0.0240 86  ASP A C   
244 O O   . ASP A 32 ? 0.6684 0.9857 0.8662 0.0209  -0.0053 -0.0295 86  ASP A O   
245 C CB  . ASP A 32 ? 0.6164 1.0022 0.8535 -0.0184 -0.0023 -0.0230 86  ASP A CB  
246 C CG  . ASP A 32 ? 0.6292 1.0211 0.8595 -0.0431 0.0072  -0.0196 86  ASP A CG  
247 O OD1 . ASP A 32 ? 0.6012 0.9566 0.7922 -0.0527 0.0072  -0.0191 86  ASP A OD1 
248 O OD2 . ASP A 32 ? 0.5515 0.9861 0.8174 -0.0525 0.0154  -0.0157 86  ASP A OD2 
249 N N   . ASP A 33 ? 0.6568 0.9904 0.8641 0.0159  -0.0383 -0.0183 87  ASP A N   
250 C CA  . ASP A 33 ? 0.6006 0.9261 0.8111 0.0391  -0.0417 -0.0139 87  ASP A CA  
251 C C   . ASP A 33 ? 0.6595 0.9488 0.8344 0.0416  -0.0516 -0.0097 87  ASP A C   
252 O O   . ASP A 33 ? 0.6057 0.8878 0.7791 0.0587  -0.0568 -0.0018 87  ASP A O   
253 C CB  . ASP A 33 ? 0.5655 0.9310 0.8114 0.0497  -0.0547 -0.0078 87  ASP A CB  
254 C CG  . ASP A 33 ? 0.8261 1.2321 1.1151 0.0544  -0.0403 -0.0108 87  ASP A CG  
255 O OD1 . ASP A 33 ? 0.7848 1.1806 1.0788 0.0707  -0.0223 -0.0147 87  ASP A OD1 
256 O OD2 . ASP A 33 ? 0.8879 1.3353 1.2061 0.0413  -0.0459 -0.0103 87  ASP A OD2 
257 N N   . ASP A 34 ? 0.5345 0.8019 0.6811 0.0265  -0.0532 -0.0133 88  ASP A N   
258 C CA  . ASP A 34 ? 0.5784 0.8166 0.6940 0.0301  -0.0593 -0.0100 88  ASP A CA  
259 C C   . ASP A 34 ? 0.6614 0.8776 0.7723 0.0409  -0.0466 -0.0076 88  ASP A C   
260 O O   . ASP A 34 ? 0.5441 0.7552 0.6621 0.0387  -0.0332 -0.0140 88  ASP A O   
261 C CB  . ASP A 34 ? 0.6330 0.8528 0.7240 0.0147  -0.0617 -0.0151 88  ASP A CB  
262 C CG  . ASP A 34 ? 0.7148 0.9447 0.8064 0.0016  -0.0759 -0.0179 88  ASP A CG  
263 O OD1 . ASP A 34 ? 0.6653 0.9181 0.7730 0.0040  -0.0879 -0.0164 88  ASP A OD1 
264 O OD2 . ASP A 34 ? 0.6469 0.8600 0.7230 -0.0114 -0.0764 -0.0213 88  ASP A OD2 
265 N N   . THR A 35 ? 0.4763 0.6778 0.5729 0.0511  -0.0504 0.0013  89  THR A N   
266 C CA  . THR A 35 ? 0.5132 0.6905 0.6064 0.0563  -0.0384 0.0050  89  THR A CA  
267 C C   . THR A 35 ? 0.5592 0.7208 0.6270 0.0544  -0.0397 0.0106  89  THR A C   
268 O O   . THR A 35 ? 0.5618 0.7287 0.6116 0.0551  -0.0500 0.0127  89  THR A O   
269 C CB  . THR A 35 ? 0.5502 0.7247 0.6587 0.0739  -0.0360 0.0155  89  THR A CB  
270 O OG1 . THR A 35 ? 0.6489 0.8346 0.7482 0.0839  -0.0498 0.0275  89  THR A OG1 
271 C CG2 . THR A 35 ? 0.5897 0.7813 0.7273 0.0795  -0.0312 0.0083  89  THR A CG2 
272 N N   . TRP A 36 ? 0.5191 0.6622 0.5872 0.0518  -0.0286 0.0118  90  TRP A N   
273 C CA  . TRP A 36 ? 0.5271 0.6601 0.5794 0.0513  -0.0252 0.0196  90  TRP A CA  
274 C C   . TRP A 36 ? 0.6291 0.7509 0.6827 0.0627  -0.0199 0.0368  90  TRP A C   
275 O O   . TRP A 36 ? 0.6156 0.7244 0.6873 0.0657  -0.0135 0.0391  90  TRP A O   
276 C CB  . TRP A 36 ? 0.5540 0.6787 0.6117 0.0391  -0.0176 0.0121  90  TRP A CB  
277 C CG  . TRP A 36 ? 0.5556 0.6887 0.6054 0.0301  -0.0239 0.0000  90  TRP A CG  
278 C CD1 . TRP A 36 ? 0.6212 0.7584 0.6759 0.0224  -0.0252 -0.0110 90  TRP A CD1 
279 C CD2 . TRP A 36 ? 0.5274 0.6633 0.5612 0.0294  -0.0285 -0.0005 90  TRP A CD2 
280 N NE1 . TRP A 36 ? 0.5948 0.7349 0.6368 0.0158  -0.0315 -0.0155 90  TRP A NE1 
281 C CE2 . TRP A 36 ? 0.5687 0.7065 0.5989 0.0209  -0.0342 -0.0102 90  TRP A CE2 
282 C CE3 . TRP A 36 ? 0.5826 0.7188 0.6029 0.0367  -0.0269 0.0067  90  TRP A CE3 
283 C CZ2 . TRP A 36 ? 0.6352 0.7708 0.6513 0.0204  -0.0401 -0.0127 90  TRP A CZ2 
284 C CZ3 . TRP A 36 ? 0.6368 0.7738 0.6431 0.0374  -0.0314 0.0011  90  TRP A CZ3 
285 C CH2 . TRP A 36 ? 0.6077 0.7421 0.6132 0.0297  -0.0388 -0.0083 90  TRP A CH2 
286 N N   . GLU A 37 ? 0.6245 0.7487 0.6560 0.0702  -0.0223 0.0488  91  GLU A N   
287 C CA  . GLU A 37 ? 0.6264 0.7405 0.6530 0.0823  -0.0181 0.0695  91  GLU A CA  
288 C C   . GLU A 37 ? 0.6482 0.7563 0.6578 0.0807  -0.0064 0.0822  91  GLU A C   
289 O O   . GLU A 37 ? 0.6695 0.7888 0.6599 0.0792  -0.0075 0.0762  91  GLU A O   
290 C CB  . GLU A 37 ? 0.6714 0.7988 0.6830 0.0969  -0.0332 0.0763  91  GLU A CB  
291 C CG  . GLU A 37 ? 0.6238 0.7654 0.6589 0.0995  -0.0437 0.0666  91  GLU A CG  
292 C CD  . GLU A 37 ? 0.7730 0.9000 0.8362 0.1063  -0.0351 0.0720  91  GLU A CD  
293 O OE1 . GLU A 37 ? 0.7332 0.8362 0.7937 0.1119  -0.0256 0.0886  91  GLU A OE1 
294 O OE2 . GLU A 37 ? 0.6347 0.7725 0.7224 0.1060  -0.0364 0.0593  91  GLU A OE2 
295 N N   . PRO A 38 ? 0.7222 0.8122 0.7396 0.0815  0.0062  0.1004  92  PRO A N   
296 C CA  . PRO A 38 ? 0.7170 0.8064 0.7205 0.0799  0.0204  0.1169  92  PRO A CA  
297 C C   . PRO A 38 ? 0.8290 0.9288 0.7920 0.0954  0.0161  0.1295  92  PRO A C   
298 O O   . PRO A 38 ? 0.7725 0.8750 0.7214 0.1082  0.0011  0.1316  92  PRO A O   
299 C CB  . PRO A 38 ? 0.7592 0.8219 0.7830 0.0757  0.0333  0.1356  92  PRO A CB  
300 C CG  . PRO A 38 ? 0.7988 0.8470 0.8348 0.0855  0.0229  0.1332  92  PRO A CG  
301 C CD  . PRO A 38 ? 0.7522 0.8199 0.7933 0.0841  0.0093  0.1069  92  PRO A CD  
302 N N   . GLU A 39 ? 0.8671 0.9754 0.8114 0.0950  0.0296  0.1373  93  GLU A N   
303 C CA  . GLU A 39 ? 0.9768 1.0940 0.8746 0.1104  0.0286  0.1481  93  GLU A CA  
304 C C   . GLU A 39 ? 0.9308 1.0351 0.8111 0.1234  0.0255  0.1741  93  GLU A C   
305 O O   . GLU A 39 ? 1.0442 1.1560 0.8867 0.1384  0.0117  0.1773  93  GLU A O   
306 C CB  . GLU A 39 ? 1.1275 1.2556 1.0138 0.1085  0.0511  0.1567  93  GLU A CB  
307 C CG  . GLU A 39 ? 1.1478 1.2930 1.0322 0.1067  0.0504  0.1322  93  GLU A CG  
308 C CD  . GLU A 39 ? 1.1962 1.3582 1.0754 0.1078  0.0751  0.1417  93  GLU A CD  
309 O OE1 . GLU A 39 ? 1.2367 1.3991 1.1432 0.0969  0.0938  0.1611  93  GLU A OE1 
310 O OE2 . GLU A 39 ? 1.1336 1.3082 0.9834 0.1192  0.0764  0.1291  93  GLU A OE2 
311 N N   . ILE A 40 ? 0.9941 1.0767 0.9005 0.1181  0.0370  0.1932  94  ILE A N   
312 C CA  . ILE A 40 ? 1.0421 1.1066 0.9337 0.1318  0.0356  0.2226  94  ILE A CA  
313 C C   . ILE A 40 ? 1.0883 1.1590 0.9735 0.1477  0.0091  0.2155  94  ILE A C   
314 O O   . ILE A 40 ? 1.0641 1.1351 0.9179 0.1655  -0.0005 0.2357  94  ILE A O   
315 C CB  . ILE A 40 ? 1.1700 1.2024 1.0996 0.1210  0.0504  0.2383  94  ILE A CB  
316 C CG1 . ILE A 40 ? 1.2499 1.2784 1.1754 0.1093  0.0769  0.2606  94  ILE A CG1 
317 C CG2 . ILE A 40 ? 1.2679 1.2752 1.1998 0.1374  0.0404  0.2575  94  ILE A CG2 
318 C CD1 . ILE A 40 ? 1.2912 1.3257 1.1650 0.1248  0.0840  0.2898  94  ILE A CD1 
319 N N   . HIS A 41 ? 0.9649 1.0439 0.8805 0.1415  -0.0032 0.1884  95  HIS A N   
320 C CA  . HIS A 41 ? 0.8862 0.9777 0.8082 0.1539  -0.0266 0.1808  95  HIS A CA  
321 C C   . HIS A 41 ? 0.7891 0.9083 0.6766 0.1600  -0.0464 0.1689  95  HIS A C   
322 O O   . HIS A 41 ? 0.8255 0.9612 0.7173 0.1699  -0.0683 0.1652  95  HIS A O   
323 C CB  . HIS A 41 ? 0.8151 0.9087 0.7817 0.1435  -0.0290 0.1563  95  HIS A CB  
324 C CG  . HIS A 41 ? 0.8763 0.9405 0.8762 0.1418  -0.0160 0.1638  95  HIS A CG  
325 N ND1 . HIS A 41 ? 0.7836 0.8446 0.8186 0.1333  -0.0142 0.1422  95  HIS A ND1 
326 C CD2 . HIS A 41 ? 0.8569 0.8896 0.8577 0.1471  -0.0040 0.1896  95  HIS A CD2 
327 C CE1 . HIS A 41 ? 0.8839 0.9117 0.9396 0.1343  -0.0027 0.1512  95  HIS A CE1 
328 N NE2 . HIS A 41 ? 0.9148 0.9231 0.9525 0.1417  0.0033  0.1806  95  HIS A NE2 
329 N N   . LEU A 42 ? 0.8060 0.9312 0.6622 0.1545  -0.0399 0.1613  96  LEU A N   
330 C CA  . LEU A 42 ? 0.8028 0.9476 0.6276 0.1571  -0.0588 0.1424  96  LEU A CA  
331 C C   . LEU A 42 ? 0.9107 1.0579 0.6766 0.1712  -0.0591 0.1569  96  LEU A C   
332 O O   . LEU A 42 ? 0.9436 1.0990 0.6747 0.1718  -0.0655 0.1392  96  LEU A O   
333 C CB  . LEU A 42 ? 0.7563 0.9038 0.5901 0.1418  -0.0534 0.1155  96  LEU A CB  
334 C CG  . LEU A 42 ? 0.8052 0.9539 0.6876 0.1284  -0.0568 0.0994  96  LEU A CG  
335 C CD1 . LEU A 42 ? 0.7683 0.9099 0.6662 0.1143  -0.0400 0.0880  96  LEU A CD1 
336 C CD2 . LEU A 42 ? 0.9195 1.0850 0.8025 0.1258  -0.0813 0.0798  96  LEU A CD2 
337 N N   . GLU A 43 ? 0.9619 1.0987 0.7124 0.1835  -0.0517 0.1890  97  GLU A N   
338 C CA  . GLU A 43 ? 1.1524 1.2916 0.8404 0.1971  -0.0484 0.2056  97  GLU A CA  
339 C C   . GLU A 43 ? 1.1634 1.3208 0.8114 0.2097  -0.0807 0.1949  97  GLU A C   
340 O O   . GLU A 43 ? 1.3218 1.4839 0.9092 0.2195  -0.0817 0.1960  97  GLU A O   
341 C CB  . GLU A 43 ? 1.4333 1.5539 1.1139 0.2062  -0.0322 0.2471  97  GLU A CB  
342 C CG  . GLU A 43 ? 1.6333 1.7355 1.3494 0.1907  0.0002  0.2583  97  GLU A CG  
343 C CD  . GLU A 43 ? 1.8224 1.8986 1.5391 0.1966  0.0145  0.2998  97  GLU A CD  
344 O OE1 . GLU A 43 ? 1.9140 1.9852 1.6105 0.2148  -0.0028 0.3197  97  GLU A OE1 
345 O OE2 . GLU A 43 ? 1.8652 1.9258 1.6046 0.1824  0.0420  0.3134  97  GLU A OE2 
346 N N   . ASP A 44 ? 1.0534 1.2235 0.7343 0.2093  -0.1071 0.1837  98  ASP A N   
347 C CA  . ASP A 44 ? 1.1309 1.3237 0.7853 0.2169  -0.1419 0.1702  98  ASP A CA  
348 C C   . ASP A 44 ? 1.1268 1.3290 0.7880 0.2007  -0.1544 0.1307  98  ASP A C   
349 O O   . ASP A 44 ? 1.0886 1.3096 0.7401 0.2007  -0.1855 0.1143  98  ASP A O   
350 C CB  . ASP A 44 ? 1.1476 1.3555 0.8396 0.2262  -0.1643 0.1825  98  ASP A CB  
351 C CG  . ASP A 44 ? 1.1882 1.4236 0.8490 0.2373  -0.2021 0.1777  98  ASP A CG  
352 O OD1 . ASP A 44 ? 1.1656 1.3989 0.7614 0.2514  -0.2072 0.1915  98  ASP A OD1 
353 O OD2 . ASP A 44 ? 1.1814 1.4428 0.8825 0.2308  -0.2265 0.1594  98  ASP A OD2 
354 N N   . CYS A 45 ? 1.0319 1.2203 0.7103 0.1865  -0.1322 0.1159  99  CYS A N   
355 C CA  . CYS A 45 ? 1.0361 1.2266 0.7277 0.1707  -0.1419 0.0819  99  CYS A CA  
356 C C   . CYS A 45 ? 1.0885 1.2658 0.7342 0.1715  -0.1301 0.0659  99  CYS A C   
357 O O   . CYS A 45 ? 0.9614 1.1299 0.6229 0.1593  -0.1255 0.0436  99  CYS A O   
358 C CB  . CYS A 45 ? 1.0208 1.2072 0.7745 0.1548  -0.1290 0.0762  99  CYS A CB  
359 S SG  . CYS A 45 ? 1.0218 1.2283 0.8309 0.1533  -0.1461 0.0818  99  CYS A SG  
360 N N   . LYS A 46 ? 1.1676 1.3431 0.7551 0.1877  -0.1239 0.0783  100 LYS A N   
361 C CA  . LYS A 46 ? 1.2475 1.4123 0.7915 0.1923  -0.1076 0.0634  100 LYS A CA  
362 C C   . LYS A 46 ? 1.2433 1.4017 0.7708 0.1858  -0.1304 0.0251  100 LYS A C   
363 O O   . LYS A 46 ? 1.2340 1.3784 0.7629 0.1819  -0.1173 0.0058  100 LYS A O   
364 C CB  . LYS A 46 ? 1.3922 1.5594 0.8709 0.2119  -0.0970 0.0840  100 LYS A CB  
365 C CG  . LYS A 46 ? 1.5102 1.6788 1.0073 0.2163  -0.0775 0.1257  100 LYS A CG  
366 C CD  . LYS A 46 ? 1.5943 1.7620 1.0358 0.2312  -0.0509 0.1501  100 LYS A CD  
367 C CE  . LYS A 46 ? 1.5605 1.7344 0.9358 0.2493  -0.0720 0.1636  100 LYS A CE  
368 N NZ  . LYS A 46 ? 1.4981 1.6722 0.8963 0.2536  -0.0830 0.1979  100 LYS A NZ  
369 N N   . GLU A 47 ? 1.2663 1.4340 0.7844 0.1833  -0.1656 0.0139  101 GLU A N   
370 C CA  . GLU A 47 ? 1.2673 1.4253 0.7763 0.1723  -0.1897 -0.0227 101 GLU A CA  
371 C C   . GLU A 47 ? 1.2045 1.3502 0.7697 0.1534  -0.1811 -0.0364 101 GLU A C   
372 O O   . GLU A 47 ? 1.1550 1.2781 0.7066 0.1523  -0.1710 -0.0565 101 GLU A O   
373 C CB  . GLU A 47 ? 1.5274 1.7050 1.0344 0.1677  -0.2309 -0.0295 101 GLU A CB  
374 C CG  . GLU A 47 ? 1.6198 1.8261 1.1883 0.1624  -0.2423 -0.0071 101 GLU A CG  
375 C CD  . GLU A 47 ? 1.6135 1.8481 1.1708 0.1650  -0.2838 -0.0092 101 GLU A CD  
376 O OE1 . GLU A 47 ? 1.5761 1.8114 1.0670 0.1799  -0.2976 -0.0101 101 GLU A OE1 
377 O OE2 . GLU A 47 ? 1.5157 1.7752 1.1300 0.1528  -0.3031 -0.0102 101 GLU A OE2 
378 N N   . VAL A 48 ? 1.0771 1.2368 0.7040 0.1409  -0.1827 -0.0241 102 VAL A N   
379 C CA  . VAL A 48 ? 1.0187 1.1687 0.6933 0.1221  -0.1783 -0.0370 102 VAL A CA  
380 C C   . VAL A 48 ? 1.0627 1.1963 0.7441 0.1250  -0.1461 -0.0329 102 VAL A C   
381 O O   . VAL A 48 ? 1.0328 1.1506 0.7324 0.1143  -0.1428 -0.0480 102 VAL A O   
382 C CB  . VAL A 48 ? 0.9338 1.1063 0.6684 0.1101  -0.1858 -0.0253 102 VAL A CB  
383 C CG1 . VAL A 48 ? 0.9463 1.1397 0.6837 0.1039  -0.2205 -0.0346 102 VAL A CG1 
384 C CG2 . VAL A 48 ? 0.9488 1.1328 0.6978 0.1224  -0.1688 0.0042  102 VAL A CG2 
385 N N   . LEU A 49 ? 0.9625 1.1009 0.6310 0.1390  -0.1227 -0.0115 103 LEU A N   
386 C CA  . LEU A 49 ? 0.8641 0.9942 0.5434 0.1410  -0.0935 -0.0077 103 LEU A CA  
387 C C   . LEU A 49 ? 1.0062 1.1203 0.6447 0.1509  -0.0884 -0.0287 103 LEU A C   
388 O O   . LEU A 49 ? 0.9529 1.0566 0.6096 0.1483  -0.0766 -0.0384 103 LEU A O   
389 C CB  . LEU A 49 ? 0.9163 1.0570 0.5963 0.1502  -0.0697 0.0219  103 LEU A CB  
390 C CG  . LEU A 49 ? 0.9845 1.1322 0.7136 0.1417  -0.0635 0.0432  103 LEU A CG  
391 C CD1 . LEU A 49 ? 0.9794 1.1305 0.6972 0.1515  -0.0432 0.0730  103 LEU A CD1 
392 C CD2 . LEU A 49 ? 0.9652 1.1087 0.7409 0.1274  -0.0530 0.0358  103 LEU A CD2 
393 N N   . LEU A 50 ? 1.0300 1.1415 0.6111 0.1644  -0.0971 -0.0365 104 LEU A N   
394 C CA  . LEU A 50 ? 1.0602 1.1534 0.5984 0.1766  -0.0915 -0.0603 104 LEU A CA  
395 C C   . LEU A 50 ? 1.0849 1.1525 0.6302 0.1645  -0.1145 -0.0908 104 LEU A C   
396 O O   . LEU A 50 ? 1.1386 1.1846 0.6766 0.1704  -0.1057 -0.1087 104 LEU A O   
397 C CB  . LEU A 50 ? 1.2785 1.3751 0.7461 0.1955  -0.0930 -0.0612 104 LEU A CB  
398 C CG  . LEU A 50 ? 1.4421 1.5569 0.8973 0.2104  -0.0578 -0.0329 104 LEU A CG  
399 C CD1 . LEU A 50 ? 1.5183 1.6319 0.9981 0.2150  -0.0276 -0.0370 104 LEU A CD1 
400 C CD2 . LEU A 50 ? 1.4263 1.5602 0.9152 0.2036  -0.0515 0.0041  104 LEU A CD2 
401 N N   . GLU A 51 ? 1.0947 1.1647 0.6581 0.1473  -0.1431 -0.0954 105 GLU A N   
402 C CA  . GLU A 51 ? 1.1246 1.1715 0.7093 0.1294  -0.1619 -0.1180 105 GLU A CA  
403 C C   . GLU A 51 ? 1.1232 1.1626 0.7551 0.1219  -0.1436 -0.1117 105 GLU A C   
404 O O   . GLU A 51 ? 1.1437 1.1532 0.7740 0.1200  -0.1445 -0.1295 105 GLU A O   
405 C CB  . GLU A 51 ? 1.3062 1.3688 0.9171 0.1096  -0.1913 -0.1178 105 GLU A CB  
406 C CG  . GLU A 51 ? 1.5733 1.6544 1.1460 0.1173  -0.2123 -0.1174 105 GLU A CG  
407 C CD  . GLU A 51 ? 1.7679 1.8521 1.3502 0.0977  -0.2496 -0.1357 105 GLU A CD  
408 O OE1 . GLU A 51 ? 1.8183 1.8780 1.4193 0.0797  -0.2579 -0.1550 105 GLU A OE1 
409 O OE2 . GLU A 51 ? 1.8514 1.9631 1.4245 0.0998  -0.2711 -0.1296 105 GLU A OE2 
410 N N   . PHE A 52 ? 0.9970 1.0604 0.6695 0.1180  -0.1283 -0.0866 106 PHE A N   
411 C CA  . PHE A 52 ? 0.9424 1.0017 0.6555 0.1113  -0.1127 -0.0806 106 PHE A CA  
412 C C   . PHE A 52 ? 0.9156 0.9641 0.6117 0.1290  -0.0920 -0.0854 106 PHE A C   
413 O O   . PHE A 52 ? 1.0231 1.0498 0.7273 0.1283  -0.0919 -0.0974 106 PHE A O   
414 C CB  . PHE A 52 ? 0.8545 0.9400 0.6084 0.1051  -0.1008 -0.0558 106 PHE A CB  
415 C CG  . PHE A 52 ? 0.8211 0.9059 0.6104 0.0999  -0.0850 -0.0498 106 PHE A CG  
416 C CD1 . PHE A 52 ? 0.8400 0.9145 0.6558 0.0841  -0.0936 -0.0558 106 PHE A CD1 
417 C CD2 . PHE A 52 ? 0.8107 0.9070 0.6062 0.1101  -0.0620 -0.0373 106 PHE A CD2 
418 C CE1 . PHE A 52 ? 0.7790 0.8538 0.6219 0.0804  -0.0816 -0.0501 106 PHE A CE1 
419 C CE2 . PHE A 52 ? 0.8100 0.9094 0.6390 0.1046  -0.0513 -0.0330 106 PHE A CE2 
420 C CZ  . PHE A 52 ? 0.7374 0.8254 0.5874 0.0909  -0.0622 -0.0398 106 PHE A CZ  
421 N N   . ARG A 53 ? 0.9134 0.9783 0.5871 0.1459  -0.0735 -0.0746 107 ARG A N   
422 C CA  . ARG A 53 ? 1.0915 1.1564 0.7575 0.1634  -0.0500 -0.0768 107 ARG A CA  
423 C C   . ARG A 53 ? 1.1716 1.2046 0.8001 0.1761  -0.0573 -0.1057 107 ARG A C   
424 O O   . ARG A 53 ? 1.0248 1.0500 0.6618 0.1882  -0.0438 -0.1124 107 ARG A O   
425 C CB  . ARG A 53 ? 1.1979 1.2889 0.8460 0.1770  -0.0271 -0.0575 107 ARG A CB  
426 C CG  . ARG A 53 ? 1.2833 1.3974 0.9726 0.1638  -0.0191 -0.0291 107 ARG A CG  
427 C CD  . ARG A 53 ? 1.4821 1.6195 1.1669 0.1739  0.0095  -0.0061 107 ARG A CD  
428 N NE  . ARG A 53 ? 1.6901 1.8328 1.3538 0.1927  0.0301  -0.0150 107 ARG A NE  
429 C CZ  . ARG A 53 ? 1.7493 1.9010 1.3664 0.2104  0.0465  -0.0106 107 ARG A CZ  
430 N NH1 . ARG A 53 ? 1.7483 1.9033 1.3333 0.2109  0.0428  0.0051  107 ARG A NH1 
431 N NH2 . ARG A 53 ? 1.7443 1.9035 1.3468 0.2292  0.0675  -0.0209 107 ARG A NH2 
432 N N   . LYS A 54 ? 1.2128 1.2259 0.8030 0.1735  -0.0805 -0.1243 108 LYS A N   
433 C CA  . LYS A 54 ? 1.2845 1.2583 0.8394 0.1830  -0.0904 -0.1555 108 LYS A CA  
434 C C   . LYS A 54 ? 1.2061 1.1503 0.7962 0.1684  -0.1021 -0.1639 108 LYS A C   
435 O O   . LYS A 54 ? 1.2377 1.1511 0.8180 0.1814  -0.0980 -0.1806 108 LYS A O   
436 C CB  . LYS A 54 ? 1.5000 1.4595 1.0041 0.1809  -0.1155 -0.1752 108 LYS A CB  
437 C CG  . LYS A 54 ? 1.6412 1.5846 1.1651 0.1530  -0.1489 -0.1851 108 LYS A CG  
438 C CD  . LYS A 54 ? 1.7964 1.7017 1.2712 0.1526  -0.1745 -0.2204 108 LYS A CD  
439 C CE  . LYS A 54 ? 1.8205 1.6742 1.2953 0.1543  -0.1754 -0.2437 108 LYS A CE  
440 N NZ  . LYS A 54 ? 1.8785 1.6867 1.3036 0.1533  -0.2005 -0.2816 108 LYS A NZ  
441 N N   . LYS A 55 ? 1.0582 1.0111 0.6891 0.1430  -0.1151 -0.1511 109 LYS A N   
442 C CA  . LYS A 55 ? 1.1081 1.0338 0.7690 0.1284  -0.1240 -0.1550 109 LYS A CA  
443 C C   . LYS A 55 ? 1.1727 1.1040 0.8610 0.1401  -0.1028 -0.1431 109 LYS A C   
444 O O   . LYS A 55 ? 1.2063 1.1048 0.8987 0.1435  -0.1056 -0.1519 109 LYS A O   
445 C CB  . LYS A 55 ? 1.1320 1.0722 0.8292 0.0995  -0.1391 -0.1429 109 LYS A CB  
446 C CG  . LYS A 55 ? 1.3131 1.2206 1.0309 0.0796  -0.1529 -0.1490 109 LYS A CG  
447 C CD  . LYS A 55 ? 1.4326 1.3637 1.1913 0.0526  -0.1606 -0.1336 109 LYS A CD  
448 C CE  . LYS A 55 ? 1.5220 1.4637 1.2757 0.0372  -0.1831 -0.1424 109 LYS A CE  
449 N NZ  . LYS A 55 ? 1.4990 1.4659 1.2975 0.0119  -0.1892 -0.1290 109 LYS A NZ  
450 N N   . ILE A 56 ? 1.1137 1.0853 0.8213 0.1464  -0.0829 -0.1227 110 ILE A N   
451 C CA  . ILE A 56 ? 1.0500 1.0347 0.7861 0.1575  -0.0642 -0.1121 110 ILE A CA  
452 C C   . ILE A 56 ? 1.0812 1.0491 0.7918 0.1856  -0.0533 -0.1282 110 ILE A C   
453 O O   . ILE A 56 ? 0.9936 0.9441 0.7189 0.1947  -0.0523 -0.1322 110 ILE A O   
454 C CB  . ILE A 56 ? 0.9595 0.9899 0.7207 0.1561  -0.0459 -0.0890 110 ILE A CB  
455 C CG1 . ILE A 56 ? 0.8624 0.9042 0.6549 0.1312  -0.0554 -0.0750 110 ILE A CG1 
456 C CG2 . ILE A 56 ? 0.9743 1.0244 0.7639 0.1691  -0.0269 -0.0807 110 ILE A CG2 
457 C CD1 . ILE A 56 ? 0.9202 0.9432 0.7360 0.1176  -0.0672 -0.0768 110 ILE A CD1 
458 N N   . ALA A 57 ? 1.0319 1.0047 0.7018 0.2019  -0.0448 -0.1377 111 ALA A N   
459 C CA  . ALA A 57 ? 1.1046 1.0655 0.7479 0.2322  -0.0301 -0.1546 111 ALA A CA  
460 C C   . ALA A 57 ? 1.2484 1.1521 0.8739 0.2373  -0.0475 -0.1802 111 ALA A C   
461 O O   . ALA A 57 ? 1.2931 1.1833 0.9220 0.2608  -0.0369 -0.1889 111 ALA A O   
462 C CB  . ALA A 57 ? 1.1019 1.0751 0.6943 0.2471  -0.0192 -0.1616 111 ALA A CB  
463 N N   . GLU A 58 ? 1.3850 1.2549 0.9959 0.2153  -0.0742 -0.1915 112 GLU A N   
464 C CA  . GLU A 58 ? 1.4905 1.2992 1.0811 0.2175  -0.0915 -0.2171 112 GLU A CA  
465 C C   . GLU A 58 ? 1.5387 1.3263 1.1696 0.2123  -0.0950 -0.2066 112 GLU A C   
466 O O   . GLU A 58 ? 1.6634 1.4073 1.2840 0.2303  -0.0960 -0.2218 112 GLU A O   
467 C CB  . GLU A 58 ? 1.6302 1.4125 1.1973 0.1921  -0.1200 -0.2320 112 GLU A CB  
468 C CG  . GLU A 58 ? 1.9613 1.6802 1.4836 0.2014  -0.1347 -0.2680 112 GLU A CG  
469 C CD  . GLU A 58 ? 2.1217 1.8292 1.6058 0.1846  -0.1596 -0.2884 112 GLU A CD  
470 O OE1 . GLU A 58 ? 2.0981 1.8492 1.5939 0.1671  -0.1656 -0.2719 112 GLU A OE1 
471 O OE2 . GLU A 58 ? 2.2048 1.8599 1.6467 0.1905  -0.1739 -0.3217 112 GLU A OE2 
472 N N   . ASN A 59 ? 1.4380 1.2541 1.1118 0.1900  -0.0967 -0.1808 113 ASN A N   
473 C CA  . ASN A 59 ? 1.4441 1.2453 1.1513 0.1867  -0.0992 -0.1679 113 ASN A CA  
474 C C   . ASN A 59 ? 1.4472 1.2785 1.1768 0.2140  -0.0784 -0.1573 113 ASN A C   
475 O O   . ASN A 59 ? 1.4993 1.3580 1.2668 0.2067  -0.0755 -0.1359 113 ASN A O   
476 C CB  . ASN A 59 ? 1.4474 1.2692 1.1880 0.1544  -0.1076 -0.1459 113 ASN A CB  
477 C CG  . ASN A 59 ? 1.4739 1.2880 1.2034 0.1270  -0.1248 -0.1523 113 ASN A CG  
478 O OD1 . ASN A 59 ? 1.4173 1.2701 1.1649 0.1102  -0.1241 -0.1386 113 ASN A OD1 
479 N ND2 . ASN A 59 ? 1.6246 1.3887 1.3271 0.1225  -0.1413 -0.1738 113 ASN A ND2 
480 N N   . LYS A 60 ? 1.4772 1.3064 1.1843 0.2453  -0.0642 -0.1732 114 LYS A N   
481 C CA  . LYS A 60 ? 1.4461 1.3152 1.1796 0.2721  -0.0420 -0.1635 114 LYS A CA  
482 C C   . LYS A 60 ? 1.5313 1.3745 1.2385 0.3104  -0.0309 -0.1867 114 LYS A C   
483 O O   . LYS A 60 ? 1.5848 1.4272 1.3158 0.3342  -0.0248 -0.1840 114 LYS A O   
484 C CB  . LYS A 60 ? 1.3181 1.2514 1.0645 0.2674  -0.0230 -0.1480 114 LYS A CB  
485 C CG  . LYS A 60 ? 1.2764 1.2606 1.0590 0.2889  0.0006  -0.1354 114 LYS A CG  
486 C CD  . LYS A 60 ? 1.1683 1.2057 0.9545 0.2840  0.0212  -0.1223 114 LYS A CD  
487 C CE  . LYS A 60 ? 1.2045 1.2599 1.0132 0.2492  0.0111  -0.1026 114 LYS A CE  
488 N NZ  . LYS A 60 ? 1.1075 1.2186 0.9451 0.2433  0.0315  -0.0818 114 LYS A NZ  
489 N N   . MN1 B 1  ? 1.0442 1.5097 0.8862 0.1769  -0.2357 0.0760  1   MN1 B N   
490 C C2  . MN1 B 1  ? 1.0307 1.4904 0.8601 0.1895  -0.2518 0.1005  1   MN1 B C2  
491 C C3  . MN1 B 1  ? 0.9987 1.4392 0.8087 0.1829  -0.2562 0.1437  1   MN1 B C3  
492 C C4  . MN1 B 1  ? 1.0686 1.4876 0.8823 0.1621  -0.2414 0.1522  1   MN1 B C4  
493 C C   . MN1 B 1  ? 0.9697 1.3455 0.8170 0.1605  -0.2455 0.1453  1   MN1 B C   
494 O O   . MN1 B 1  ? 0.8918 1.2626 0.7663 0.1586  -0.2392 0.1119  1   MN1 B O   
495 C C5  . MN1 B 1  ? 1.0347 1.4767 0.8459 0.1482  -0.2203 0.1284  1   MN1 B C5  
496 C C6  . MN1 B 1  ? 1.0771 1.5462 0.8955 0.1569  -0.2165 0.0924  1   MN1 B C6  
497 N N   . PHE B 2  ? 0.9387 1.2808 0.7801 0.1557  -0.2517 0.1814  2   PHE B N   
498 C CA  . PHE B 2  ? 0.9398 1.2374 0.8094 0.1548  -0.2578 0.1826  2   PHE B CA  
499 C C   . PHE B 2  ? 1.0330 1.2984 0.8984 0.1347  -0.2475 0.2083  2   PHE B C   
500 O O   . PHE B 2  ? 1.0823 1.3527 0.9189 0.1272  -0.2442 0.2394  2   PHE B O   
501 C CB  . PHE B 2  ? 0.9779 1.2642 0.8505 0.1746  -0.2806 0.1973  2   PHE B CB  
502 C CG  . PHE B 2  ? 1.0173 1.3261 0.9032 0.1945  -0.2919 0.1682  2   PHE B CG  
503 C CD1 . PHE B 2  ? 1.0211 1.3108 0.9421 0.2009  -0.2968 0.1409  2   PHE B CD1 
504 C CD2 . PHE B 2  ? 1.0536 1.4030 0.9169 0.2067  -0.2975 0.1679  2   PHE B CD2 
505 C CE1 . PHE B 2  ? 1.0326 1.3433 0.9666 0.2191  -0.3071 0.1137  2   PHE B CE1 
506 C CE2 . PHE B 2  ? 1.0598 1.4305 0.9356 0.2250  -0.3079 0.1406  2   PHE B CE2 
507 C CZ  . PHE B 2  ? 1.0382 1.3894 0.9494 0.2312  -0.3127 0.1134  2   PHE B CZ  
508 N N   . ALA B 3  ? 0.9889 1.2213 0.8834 0.1259  -0.2423 0.1951  3   ALA B N   
509 C CA  . ALA B 3  ? 0.9501 1.1518 0.8444 0.1055  -0.2306 0.2144  3   ALA B CA  
510 C C   . ALA B 3  ? 0.9980 1.1541 0.9222 0.1060  -0.2382 0.2145  3   ALA B C   
511 O O   . ALA B 3  ? 0.9211 1.0710 0.8716 0.1186  -0.2472 0.1898  3   ALA B O   
512 C CB  . ALA B 3  ? 0.9198 1.1332 0.8161 0.0872  -0.2085 0.1943  3   ALA B CB  
513 N N   . PHE B 4  ? 0.9104 1.0347 0.8302 0.0924  -0.2345 0.2428  4   PHE B N   
514 C CA  . PHE B 4  ? 0.8443 0.9234 0.7922 0.0881  -0.2374 0.2428  4   PHE B CA  
515 C C   . PHE B 4  ? 0.7768 0.8478 0.7465 0.0725  -0.2201 0.2151  4   PHE B C   
516 O O   . PHE B 4  ? 0.7858 0.8725 0.7418 0.0571  -0.2032 0.2139  4   PHE B O   
517 C CB  . PHE B 4  ? 0.9723 1.0208 0.9067 0.0786  -0.2391 0.2834  4   PHE B CB  
518 C CG  . PHE B 4  ? 1.0764 1.1298 0.9891 0.0931  -0.2560 0.3131  4   PHE B CG  
519 C CD1 . PHE B 4  ? 1.1311 1.2154 1.0086 0.0927  -0.2540 0.3330  4   PHE B CD1 
520 C CD2 . PHE B 4  ? 1.0534 1.0811 0.9807 0.1076  -0.2740 0.3210  4   PHE B CD2 
521 C CE1 . PHE B 4  ? 1.1750 1.2643 1.0323 0.1064  -0.2697 0.3603  4   PHE B CE1 
522 C CE2 . PHE B 4  ? 1.1369 1.1692 1.0441 0.1212  -0.2896 0.3482  4   PHE B CE2 
523 C CZ  . PHE B 4  ? 1.2110 1.2744 1.0832 0.1207  -0.2875 0.3680  4   PHE B CZ  
524 N N   . 5T3 B 5  ? 1.0352 1.0813 1.0387 0.0762  -0.2240 0.1929  5   5T3 B N   
525 C CA  . 5T3 B 5  ? 0.8904 0.9261 0.9171 0.0615  -0.2079 0.1656  5   5T3 B CA  
526 C C   . 5T3 B 5  ? 0.9815 0.9717 1.0224 0.0477  -0.2046 0.1810  5   5T3 B C   
527 O O   . 5T3 B 5  ? 1.0658 1.0254 1.1221 0.0561  -0.2183 0.1899  5   5T3 B O   
528 C CB  . 5T3 B 5  ? 0.7344 0.7768 0.7900 0.0740  -0.2125 0.1257  5   5T3 B CB  
529 C CG  . 5T3 B 5  ? 0.7347 0.7698 0.8109 0.0577  -0.1945 0.0988  5   5T3 B CG  
530 C CD  . 5T3 B 5  ? 0.7736 0.8294 0.8704 0.0693  -0.1956 0.0574  5   5T3 B CD  
531 C CE  . 5T3 B 5  ? 0.8441 0.8672 0.9747 0.0788  -0.2076 0.0440  5   5T3 B CE  
532 N NZ  . 5T3 B 5  ? 0.9248 0.9703 1.0656 0.0996  -0.2198 0.0190  5   5T3 B NZ  
533 C CH1 . 5T3 B 5  ? 0.8635 0.9463 1.0005 0.0969  -0.2070 -0.0097 5   5T3 B CH1 
534 C CH2 . 5T3 B 5  ? 0.9703 0.9870 1.1468 0.1076  -0.2288 -0.0006 5   5T3 B CH2 
535 C CT1 . 5T3 B 5  ? 0.9734 1.0431 1.1412 0.0873  -0.1948 -0.0437 5   5T3 B CT1 
536 C CT2 . 5T3 B 5  ? 0.9537 0.9234 1.1410 0.0995  -0.2320 0.0230  5   5T3 B CT2 
537 C CT3 . 5T3 B 5  ? 0.8972 1.0136 1.0280 0.1182  -0.2199 -0.0228 5   5T3 B CT3 
538 N N   . SER B 6  ? 0.9205 0.9053 0.9567 0.0265  -0.1864 0.1846  6   SER B N   
539 C CA  . SER B 6  ? 1.1132 1.0554 1.1621 0.0115  -0.1816 0.1991  6   SER B CA  
540 C C   . SER B 6  ? 1.0117 0.9441 1.0866 -0.0020 -0.1661 0.1682  6   SER B C   
541 O O   . SER B 6  ? 1.0023 0.8983 1.0947 -0.0138 -0.1617 0.1721  6   SER B O   
542 C CB  . SER B 6  ? 1.1393 1.0783 1.1584 -0.0033 -0.1742 0.2363  6   SER B CB  
543 O OG  . SER B 6  ? 1.0508 1.0213 1.0523 -0.0151 -0.1573 0.2291  6   SER B OG  
544 C C   . MOH B 7  ? 0.9177 0.8648 1.0197 -0.0223 -0.1366 0.1123  7   MOH B C   
545 O O   . MOH B 7  ? 0.9866 0.9438 1.0690 -0.0065 -0.1530 0.1353  7   MOH B O   
# 
loop_
_pdbx_poly_seq_scheme.asym_id 
_pdbx_poly_seq_scheme.entity_id 
_pdbx_poly_seq_scheme.seq_id 
_pdbx_poly_seq_scheme.mon_id 
_pdbx_poly_seq_scheme.ndb_seq_num 
_pdbx_poly_seq_scheme.pdb_seq_num 
_pdbx_poly_seq_scheme.auth_seq_num 
_pdbx_poly_seq_scheme.pdb_mon_id 
_pdbx_poly_seq_scheme.auth_mon_id 
_pdbx_poly_seq_scheme.pdb_strand_id 
_pdbx_poly_seq_scheme.pdb_ins_code 
_pdbx_poly_seq_scheme.hetero 
A 1 1  GLY 1  55  ?   ?   ?   A . n 
A 1 2  GLU 2  56  ?   ?   ?   A . n 
A 1 3  ASP 3  57  57  ASP ASP A . n 
A 1 4  VAL 4  58  58  VAL VAL A . n 
A 1 5  PHE 5  59  59  PHE PHE A . n 
A 1 6  GLU 6  60  60  GLU GLU A . n 
A 1 7  VAL 7  61  61  VAL VAL A . n 
A 1 8  GLU 8  62  62  GLU GLU A . n 
A 1 9  LYS 9  63  63  LYS LYS A . n 
A 1 10 ILE 10 64  64  ILE ILE A . n 
A 1 11 LEU 11 65  65  LEU LEU A . n 
A 1 12 ASP 12 66  66  ASP ASP A . n 
A 1 13 MET 13 67  67  MET MET A . n 
A 1 14 LYS 14 68  68  LYS LYS A . n 
A 1 15 THR 15 69  69  THR THR A . n 
A 1 16 GLU 16 70  70  GLU GLU A . n 
A 1 17 GLY 17 71  71  GLY GLY A . n 
A 1 18 GLY 18 72  72  GLY GLY A . n 
A 1 19 LYS 19 73  73  LYS LYS A . n 
A 1 20 VAL 20 74  74  VAL VAL A . n 
A 1 21 LEU 21 75  75  LEU LEU A . n 
A 1 22 TYR 22 76  76  TYR TYR A . n 
A 1 23 LYS 23 77  77  LYS LYS A . n 
A 1 24 VAL 24 78  78  VAL VAL A . n 
A 1 25 ARG 25 79  79  ARG ARG A . n 
A 1 26 TRP 26 80  80  TRP TRP A . n 
A 1 27 LYS 27 81  81  LYS LYS A . n 
A 1 28 GLY 28 82  82  GLY GLY A . n 
A 1 29 TYR 29 83  83  TYR TYR A . n 
A 1 30 THR 30 84  84  THR THR A . n 
A 1 31 SER 31 85  85  SER SER A . n 
A 1 32 ASP 32 86  86  ASP ASP A . n 
A 1 33 ASP 33 87  87  ASP ASP A . n 
A 1 34 ASP 34 88  88  ASP ASP A . n 
A 1 35 THR 35 89  89  THR THR A . n 
A 1 36 TRP 36 90  90  TRP TRP A . n 
A 1 37 GLU 37 91  91  GLU GLU A . n 
A 1 38 PRO 38 92  92  PRO PRO A . n 
A 1 39 GLU 39 93  93  GLU GLU A . n 
A 1 40 ILE 40 94  94  ILE ILE A . n 
A 1 41 HIS 41 95  95  HIS HIS A . n 
A 1 42 LEU 42 96  96  LEU LEU A . n 
A 1 43 GLU 43 97  97  GLU GLU A . n 
A 1 44 ASP 44 98  98  ASP ASP A . n 
A 1 45 CYS 45 99  99  CYS CYS A . n 
A 1 46 LYS 46 100 100 LYS LYS A . n 
A 1 47 GLU 47 101 101 GLU GLU A . n 
A 1 48 VAL 48 102 102 VAL VAL A . n 
A 1 49 LEU 49 103 103 LEU LEU A . n 
A 1 50 LEU 50 104 104 LEU LEU A . n 
A 1 51 GLU 51 105 105 GLU GLU A . n 
A 1 52 PHE 52 106 106 PHE PHE A . n 
A 1 53 ARG 53 107 107 ARG ARG A . n 
A 1 54 LYS 54 108 108 LYS LYS A . n 
A 1 55 LYS 55 109 109 LYS LYS A . n 
A 1 56 ILE 56 110 110 ILE ILE A . n 
A 1 57 ALA 57 111 111 ALA ALA A . n 
A 1 58 GLU 58 112 112 GLU GLU A . n 
A 1 59 ASN 59 113 113 ASN ASN A . n 
A 1 60 LYS 60 114 114 LYS LYS A . n 
A 1 61 ALA 61 115 ?   ?   ?   A . n 
A 1 62 LYS 62 116 ?   ?   ?   A . n 
B 2 1  MN1 1  1   1   MN1 MN1 B . n 
B 2 2  PHE 2  2   2   PHE PHE B . n 
B 2 3  ALA 3  3   3   ALA ALA B . n 
B 2 4  PHE 4  4   4   PHE PHE B . n 
B 2 5  5T3 5  5   5   5T3 ILY B . n 
B 2 6  SER 6  6   6   SER SER B . n 
B 2 7  MOH 7  7   7   MOH MOH B . n 
# 
loop_
_pdbx_nonpoly_scheme.asym_id 
_pdbx_nonpoly_scheme.entity_id 
_pdbx_nonpoly_scheme.mon_id 
_pdbx_nonpoly_scheme.ndb_seq_num 
_pdbx_nonpoly_scheme.pdb_seq_num 
_pdbx_nonpoly_scheme.auth_seq_num 
_pdbx_nonpoly_scheme.pdb_mon_id 
_pdbx_nonpoly_scheme.auth_mon_id 
_pdbx_nonpoly_scheme.pdb_strand_id 
_pdbx_nonpoly_scheme.pdb_ins_code 
C 3 HOH 1 201 4 HOH HOH A . 
C 3 HOH 2 202 5 HOH HOH A . 
C 3 HOH 3 203 1 HOH HOH A . 
C 3 HOH 4 204 2 HOH HOH A . 
C 3 HOH 5 205 3 HOH HOH A . 
# 
_pdbx_struct_assembly.id                   1 
_pdbx_struct_assembly.details              author_and_software_defined_assembly 
_pdbx_struct_assembly.method_details       PISA 
_pdbx_struct_assembly.oligomeric_details   dimeric 
_pdbx_struct_assembly.oligomeric_count     2 
# 
_pdbx_struct_assembly_gen.assembly_id       1 
_pdbx_struct_assembly_gen.oper_expression   1 
_pdbx_struct_assembly_gen.asym_id_list      A,B,C 
# 
loop_
_pdbx_struct_assembly_prop.biol_id 
_pdbx_struct_assembly_prop.type 
_pdbx_struct_assembly_prop.value 
_pdbx_struct_assembly_prop.details 
1 'ABSA (A^2)' 1550 ? 
1 MORE         -3   ? 
1 'SSA (A^2)'  4670 ? 
# 
_pdbx_struct_oper_list.id                   1 
_pdbx_struct_oper_list.type                 'identity operation' 
_pdbx_struct_oper_list.name                 1_555 
_pdbx_struct_oper_list.symmetry_operation   x,y,z 
_pdbx_struct_oper_list.matrix[1][1]         1.0000000000 
_pdbx_struct_oper_list.matrix[1][2]         0.0000000000 
_pdbx_struct_oper_list.matrix[1][3]         0.0000000000 
_pdbx_struct_oper_list.vector[1]            0.0000000000 
_pdbx_struct_oper_list.matrix[2][1]         0.0000000000 
_pdbx_struct_oper_list.matrix[2][2]         1.0000000000 
_pdbx_struct_oper_list.matrix[2][3]         0.0000000000 
_pdbx_struct_oper_list.vector[2]            0.0000000000 
_pdbx_struct_oper_list.matrix[3][1]         0.0000000000 
_pdbx_struct_oper_list.matrix[3][2]         0.0000000000 
_pdbx_struct_oper_list.matrix[3][3]         1.0000000000 
_pdbx_struct_oper_list.vector[3]            0.0000000000 
# 
loop_
_pdbx_audit_revision_history.ordinal 
_pdbx_audit_revision_history.data_content_type 
_pdbx_audit_revision_history.major_revision 
_pdbx_audit_revision_history.minor_revision 
_pdbx_audit_revision_history.revision_date 
1 'Structure model' 1 0 2021-09-01 
2 'Structure model' 1 1 2021-09-29 
3 'Structure model' 1 2 2023-10-18 
4 'Structure model' 2 0 2023-11-15 
# 
_pdbx_audit_revision_details.ordinal             1 
_pdbx_audit_revision_details.revision_ordinal    1 
_pdbx_audit_revision_details.data_content_type   'Structure model' 
_pdbx_audit_revision_details.provider            repository 
_pdbx_audit_revision_details.type                'Initial release' 
_pdbx_audit_revision_details.description         ? 
_pdbx_audit_revision_details.details             ? 
# 
loop_
_pdbx_audit_revision_group.ordinal 
_pdbx_audit_revision_group.revision_ordinal 
_pdbx_audit_revision_group.data_content_type 
_pdbx_audit_revision_group.group 
1 2 'Structure model' 'Database references'    
2 3 'Structure model' 'Data collection'        
3 3 'Structure model' 'Refinement description' 
4 4 'Structure model' 'Atomic model'           
5 4 'Structure model' 'Data collection'        
# 
loop_
_pdbx_audit_revision_category.ordinal 
_pdbx_audit_revision_category.revision_ordinal 
_pdbx_audit_revision_category.data_content_type 
_pdbx_audit_revision_category.category 
1 2 'Structure model' citation                      
2 2 'Structure model' citation_author               
3 3 'Structure model' chem_comp_atom                
4 3 'Structure model' chem_comp_bond                
5 3 'Structure model' pdbx_initial_refinement_model 
6 4 'Structure model' atom_site                     
7 4 'Structure model' atom_site_anisotrop           
8 4 'Structure model' chem_comp_atom                
9 4 'Structure model' chem_comp_bond                
# 
loop_
_pdbx_audit_revision_item.ordinal 
_pdbx_audit_revision_item.revision_ordinal 
_pdbx_audit_revision_item.data_content_type 
_pdbx_audit_revision_item.item 
1  2 'Structure model' '_citation.journal_volume'                
2  2 'Structure model' '_citation.page_first'                    
3  2 'Structure model' '_citation.page_last'                     
4  2 'Structure model' '_citation_author.identifier_ORCID'       
5  4 'Structure model' '_atom_site.auth_atom_id'                 
6  4 'Structure model' '_atom_site.label_atom_id'                
7  4 'Structure model' '_atom_site_anisotrop.pdbx_auth_atom_id'  
8  4 'Structure model' '_atom_site_anisotrop.pdbx_label_atom_id' 
9  4 'Structure model' '_chem_comp_atom.atom_id'                 
10 4 'Structure model' '_chem_comp_bond.atom_id_1'               
11 4 'Structure model' '_chem_comp_bond.atom_id_2'               
# 
loop_
_pdbx_refine_tls.id 
_pdbx_refine_tls.pdbx_refine_id 
_pdbx_refine_tls.details 
_pdbx_refine_tls.method 
_pdbx_refine_tls.origin_x 
_pdbx_refine_tls.origin_y 
_pdbx_refine_tls.origin_z 
_pdbx_refine_tls.T[1][1] 
_pdbx_refine_tls.T[1][1]_esd 
_pdbx_refine_tls.T[1][2] 
_pdbx_refine_tls.T[1][2]_esd 
_pdbx_refine_tls.T[1][3] 
_pdbx_refine_tls.T[1][3]_esd 
_pdbx_refine_tls.T[2][2] 
_pdbx_refine_tls.T[2][2]_esd 
_pdbx_refine_tls.T[2][3] 
_pdbx_refine_tls.T[2][3]_esd 
_pdbx_refine_tls.T[3][3] 
_pdbx_refine_tls.T[3][3]_esd 
_pdbx_refine_tls.L[1][1] 
_pdbx_refine_tls.L[1][1]_esd 
_pdbx_refine_tls.L[1][2] 
_pdbx_refine_tls.L[1][2]_esd 
_pdbx_refine_tls.L[1][3] 
_pdbx_refine_tls.L[1][3]_esd 
_pdbx_refine_tls.L[2][2] 
_pdbx_refine_tls.L[2][2]_esd 
_pdbx_refine_tls.L[2][3] 
_pdbx_refine_tls.L[2][3]_esd 
_pdbx_refine_tls.L[3][3] 
_pdbx_refine_tls.L[3][3]_esd 
_pdbx_refine_tls.S[1][1] 
_pdbx_refine_tls.S[1][1]_esd 
_pdbx_refine_tls.S[1][2] 
_pdbx_refine_tls.S[1][2]_esd 
_pdbx_refine_tls.S[1][3] 
_pdbx_refine_tls.S[1][3]_esd 
_pdbx_refine_tls.S[2][1] 
_pdbx_refine_tls.S[2][1]_esd 
_pdbx_refine_tls.S[2][2] 
_pdbx_refine_tls.S[2][2]_esd 
_pdbx_refine_tls.S[2][3] 
_pdbx_refine_tls.S[2][3]_esd 
_pdbx_refine_tls.S[3][1] 
_pdbx_refine_tls.S[3][1]_esd 
_pdbx_refine_tls.S[3][2] 
_pdbx_refine_tls.S[3][2]_esd 
_pdbx_refine_tls.S[3][3] 
_pdbx_refine_tls.S[3][3]_esd 
1 'X-RAY DIFFRACTION' ? refined -0.0399 0.6592  -0.0802 0.5375 ? 0.0823 ? -0.0847 ? 0.6940 ? 0.0157 ? 0.4473 ? 4.0860 ? -0.4848 ? 0.1376  ? 3.8742 ? -0.2840 ? 4.1064 ? -0.1636 ? -0.6331 ? -0.1739 ? 0.8088 ? 0.2691 ? -0.2225 ? -0.0557 ? 0.2965 ? 0.1248  ? 
2 'X-RAY DIFFRACTION' ? refined 6.1115  -6.8093 1.2332  0.7451 ? 0.1050 ? -0.2313 ? 0.8944 ? 0.1681 ? 0.7083 ? 0.0974 ? 0.0085  ? -0.1207 ? 0.0401 ? 0.0178  ? 0.1681 ? 0.1212  ? -0.9916 ? -0.8682 ? 0.6674 ? 0.5131 ? -0.4095 ? 0.8230  ? 0.0644 ? -0.4429 ? 
# 
loop_
_pdbx_refine_tls_group.id 
_pdbx_refine_tls_group.pdbx_refine_id 
_pdbx_refine_tls_group.refine_tls_id 
_pdbx_refine_tls_group.beg_label_asym_id 
_pdbx_refine_tls_group.beg_label_seq_id 
_pdbx_refine_tls_group.beg_auth_asym_id 
_pdbx_refine_tls_group.beg_auth_seq_id 
_pdbx_refine_tls_group.beg_PDB_ins_code 
_pdbx_refine_tls_group.end_label_asym_id 
_pdbx_refine_tls_group.end_label_seq_id 
_pdbx_refine_tls_group.end_auth_asym_id 
_pdbx_refine_tls_group.end_auth_seq_id 
_pdbx_refine_tls_group.end_PDB_ins_code 
_pdbx_refine_tls_group.selection 
_pdbx_refine_tls_group.selection_details 
1 'X-RAY DIFFRACTION' 1 ? ? ? ? ? ? ? ? ? ? ? '(chain A and resseq 57:114)' 
2 'X-RAY DIFFRACTION' 2 ? ? ? ? ? ? ? ? ? ? ? '(chain B and resseq 1:7)'    
# 
loop_
_software.citation_id 
_software.classification 
_software.compiler_name 
_software.compiler_version 
_software.contact_author 
_software.contact_author_email 
_software.date 
_software.description 
_software.dependencies 
_software.hardware 
_software.language 
_software.location 
_software.mods 
_software.name 
_software.os 
_software.os_version 
_software.type 
_software.version 
_software.pdbx_ordinal 
? 'data processing' ? ? ? ? ? ? ? ? ? ? ? XDS     ? ? ? .           1 
? 'data scaling'    ? ? ? ? ? ? ? ? ? ? ? Aimless ? ? ? .           2 
? phasing           ? ? ? ? ? ? ? ? ? ? ? PHASER  ? ? ? .           3 
? refinement        ? ? ? ? ? ? ? ? ? ? ? REFMAC  ? ? ? 5           4 
? refinement        ? ? ? ? ? ? ? ? ? ? ? PHENIX  ? ? ? 1.19.1-4122 5 
? 'model building'  ? ? ? ? ? ? ? ? ? ? ? Coot    ? ? ? .           6 
# 
_pdbx_entry_details.entry_id                 7M5U 
_pdbx_entry_details.has_ligand_of_interest   N 
_pdbx_entry_details.compound_details         ? 
_pdbx_entry_details.source_details           ? 
_pdbx_entry_details.nonpolymer_details       ? 
_pdbx_entry_details.sequence_details         ? 
# 
_pdbx_validate_close_contact.id               1 
_pdbx_validate_close_contact.PDB_model_num    1 
_pdbx_validate_close_contact.auth_atom_id_1   O 
_pdbx_validate_close_contact.auth_asym_id_1   A 
_pdbx_validate_close_contact.auth_comp_id_1   LYS 
_pdbx_validate_close_contact.auth_seq_id_1    81 
_pdbx_validate_close_contact.PDB_ins_code_1   ? 
_pdbx_validate_close_contact.label_alt_id_1   ? 
_pdbx_validate_close_contact.auth_atom_id_2   O 
_pdbx_validate_close_contact.auth_asym_id_2   A 
_pdbx_validate_close_contact.auth_comp_id_2   HOH 
_pdbx_validate_close_contact.auth_seq_id_2    201 
_pdbx_validate_close_contact.PDB_ins_code_2   ? 
_pdbx_validate_close_contact.label_alt_id_2   ? 
_pdbx_validate_close_contact.dist             2.17 
# 
_pdbx_validate_torsion.id              1 
_pdbx_validate_torsion.PDB_model_num   1 
_pdbx_validate_torsion.auth_comp_id    ASN 
_pdbx_validate_torsion.auth_asym_id    A 
_pdbx_validate_torsion.auth_seq_id     113 
_pdbx_validate_torsion.PDB_ins_code    ? 
_pdbx_validate_torsion.label_alt_id    ? 
_pdbx_validate_torsion.phi             -78.11 
_pdbx_validate_torsion.psi             47.49 
# 
loop_
_pdbx_unobs_or_zero_occ_residues.id 
_pdbx_unobs_or_zero_occ_residues.PDB_model_num 
_pdbx_unobs_or_zero_occ_residues.polymer_flag 
_pdbx_unobs_or_zero_occ_residues.occupancy_flag 
_pdbx_unobs_or_zero_occ_residues.auth_asym_id 
_pdbx_unobs_or_zero_occ_residues.auth_comp_id 
_pdbx_unobs_or_zero_occ_residues.auth_seq_id 
_pdbx_unobs_or_zero_occ_residues.PDB_ins_code 
_pdbx_unobs_or_zero_occ_residues.label_asym_id 
_pdbx_unobs_or_zero_occ_residues.label_comp_id 
_pdbx_unobs_or_zero_occ_residues.label_seq_id 
1 1 Y 1 A GLY 55  ? A GLY 1  
2 1 Y 1 A GLU 56  ? A GLU 2  
3 1 Y 1 A ALA 115 ? A ALA 61 
4 1 Y 1 A LYS 116 ? A LYS 62 
# 
loop_
_chem_comp_atom.comp_id 
_chem_comp_atom.atom_id 
_chem_comp_atom.type_symbol 
_chem_comp_atom.pdbx_aromatic_flag 
_chem_comp_atom.pdbx_stereo_config 
_chem_comp_atom.pdbx_ordinal 
5T3 N    N N N 1   
5T3 CA   C N S 2   
5T3 C    C N N 3   
5T3 O    O N N 4   
5T3 CB   C N N 5   
5T3 CG   C N N 6   
5T3 CD   C N N 7   
5T3 CE   C N N 8   
5T3 NZ   N N N 9   
5T3 CH1  C N N 10  
5T3 CH2  C N N 11  
5T3 CT1  C N N 12  
5T3 CT2  C N N 13  
5T3 CT3  C N N 14  
5T3 H2   H N N 15  
5T3 H    H N N 16  
5T3 HA   H N N 17  
5T3 HB2  H N N 18  
5T3 HB3  H N N 19  
5T3 HG2  H N N 20  
5T3 HG3  H N N 21  
5T3 HD2  H N N 22  
5T3 HD3  H N N 23  
5T3 HE2  H N N 24  
5T3 HE3  H N N 25  
5T3 H15  H N N 26  
5T3 H16  H N N 27  
5T3 H17  H N N 28  
5T3 H18  H N N 29  
5T3 H19  H N N 30  
5T3 H20  H N N 31  
5T3 H21  H N N 32  
5T3 H22  H N N 33  
5T3 H23  H N N 34  
5T3 H24  H N N 35  
5T3 H25  H N N 36  
5T3 H26  H N N 37  
5T3 OXT  O N N 38  
5T3 HXT  H N N 39  
ALA N    N N N 40  
ALA CA   C N S 41  
ALA C    C N N 42  
ALA O    O N N 43  
ALA CB   C N N 44  
ALA OXT  O N N 45  
ALA H    H N N 46  
ALA H2   H N N 47  
ALA HA   H N N 48  
ALA HB1  H N N 49  
ALA HB2  H N N 50  
ALA HB3  H N N 51  
ALA HXT  H N N 52  
ARG N    N N N 53  
ARG CA   C N S 54  
ARG C    C N N 55  
ARG O    O N N 56  
ARG CB   C N N 57  
ARG CG   C N N 58  
ARG CD   C N N 59  
ARG NE   N N N 60  
ARG CZ   C N N 61  
ARG NH1  N N N 62  
ARG NH2  N N N 63  
ARG OXT  O N N 64  
ARG H    H N N 65  
ARG H2   H N N 66  
ARG HA   H N N 67  
ARG HB2  H N N 68  
ARG HB3  H N N 69  
ARG HG2  H N N 70  
ARG HG3  H N N 71  
ARG HD2  H N N 72  
ARG HD3  H N N 73  
ARG HE   H N N 74  
ARG HH11 H N N 75  
ARG HH12 H N N 76  
ARG HH21 H N N 77  
ARG HH22 H N N 78  
ARG HXT  H N N 79  
ASN N    N N N 80  
ASN CA   C N S 81  
ASN C    C N N 82  
ASN O    O N N 83  
ASN CB   C N N 84  
ASN CG   C N N 85  
ASN OD1  O N N 86  
ASN ND2  N N N 87  
ASN OXT  O N N 88  
ASN H    H N N 89  
ASN H2   H N N 90  
ASN HA   H N N 91  
ASN HB2  H N N 92  
ASN HB3  H N N 93  
ASN HD21 H N N 94  
ASN HD22 H N N 95  
ASN HXT  H N N 96  
ASP N    N N N 97  
ASP CA   C N S 98  
ASP C    C N N 99  
ASP O    O N N 100 
ASP CB   C N N 101 
ASP CG   C N N 102 
ASP OD1  O N N 103 
ASP OD2  O N N 104 
ASP OXT  O N N 105 
ASP H    H N N 106 
ASP H2   H N N 107 
ASP HA   H N N 108 
ASP HB2  H N N 109 
ASP HB3  H N N 110 
ASP HD2  H N N 111 
ASP HXT  H N N 112 
CYS N    N N N 113 
CYS CA   C N R 114 
CYS C    C N N 115 
CYS O    O N N 116 
CYS CB   C N N 117 
CYS SG   S N N 118 
CYS OXT  O N N 119 
CYS H    H N N 120 
CYS H2   H N N 121 
CYS HA   H N N 122 
CYS HB2  H N N 123 
CYS HB3  H N N 124 
CYS HG   H N N 125 
CYS HXT  H N N 126 
GLU N    N N N 127 
GLU CA   C N S 128 
GLU C    C N N 129 
GLU O    O N N 130 
GLU CB   C N N 131 
GLU CG   C N N 132 
GLU CD   C N N 133 
GLU OE1  O N N 134 
GLU OE2  O N N 135 
GLU OXT  O N N 136 
GLU H    H N N 137 
GLU H2   H N N 138 
GLU HA   H N N 139 
GLU HB2  H N N 140 
GLU HB3  H N N 141 
GLU HG2  H N N 142 
GLU HG3  H N N 143 
GLU HE2  H N N 144 
GLU HXT  H N N 145 
GLY N    N N N 146 
GLY CA   C N N 147 
GLY C    C N N 148 
GLY O    O N N 149 
GLY OXT  O N N 150 
GLY H    H N N 151 
GLY H2   H N N 152 
GLY HA2  H N N 153 
GLY HA3  H N N 154 
GLY HXT  H N N 155 
HIS N    N N N 156 
HIS CA   C N S 157 
HIS C    C N N 158 
HIS O    O N N 159 
HIS CB   C N N 160 
HIS CG   C Y N 161 
HIS ND1  N Y N 162 
HIS CD2  C Y N 163 
HIS CE1  C Y N 164 
HIS NE2  N Y N 165 
HIS OXT  O N N 166 
HIS H    H N N 167 
HIS H2   H N N 168 
HIS HA   H N N 169 
HIS HB2  H N N 170 
HIS HB3  H N N 171 
HIS HD1  H N N 172 
HIS HD2  H N N 173 
HIS HE1  H N N 174 
HIS HE2  H N N 175 
HIS HXT  H N N 176 
HOH O    O N N 177 
HOH H1   H N N 178 
HOH H2   H N N 179 
ILE N    N N N 180 
ILE CA   C N S 181 
ILE C    C N N 182 
ILE O    O N N 183 
ILE CB   C N S 184 
ILE CG1  C N N 185 
ILE CG2  C N N 186 
ILE CD1  C N N 187 
ILE OXT  O N N 188 
ILE H    H N N 189 
ILE H2   H N N 190 
ILE HA   H N N 191 
ILE HB   H N N 192 
ILE HG12 H N N 193 
ILE HG13 H N N 194 
ILE HG21 H N N 195 
ILE HG22 H N N 196 
ILE HG23 H N N 197 
ILE HD11 H N N 198 
ILE HD12 H N N 199 
ILE HD13 H N N 200 
ILE HXT  H N N 201 
LEU N    N N N 202 
LEU CA   C N S 203 
LEU C    C N N 204 
LEU O    O N N 205 
LEU CB   C N N 206 
LEU CG   C N N 207 
LEU CD1  C N N 208 
LEU CD2  C N N 209 
LEU OXT  O N N 210 
LEU H    H N N 211 
LEU H2   H N N 212 
LEU HA   H N N 213 
LEU HB2  H N N 214 
LEU HB3  H N N 215 
LEU HG   H N N 216 
LEU HD11 H N N 217 
LEU HD12 H N N 218 
LEU HD13 H N N 219 
LEU HD21 H N N 220 
LEU HD22 H N N 221 
LEU HD23 H N N 222 
LEU HXT  H N N 223 
LYS N    N N N 224 
LYS CA   C N S 225 
LYS C    C N N 226 
LYS O    O N N 227 
LYS CB   C N N 228 
LYS CG   C N N 229 
LYS CD   C N N 230 
LYS CE   C N N 231 
LYS NZ   N N N 232 
LYS OXT  O N N 233 
LYS H    H N N 234 
LYS H2   H N N 235 
LYS HA   H N N 236 
LYS HB2  H N N 237 
LYS HB3  H N N 238 
LYS HG2  H N N 239 
LYS HG3  H N N 240 
LYS HD2  H N N 241 
LYS HD3  H N N 242 
LYS HE2  H N N 243 
LYS HE3  H N N 244 
LYS HZ1  H N N 245 
LYS HZ2  H N N 246 
LYS HZ3  H N N 247 
LYS HXT  H N N 248 
MET N    N N N 249 
MET CA   C N S 250 
MET C    C N N 251 
MET O    O N N 252 
MET CB   C N N 253 
MET CG   C N N 254 
MET SD   S N N 255 
MET CE   C N N 256 
MET OXT  O N N 257 
MET H    H N N 258 
MET H2   H N N 259 
MET HA   H N N 260 
MET HB2  H N N 261 
MET HB3  H N N 262 
MET HG2  H N N 263 
MET HG3  H N N 264 
MET HE1  H N N 265 
MET HE2  H N N 266 
MET HE3  H N N 267 
MET HXT  H N N 268 
MN1 N    N N N 269 
MN1 C2   C N N 270 
MN1 C3   C N N 271 
MN1 C4   C N N 272 
MN1 C    C N N 273 
MN1 O    O N N 274 
MN1 OXT  O N N 275 
MN1 C5   C N N 276 
MN1 C6   C N N 277 
MN1 H    H N N 278 
MN1 H21  H N N 279 
MN1 H22  H N N 280 
MN1 H31  H N N 281 
MN1 H32  H N N 282 
MN1 H4   H N N 283 
MN1 HXT  H N N 284 
MN1 H51  H N N 285 
MN1 H52  H N N 286 
MN1 H61  H N N 287 
MN1 H62  H N N 288 
MOH C    C N N 289 
MOH O    O N N 290 
MOH H1   H N N 291 
MOH H2   H N N 292 
MOH H3   H N N 293 
MOH HO   H N N 294 
PHE N    N N N 295 
PHE CA   C N S 296 
PHE C    C N N 297 
PHE O    O N N 298 
PHE CB   C N N 299 
PHE CG   C Y N 300 
PHE CD1  C Y N 301 
PHE CD2  C Y N 302 
PHE CE1  C Y N 303 
PHE CE2  C Y N 304 
PHE CZ   C Y N 305 
PHE OXT  O N N 306 
PHE H    H N N 307 
PHE H2   H N N 308 
PHE HA   H N N 309 
PHE HB2  H N N 310 
PHE HB3  H N N 311 
PHE HD1  H N N 312 
PHE HD2  H N N 313 
PHE HE1  H N N 314 
PHE HE2  H N N 315 
PHE HZ   H N N 316 
PHE HXT  H N N 317 
PRO N    N N N 318 
PRO CA   C N S 319 
PRO C    C N N 320 
PRO O    O N N 321 
PRO CB   C N N 322 
PRO CG   C N N 323 
PRO CD   C N N 324 
PRO OXT  O N N 325 
PRO H    H N N 326 
PRO HA   H N N 327 
PRO HB2  H N N 328 
PRO HB3  H N N 329 
PRO HG2  H N N 330 
PRO HG3  H N N 331 
PRO HD2  H N N 332 
PRO HD3  H N N 333 
PRO HXT  H N N 334 
SER N    N N N 335 
SER CA   C N S 336 
SER C    C N N 337 
SER O    O N N 338 
SER CB   C N N 339 
SER OG   O N N 340 
SER OXT  O N N 341 
SER H    H N N 342 
SER H2   H N N 343 
SER HA   H N N 344 
SER HB2  H N N 345 
SER HB3  H N N 346 
SER HG   H N N 347 
SER HXT  H N N 348 
THR N    N N N 349 
THR CA   C N S 350 
THR C    C N N 351 
THR O    O N N 352 
THR CB   C N R 353 
THR OG1  O N N 354 
THR CG2  C N N 355 
THR OXT  O N N 356 
THR H    H N N 357 
THR H2   H N N 358 
THR HA   H N N 359 
THR HB   H N N 360 
THR HG1  H N N 361 
THR HG21 H N N 362 
THR HG22 H N N 363 
THR HG23 H N N 364 
THR HXT  H N N 365 
TRP N    N N N 366 
TRP CA   C N S 367 
TRP C    C N N 368 
TRP O    O N N 369 
TRP CB   C N N 370 
TRP CG   C Y N 371 
TRP CD1  C Y N 372 
TRP CD2  C Y N 373 
TRP NE1  N Y N 374 
TRP CE2  C Y N 375 
TRP CE3  C Y N 376 
TRP CZ2  C Y N 377 
TRP CZ3  C Y N 378 
TRP CH2  C Y N 379 
TRP OXT  O N N 380 
TRP H    H N N 381 
TRP H2   H N N 382 
TRP HA   H N N 383 
TRP HB2  H N N 384 
TRP HB3  H N N 385 
TRP HD1  H N N 386 
TRP HE1  H N N 387 
TRP HE3  H N N 388 
TRP HZ2  H N N 389 
TRP HZ3  H N N 390 
TRP HH2  H N N 391 
TRP HXT  H N N 392 
TYR N    N N N 393 
TYR CA   C N S 394 
TYR C    C N N 395 
TYR O    O N N 396 
TYR CB   C N N 397 
TYR CG   C Y N 398 
TYR CD1  C Y N 399 
TYR CD2  C Y N 400 
TYR CE1  C Y N 401 
TYR CE2  C Y N 402 
TYR CZ   C Y N 403 
TYR OH   O N N 404 
TYR OXT  O N N 405 
TYR H    H N N 406 
TYR H2   H N N 407 
TYR HA   H N N 408 
TYR HB2  H N N 409 
TYR HB3  H N N 410 
TYR HD1  H N N 411 
TYR HD2  H N N 412 
TYR HE1  H N N 413 
TYR HE2  H N N 414 
TYR HH   H N N 415 
TYR HXT  H N N 416 
VAL N    N N N 417 
VAL CA   C N S 418 
VAL C    C N N 419 
VAL O    O N N 420 
VAL CB   C N N 421 
VAL CG1  C N N 422 
VAL CG2  C N N 423 
VAL OXT  O N N 424 
VAL H    H N N 425 
VAL H2   H N N 426 
VAL HA   H N N 427 
VAL HB   H N N 428 
VAL HG11 H N N 429 
VAL HG12 H N N 430 
VAL HG13 H N N 431 
VAL HG21 H N N 432 
VAL HG22 H N N 433 
VAL HG23 H N N 434 
VAL HXT  H N N 435 
# 
loop_
_chem_comp_bond.comp_id 
_chem_comp_bond.atom_id_1 
_chem_comp_bond.atom_id_2 
_chem_comp_bond.value_order 
_chem_comp_bond.pdbx_aromatic_flag 
_chem_comp_bond.pdbx_stereo_config 
_chem_comp_bond.pdbx_ordinal 
5T3 N   CA   sing N N 1   
5T3 CA  CB   sing N N 2   
5T3 CA  C    sing N N 3   
5T3 CG  CB   sing N N 4   
5T3 CG  CD   sing N N 5   
5T3 CH2 NZ   sing N N 6   
5T3 CH2 CT2  sing N N 7   
5T3 CD  CE   sing N N 8   
5T3 C   O    doub N N 9   
5T3 CE  NZ   sing N N 10  
5T3 NZ  CH1  sing N N 11  
5T3 CH1 CT3  sing N N 12  
5T3 CH1 CT1  sing N N 13  
5T3 N   H2   sing N N 14  
5T3 N   H    sing N N 15  
5T3 CA  HA   sing N N 16  
5T3 CB  HB2  sing N N 17  
5T3 CB  HB3  sing N N 18  
5T3 CG  HG2  sing N N 19  
5T3 CG  HG3  sing N N 20  
5T3 CD  HD2  sing N N 21  
5T3 CD  HD3  sing N N 22  
5T3 CE  HE2  sing N N 23  
5T3 CE  HE3  sing N N 24  
5T3 CH1 H15  sing N N 25  
5T3 CH2 H16  sing N N 26  
5T3 CH2 H17  sing N N 27  
5T3 CT1 H18  sing N N 28  
5T3 CT1 H19  sing N N 29  
5T3 CT1 H20  sing N N 30  
5T3 CT2 H21  sing N N 31  
5T3 CT2 H22  sing N N 32  
5T3 CT2 H23  sing N N 33  
5T3 CT3 H24  sing N N 34  
5T3 CT3 H25  sing N N 35  
5T3 CT3 H26  sing N N 36  
5T3 C   OXT  sing N N 37  
5T3 OXT HXT  sing N N 38  
ALA N   CA   sing N N 39  
ALA N   H    sing N N 40  
ALA N   H2   sing N N 41  
ALA CA  C    sing N N 42  
ALA CA  CB   sing N N 43  
ALA CA  HA   sing N N 44  
ALA C   O    doub N N 45  
ALA C   OXT  sing N N 46  
ALA CB  HB1  sing N N 47  
ALA CB  HB2  sing N N 48  
ALA CB  HB3  sing N N 49  
ALA OXT HXT  sing N N 50  
ARG N   CA   sing N N 51  
ARG N   H    sing N N 52  
ARG N   H2   sing N N 53  
ARG CA  C    sing N N 54  
ARG CA  CB   sing N N 55  
ARG CA  HA   sing N N 56  
ARG C   O    doub N N 57  
ARG C   OXT  sing N N 58  
ARG CB  CG   sing N N 59  
ARG CB  HB2  sing N N 60  
ARG CB  HB3  sing N N 61  
ARG CG  CD   sing N N 62  
ARG CG  HG2  sing N N 63  
ARG CG  HG3  sing N N 64  
ARG CD  NE   sing N N 65  
ARG CD  HD2  sing N N 66  
ARG CD  HD3  sing N N 67  
ARG NE  CZ   sing N N 68  
ARG NE  HE   sing N N 69  
ARG CZ  NH1  sing N N 70  
ARG CZ  NH2  doub N N 71  
ARG NH1 HH11 sing N N 72  
ARG NH1 HH12 sing N N 73  
ARG NH2 HH21 sing N N 74  
ARG NH2 HH22 sing N N 75  
ARG OXT HXT  sing N N 76  
ASN N   CA   sing N N 77  
ASN N   H    sing N N 78  
ASN N   H2   sing N N 79  
ASN CA  C    sing N N 80  
ASN CA  CB   sing N N 81  
ASN CA  HA   sing N N 82  
ASN C   O    doub N N 83  
ASN C   OXT  sing N N 84  
ASN CB  CG   sing N N 85  
ASN CB  HB2  sing N N 86  
ASN CB  HB3  sing N N 87  
ASN CG  OD1  doub N N 88  
ASN CG  ND2  sing N N 89  
ASN ND2 HD21 sing N N 90  
ASN ND2 HD22 sing N N 91  
ASN OXT HXT  sing N N 92  
ASP N   CA   sing N N 93  
ASP N   H    sing N N 94  
ASP N   H2   sing N N 95  
ASP CA  C    sing N N 96  
ASP CA  CB   sing N N 97  
ASP CA  HA   sing N N 98  
ASP C   O    doub N N 99  
ASP C   OXT  sing N N 100 
ASP CB  CG   sing N N 101 
ASP CB  HB2  sing N N 102 
ASP CB  HB3  sing N N 103 
ASP CG  OD1  doub N N 104 
ASP CG  OD2  sing N N 105 
ASP OD2 HD2  sing N N 106 
ASP OXT HXT  sing N N 107 
CYS N   CA   sing N N 108 
CYS N   H    sing N N 109 
CYS N   H2   sing N N 110 
CYS CA  C    sing N N 111 
CYS CA  CB   sing N N 112 
CYS CA  HA   sing N N 113 
CYS C   O    doub N N 114 
CYS C   OXT  sing N N 115 
CYS CB  SG   sing N N 116 
CYS CB  HB2  sing N N 117 
CYS CB  HB3  sing N N 118 
CYS SG  HG   sing N N 119 
CYS OXT HXT  sing N N 120 
GLU N   CA   sing N N 121 
GLU N   H    sing N N 122 
GLU N   H2   sing N N 123 
GLU CA  C    sing N N 124 
GLU CA  CB   sing N N 125 
GLU CA  HA   sing N N 126 
GLU C   O    doub N N 127 
GLU C   OXT  sing N N 128 
GLU CB  CG   sing N N 129 
GLU CB  HB2  sing N N 130 
GLU CB  HB3  sing N N 131 
GLU CG  CD   sing N N 132 
GLU CG  HG2  sing N N 133 
GLU CG  HG3  sing N N 134 
GLU CD  OE1  doub N N 135 
GLU CD  OE2  sing N N 136 
GLU OE2 HE2  sing N N 137 
GLU OXT HXT  sing N N 138 
GLY N   CA   sing N N 139 
GLY N   H    sing N N 140 
GLY N   H2   sing N N 141 
GLY CA  C    sing N N 142 
GLY CA  HA2  sing N N 143 
GLY CA  HA3  sing N N 144 
GLY C   O    doub N N 145 
GLY C   OXT  sing N N 146 
GLY OXT HXT  sing N N 147 
HIS N   CA   sing N N 148 
HIS N   H    sing N N 149 
HIS N   H2   sing N N 150 
HIS CA  C    sing N N 151 
HIS CA  CB   sing N N 152 
HIS CA  HA   sing N N 153 
HIS C   O    doub N N 154 
HIS C   OXT  sing N N 155 
HIS CB  CG   sing N N 156 
HIS CB  HB2  sing N N 157 
HIS CB  HB3  sing N N 158 
HIS CG  ND1  sing Y N 159 
HIS CG  CD2  doub Y N 160 
HIS ND1 CE1  doub Y N 161 
HIS ND1 HD1  sing N N 162 
HIS CD2 NE2  sing Y N 163 
HIS CD2 HD2  sing N N 164 
HIS CE1 NE2  sing Y N 165 
HIS CE1 HE1  sing N N 166 
HIS NE2 HE2  sing N N 167 
HIS OXT HXT  sing N N 168 
HOH O   H1   sing N N 169 
HOH O   H2   sing N N 170 
ILE N   CA   sing N N 171 
ILE N   H    sing N N 172 
ILE N   H2   sing N N 173 
ILE CA  C    sing N N 174 
ILE CA  CB   sing N N 175 
ILE CA  HA   sing N N 176 
ILE C   O    doub N N 177 
ILE C   OXT  sing N N 178 
ILE CB  CG1  sing N N 179 
ILE CB  CG2  sing N N 180 
ILE CB  HB   sing N N 181 
ILE CG1 CD1  sing N N 182 
ILE CG1 HG12 sing N N 183 
ILE CG1 HG13 sing N N 184 
ILE CG2 HG21 sing N N 185 
ILE CG2 HG22 sing N N 186 
ILE CG2 HG23 sing N N 187 
ILE CD1 HD11 sing N N 188 
ILE CD1 HD12 sing N N 189 
ILE CD1 HD13 sing N N 190 
ILE OXT HXT  sing N N 191 
LEU N   CA   sing N N 192 
LEU N   H    sing N N 193 
LEU N   H2   sing N N 194 
LEU CA  C    sing N N 195 
LEU CA  CB   sing N N 196 
LEU CA  HA   sing N N 197 
LEU C   O    doub N N 198 
LEU C   OXT  sing N N 199 
LEU CB  CG   sing N N 200 
LEU CB  HB2  sing N N 201 
LEU CB  HB3  sing N N 202 
LEU CG  CD1  sing N N 203 
LEU CG  CD2  sing N N 204 
LEU CG  HG   sing N N 205 
LEU CD1 HD11 sing N N 206 
LEU CD1 HD12 sing N N 207 
LEU CD1 HD13 sing N N 208 
LEU CD2 HD21 sing N N 209 
LEU CD2 HD22 sing N N 210 
LEU CD2 HD23 sing N N 211 
LEU OXT HXT  sing N N 212 
LYS N   CA   sing N N 213 
LYS N   H    sing N N 214 
LYS N   H2   sing N N 215 
LYS CA  C    sing N N 216 
LYS CA  CB   sing N N 217 
LYS CA  HA   sing N N 218 
LYS C   O    doub N N 219 
LYS C   OXT  sing N N 220 
LYS CB  CG   sing N N 221 
LYS CB  HB2  sing N N 222 
LYS CB  HB3  sing N N 223 
LYS CG  CD   sing N N 224 
LYS CG  HG2  sing N N 225 
LYS CG  HG3  sing N N 226 
LYS CD  CE   sing N N 227 
LYS CD  HD2  sing N N 228 
LYS CD  HD3  sing N N 229 
LYS CE  NZ   sing N N 230 
LYS CE  HE2  sing N N 231 
LYS CE  HE3  sing N N 232 
LYS NZ  HZ1  sing N N 233 
LYS NZ  HZ2  sing N N 234 
LYS NZ  HZ3  sing N N 235 
LYS OXT HXT  sing N N 236 
MET N   CA   sing N N 237 
MET N   H    sing N N 238 
MET N   H2   sing N N 239 
MET CA  C    sing N N 240 
MET CA  CB   sing N N 241 
MET CA  HA   sing N N 242 
MET C   O    doub N N 243 
MET C   OXT  sing N N 244 
MET CB  CG   sing N N 245 
MET CB  HB2  sing N N 246 
MET CB  HB3  sing N N 247 
MET CG  SD   sing N N 248 
MET CG  HG2  sing N N 249 
MET CG  HG3  sing N N 250 
MET SD  CE   sing N N 251 
MET CE  HE1  sing N N 252 
MET CE  HE2  sing N N 253 
MET CE  HE3  sing N N 254 
MET OXT HXT  sing N N 255 
MN1 N   C2   sing N N 256 
MN1 N   C6   sing N N 257 
MN1 N   H    sing N N 258 
MN1 C2  C3   sing N N 259 
MN1 C2  H21  sing N N 260 
MN1 C2  H22  sing N N 261 
MN1 C3  C4   sing N N 262 
MN1 C3  H31  sing N N 263 
MN1 C3  H32  sing N N 264 
MN1 C4  C    sing N N 265 
MN1 C4  C5   sing N N 266 
MN1 C4  H4   sing N N 267 
MN1 C   O    doub N N 268 
MN1 C   OXT  sing N N 269 
MN1 OXT HXT  sing N N 270 
MN1 C5  C6   sing N N 271 
MN1 C5  H51  sing N N 272 
MN1 C5  H52  sing N N 273 
MN1 C6  H61  sing N N 274 
MN1 C6  H62  sing N N 275 
MOH C   O    sing N N 276 
MOH C   H1   sing N N 277 
MOH C   H2   sing N N 278 
MOH C   H3   sing N N 279 
MOH O   HO   sing N N 280 
PHE N   CA   sing N N 281 
PHE N   H    sing N N 282 
PHE N   H2   sing N N 283 
PHE CA  C    sing N N 284 
PHE CA  CB   sing N N 285 
PHE CA  HA   sing N N 286 
PHE C   O    doub N N 287 
PHE C   OXT  sing N N 288 
PHE CB  CG   sing N N 289 
PHE CB  HB2  sing N N 290 
PHE CB  HB3  sing N N 291 
PHE CG  CD1  doub Y N 292 
PHE CG  CD2  sing Y N 293 
PHE CD1 CE1  sing Y N 294 
PHE CD1 HD1  sing N N 295 
PHE CD2 CE2  doub Y N 296 
PHE CD2 HD2  sing N N 297 
PHE CE1 CZ   doub Y N 298 
PHE CE1 HE1  sing N N 299 
PHE CE2 CZ   sing Y N 300 
PHE CE2 HE2  sing N N 301 
PHE CZ  HZ   sing N N 302 
PHE OXT HXT  sing N N 303 
PRO N   CA   sing N N 304 
PRO N   CD   sing N N 305 
PRO N   H    sing N N 306 
PRO CA  C    sing N N 307 
PRO CA  CB   sing N N 308 
PRO CA  HA   sing N N 309 
PRO C   O    doub N N 310 
PRO C   OXT  sing N N 311 
PRO CB  CG   sing N N 312 
PRO CB  HB2  sing N N 313 
PRO CB  HB3  sing N N 314 
PRO CG  CD   sing N N 315 
PRO CG  HG2  sing N N 316 
PRO CG  HG3  sing N N 317 
PRO CD  HD2  sing N N 318 
PRO CD  HD3  sing N N 319 
PRO OXT HXT  sing N N 320 
SER N   CA   sing N N 321 
SER N   H    sing N N 322 
SER N   H2   sing N N 323 
SER CA  C    sing N N 324 
SER CA  CB   sing N N 325 
SER CA  HA   sing N N 326 
SER C   O    doub N N 327 
SER C   OXT  sing N N 328 
SER CB  OG   sing N N 329 
SER CB  HB2  sing N N 330 
SER CB  HB3  sing N N 331 
SER OG  HG   sing N N 332 
SER OXT HXT  sing N N 333 
THR N   CA   sing N N 334 
THR N   H    sing N N 335 
THR N   H2   sing N N 336 
THR CA  C    sing N N 337 
THR CA  CB   sing N N 338 
THR CA  HA   sing N N 339 
THR C   O    doub N N 340 
THR C   OXT  sing N N 341 
THR CB  OG1  sing N N 342 
THR CB  CG2  sing N N 343 
THR CB  HB   sing N N 344 
THR OG1 HG1  sing N N 345 
THR CG2 HG21 sing N N 346 
THR CG2 HG22 sing N N 347 
THR CG2 HG23 sing N N 348 
THR OXT HXT  sing N N 349 
TRP N   CA   sing N N 350 
TRP N   H    sing N N 351 
TRP N   H2   sing N N 352 
TRP CA  C    sing N N 353 
TRP CA  CB   sing N N 354 
TRP CA  HA   sing N N 355 
TRP C   O    doub N N 356 
TRP C   OXT  sing N N 357 
TRP CB  CG   sing N N 358 
TRP CB  HB2  sing N N 359 
TRP CB  HB3  sing N N 360 
TRP CG  CD1  doub Y N 361 
TRP CG  CD2  sing Y N 362 
TRP CD1 NE1  sing Y N 363 
TRP CD1 HD1  sing N N 364 
TRP CD2 CE2  doub Y N 365 
TRP CD2 CE3  sing Y N 366 
TRP NE1 CE2  sing Y N 367 
TRP NE1 HE1  sing N N 368 
TRP CE2 CZ2  sing Y N 369 
TRP CE3 CZ3  doub Y N 370 
TRP CE3 HE3  sing N N 371 
TRP CZ2 CH2  doub Y N 372 
TRP CZ2 HZ2  sing N N 373 
TRP CZ3 CH2  sing Y N 374 
TRP CZ3 HZ3  sing N N 375 
TRP CH2 HH2  sing N N 376 
TRP OXT HXT  sing N N 377 
TYR N   CA   sing N N 378 
TYR N   H    sing N N 379 
TYR N   H2   sing N N 380 
TYR CA  C    sing N N 381 
TYR CA  CB   sing N N 382 
TYR CA  HA   sing N N 383 
TYR C   O    doub N N 384 
TYR C   OXT  sing N N 385 
TYR CB  CG   sing N N 386 
TYR CB  HB2  sing N N 387 
TYR CB  HB3  sing N N 388 
TYR CG  CD1  doub Y N 389 
TYR CG  CD2  sing Y N 390 
TYR CD1 CE1  sing Y N 391 
TYR CD1 HD1  sing N N 392 
TYR CD2 CE2  doub Y N 393 
TYR CD2 HD2  sing N N 394 
TYR CE1 CZ   doub Y N 395 
TYR CE1 HE1  sing N N 396 
TYR CE2 CZ   sing Y N 397 
TYR CE2 HE2  sing N N 398 
TYR CZ  OH   sing N N 399 
TYR OH  HH   sing N N 400 
TYR OXT HXT  sing N N 401 
VAL N   CA   sing N N 402 
VAL N   H    sing N N 403 
VAL N   H2   sing N N 404 
VAL CA  C    sing N N 405 
VAL CA  CB   sing N N 406 
VAL CA  HA   sing N N 407 
VAL C   O    doub N N 408 
VAL C   OXT  sing N N 409 
VAL CB  CG1  sing N N 410 
VAL CB  CG2  sing N N 411 
VAL CB  HB   sing N N 412 
VAL CG1 HG11 sing N N 413 
VAL CG1 HG12 sing N N 414 
VAL CG1 HG13 sing N N 415 
VAL CG2 HG21 sing N N 416 
VAL CG2 HG22 sing N N 417 
VAL CG2 HG23 sing N N 418 
VAL OXT HXT  sing N N 419 
# 
loop_
_pdbx_audit_support.funding_organization 
_pdbx_audit_support.country 
_pdbx_audit_support.grant_number 
_pdbx_audit_support.ordinal 
'National Institutes of Health/National Institute on Drug Abuse (NIH/NIDA)'                'United States' R61DA047023 1 
'National Institutes of Health/National Institute of General Medical Sciences (NIH/NIGMS)' 'United States' R35GM133498 2 
# 
_pdbx_entity_nonpoly.entity_id   3 
_pdbx_entity_nonpoly.name        water 
_pdbx_entity_nonpoly.comp_id     HOH 
# 
_pdbx_initial_refinement_model.id               1 
_pdbx_initial_refinement_model.entity_id_list   ? 
_pdbx_initial_refinement_model.type             'experimental model' 
_pdbx_initial_refinement_model.source_name      PDB 
_pdbx_initial_refinement_model.accession_code   3LWE 
_pdbx_initial_refinement_model.details          ? 
# 
_pdbx_struct_assembly_auth_evidence.id                     1 
_pdbx_struct_assembly_auth_evidence.assembly_id            1 
_pdbx_struct_assembly_auth_evidence.experimental_support   'isothermal titration calorimetry' 
_pdbx_struct_assembly_auth_evidence.details                ? 
# 
